data_2NPF
#
_entry.id   2NPF
#
_cell.length_a   59.970
_cell.length_b   159.120
_cell.length_c   112.140
_cell.angle_alpha   90.00
_cell.angle_beta   97.83
_cell.angle_gamma   90.00
#
_symmetry.space_group_name_H-M   'P 1 21 1'
#
loop_
_entity.id
_entity.type
_entity.pdbx_description
1 polymer 'Elongation factor 2'
2 non-polymer '(1S,4R,5R,9S,11S)-2-({[(2S,5R,6R,7R,9S,10R)-2-(7-CARBOXYHEPTYL)-6-HYDROXY-10-METHOXY-9-METHYL-3-OXO-1,4,8-TRIOXASPIRO[4 .5]DEC-7-YL]OXY}METHYL)-9-FORMYL-13-ISOPROPYL-5-METHYLTETRACYCLO[7.4.0.02,11.04.8]TRIDEC-12-ENE-1-CARBOXYLIC ACID'
3 non-polymer "GUANOSINE-5'-DIPHOSPHATE"
#
_entity_poly.entity_id   1
_entity_poly.type   'polypeptide(L)'
_entity_poly.pdbx_seq_one_letter_code
;MVAFTVDQMRSLMDKVTNVRNMSVIAHVDHGKSTLTDSLVQRAGIISAAKAGEARFTDTRKDEQERGITIKSTAISLYSE
MSDEDVKEIKQKTDGNSFLINLIDSPGHVDFSSEVTAALRVTDGALVVVDTIEGVCVQTETVLRQALGERIKPVVVINKV
DRALLELQVSKEDLYQTFARTVESVNVIVSTYADEVLGDVQVYPARGTVAFGSGLHGWAFTIRQFATRYAKKFGVDKAKM
MDRLWGDSFFNPKTKKWTNKDTDAEGKPLERAFNMFILDPIFRLFTAIMNFKKDEIPVLLEKLEIVLKGDEKDLEGKALL
KVVMRKFLPAADALLEMIVLHLPSPVTAQAYRAEQLYEGPADDANCIAIKNCDPKADLMLYVSKMVPTSDKGRFYAFGRV
FAGTVKSGQKVRIQGPNYVPGKKDDLFIKAIQRVVLMMGRFVEPIDDCPAGNIIGLVGIDQFLLKTGTLTTSETAHNMKV
MKFSVSPVVQVAVEVKNANDLPKLVEGLKRLSKSDPCVLTYMSESGEHIVAGTGELHLEICLQDLEHDHAGVPLKISPPV
VAYRETVESESSQTALSKSPNKHNRIYLKAEPIDEEVSLAIENGIINPRDDFKARARIMADDYGWDVTDARKIWCFGPDG
NGPNLVIDQTKAVQYLHEIKDSVVAAFQWATKEGPIFGEEMRSVRVNILDVTLHADAIHRGGGQIIPTMRRATYAGFLLA
DPKIQEPVFLVEIQCPEQAVGGIYSVLNKKRGQVVSEEQRPGTPLFTVKAYLPVNESFGFTGELRQATGGQAFPQMVFDH
WSTLGSDPLDPTSKAGEIVLAARKRHGMKEEVPGWQEYYDKL
;
_entity_poly.pdbx_strand_id   A,B
#
# COMPACT_ATOMS: atom_id res chain seq x y z
N ALA A 3 -53.59 34.45 -23.24
CA ALA A 3 -54.61 34.44 -22.13
C ALA A 3 -55.97 33.83 -22.54
N PHE A 4 -56.44 32.85 -21.78
CA PHE A 4 -57.72 32.21 -22.10
C PHE A 4 -58.67 32.12 -20.91
N THR A 5 -59.89 31.69 -21.21
CA THR A 5 -60.92 31.54 -20.20
C THR A 5 -61.01 30.06 -19.95
N VAL A 6 -61.58 29.67 -18.82
CA VAL A 6 -61.73 28.26 -18.51
C VAL A 6 -62.45 27.53 -19.64
N ASP A 7 -63.36 28.22 -20.31
CA ASP A 7 -64.09 27.62 -21.42
C ASP A 7 -63.13 27.39 -22.56
N GLN A 8 -62.42 28.44 -22.93
CA GLN A 8 -61.46 28.37 -24.01
C GLN A 8 -60.53 27.20 -23.78
N MET A 9 -60.00 27.10 -22.55
CA MET A 9 -59.10 26.02 -22.19
C MET A 9 -59.76 24.67 -22.38
N ARG A 10 -60.95 24.51 -21.80
CA ARG A 10 -61.63 23.23 -21.89
C ARG A 10 -61.79 22.78 -23.32
N SER A 11 -62.01 23.76 -24.19
CA SER A 11 -62.18 23.47 -25.61
C SER A 11 -60.90 22.88 -26.16
N LEU A 12 -59.77 23.50 -25.84
CA LEU A 12 -58.48 23.00 -26.33
C LEU A 12 -58.30 21.56 -25.91
N MET A 13 -58.84 21.23 -24.74
CA MET A 13 -58.72 19.90 -24.18
C MET A 13 -59.54 18.82 -24.85
N ASP A 14 -60.60 19.20 -25.54
CA ASP A 14 -61.43 18.22 -26.24
C ASP A 14 -60.70 17.66 -27.44
N LYS A 15 -59.88 18.49 -28.08
CA LYS A 15 -59.14 18.06 -29.24
C LYS A 15 -57.77 17.52 -28.83
N VAL A 16 -57.74 16.31 -28.27
CA VAL A 16 -56.48 15.74 -27.83
C VAL A 16 -55.56 15.35 -28.98
N THR A 17 -56.05 15.40 -30.20
CA THR A 17 -55.16 15.07 -31.29
C THR A 17 -54.28 16.27 -31.42
N ASN A 18 -54.77 17.39 -30.92
CA ASN A 18 -54.03 18.64 -31.00
C ASN A 18 -53.42 19.05 -29.67
N VAL A 19 -53.00 18.04 -28.91
CA VAL A 19 -52.38 18.28 -27.64
C VAL A 19 -51.00 17.69 -27.74
N ARG A 20 -50.04 18.30 -27.06
CA ARG A 20 -48.67 17.80 -27.05
C ARG A 20 -48.18 17.82 -25.62
N ASN A 21 -47.86 16.64 -25.09
CA ASN A 21 -47.35 16.53 -23.74
C ASN A 21 -45.85 16.25 -23.85
N MET A 22 -45.04 17.21 -23.42
CA MET A 22 -43.60 17.04 -23.50
C MET A 22 -42.85 17.74 -22.38
N SER A 23 -41.52 17.73 -22.49
CA SER A 23 -40.65 18.35 -21.52
C SER A 23 -39.31 18.61 -22.20
N VAL A 24 -38.54 19.54 -21.66
CA VAL A 24 -37.24 19.84 -22.21
C VAL A 24 -36.20 19.02 -21.46
N ILE A 25 -35.44 18.22 -22.19
CA ILE A 25 -34.41 17.37 -21.62
C ILE A 25 -33.08 18.04 -21.92
N ALA A 26 -32.24 18.22 -20.91
CA ALA A 26 -30.97 18.86 -21.17
C ALA A 26 -29.98 18.67 -20.05
N HIS A 27 -28.70 18.78 -20.39
CA HIS A 27 -27.63 18.68 -19.42
C HIS A 27 -27.68 20.01 -18.68
N VAL A 28 -26.92 20.14 -17.60
CA VAL A 28 -26.89 21.38 -16.83
C VAL A 28 -26.24 22.47 -17.66
N ASP A 29 -26.77 23.67 -17.50
CA ASP A 29 -26.27 24.84 -18.21
C ASP A 29 -26.33 24.86 -19.72
N HIS A 30 -26.90 23.83 -20.34
CA HIS A 30 -27.00 23.83 -21.79
C HIS A 30 -28.08 24.79 -22.30
N GLY A 31 -28.84 25.39 -21.40
CA GLY A 31 -29.84 26.36 -21.82
C GLY A 31 -31.32 26.05 -21.65
N LYS A 32 -31.63 24.94 -21.01
CA LYS A 32 -33.02 24.52 -20.79
C LYS A 32 -33.94 25.62 -20.20
N SER A 33 -33.46 26.29 -19.15
CA SER A 33 -34.24 27.33 -18.50
C SER A 33 -34.55 28.49 -19.44
N THR A 34 -33.53 28.98 -20.15
CA THR A 34 -33.72 30.11 -21.05
C THR A 34 -34.60 29.73 -22.25
N LEU A 35 -34.44 28.50 -22.76
CA LEU A 35 -35.27 28.08 -23.89
C LEU A 35 -36.74 28.02 -23.50
N THR A 36 -37.03 27.44 -22.33
CA THR A 36 -38.42 27.35 -21.93
C THR A 36 -39.01 28.72 -21.69
N ASP A 37 -38.22 29.68 -21.22
CA ASP A 37 -38.77 31.02 -20.97
C ASP A 37 -39.06 31.65 -22.31
N SER A 38 -38.21 31.34 -23.27
CA SER A 38 -38.37 31.85 -24.63
C SER A 38 -39.74 31.38 -25.11
N LEU A 39 -40.02 30.09 -24.90
CA LEU A 39 -41.30 29.51 -25.27
C LEU A 39 -42.44 30.15 -24.49
N VAL A 40 -42.26 30.32 -23.19
CA VAL A 40 -43.33 30.91 -22.39
C VAL A 40 -43.64 32.34 -22.83
N GLN A 41 -42.62 33.11 -23.13
CA GLN A 41 -42.84 34.48 -23.56
C GLN A 41 -43.71 34.60 -24.81
N ARG A 42 -43.54 33.71 -25.79
CA ARG A 42 -44.39 33.81 -26.97
C ARG A 42 -45.68 33.02 -26.87
N ALA A 43 -45.61 31.80 -26.36
CA ALA A 43 -46.79 30.95 -26.29
C ALA A 43 -47.44 30.70 -24.95
N GLY A 44 -46.78 31.08 -23.86
CA GLY A 44 -47.35 30.85 -22.53
C GLY A 44 -48.81 31.23 -22.42
N ILE A 45 -49.59 30.46 -21.67
CA ILE A 45 -51.02 30.74 -21.48
C ILE A 45 -51.38 31.18 -20.05
N ILE A 46 -52.35 32.10 -19.90
CA ILE A 46 -52.81 32.52 -18.56
C ILE A 46 -54.34 32.43 -18.45
N SER A 47 -54.86 32.64 -17.25
CA SER A 47 -56.30 32.64 -17.03
C SER A 47 -56.67 34.11 -17.10
N ALA A 48 -57.91 34.41 -17.46
CA ALA A 48 -58.33 35.81 -17.57
C ALA A 48 -59.39 36.16 -16.53
N GLY A 67 -55.51 33.65 -1.79
CA GLY A 67 -55.04 33.32 -3.13
C GLY A 67 -54.13 32.09 -3.09
N ILE A 68 -54.54 31.04 -3.81
CA ILE A 68 -53.76 29.81 -3.83
C ILE A 68 -52.63 29.81 -4.85
N THR A 69 -51.42 29.54 -4.38
CA THR A 69 -50.27 29.47 -5.25
C THR A 69 -49.68 28.09 -5.04
N ILE A 70 -49.03 27.56 -6.07
CA ILE A 70 -48.46 26.23 -5.99
C ILE A 70 -47.08 26.20 -6.63
N LYS A 71 -46.30 25.19 -6.29
CA LYS A 71 -44.98 25.02 -6.86
C LYS A 71 -45.15 24.57 -8.31
N SER A 72 -44.81 25.48 -9.24
CA SER A 72 -44.91 25.24 -10.68
C SER A 72 -44.37 23.86 -10.99
N THR A 73 -45.17 23.10 -11.74
CA THR A 73 -44.86 21.72 -12.13
C THR A 73 -44.97 21.61 -13.65
N ALA A 74 -45.82 22.45 -14.24
CA ALA A 74 -46.01 22.45 -15.68
C ALA A 74 -46.64 23.73 -16.18
N ILE A 75 -46.44 23.99 -17.49
CA ILE A 75 -46.99 25.18 -18.13
C ILE A 75 -47.78 24.82 -19.40
N SER A 76 -48.75 25.66 -19.73
CA SER A 76 -49.53 25.47 -20.95
C SER A 76 -49.06 26.46 -22.03
N LEU A 77 -48.83 25.94 -23.22
CA LEU A 77 -48.40 26.74 -24.36
C LEU A 77 -49.43 26.60 -25.47
N TYR A 78 -49.74 27.73 -26.12
CA TYR A 78 -50.70 27.73 -27.22
C TYR A 78 -50.02 28.10 -28.52
N SER A 79 -50.27 27.32 -29.55
CA SER A 79 -49.66 27.60 -30.85
C SER A 79 -50.58 27.27 -32.02
N GLU A 80 -50.80 28.24 -32.91
CA GLU A 80 -51.62 27.98 -34.09
C GLU A 80 -50.78 27.90 -35.35
N MET A 81 -50.94 26.80 -36.09
CA MET A 81 -50.22 26.57 -37.34
C MET A 81 -51.09 26.90 -38.56
N SER A 82 -50.45 27.00 -39.73
CA SER A 82 -51.13 27.32 -41.00
C SER A 82 -51.85 26.09 -41.58
N ASP A 83 -52.96 26.32 -42.29
CA ASP A 83 -53.72 25.22 -42.89
C ASP A 83 -52.78 24.30 -43.67
N GLU A 84 -51.76 24.90 -44.24
CA GLU A 84 -50.79 24.15 -45.03
C GLU A 84 -49.94 23.27 -44.14
N ASP A 85 -49.13 23.91 -43.29
CA ASP A 85 -48.26 23.16 -42.38
C ASP A 85 -49.03 22.09 -41.62
N VAL A 86 -50.28 22.39 -41.28
CA VAL A 86 -51.11 21.43 -40.57
C VAL A 86 -51.26 20.15 -41.38
N LYS A 87 -50.91 20.20 -42.66
CA LYS A 87 -51.01 19.04 -43.51
C LYS A 87 -49.69 18.29 -43.51
N GLU A 88 -48.65 18.96 -42.99
CA GLU A 88 -47.34 18.37 -42.90
C GLU A 88 -47.32 17.36 -41.75
N ILE A 89 -48.31 17.48 -40.85
CA ILE A 89 -48.44 16.62 -39.68
C ILE A 89 -48.88 15.21 -39.98
N LYS A 90 -47.95 14.27 -39.98
CA LYS A 90 -48.28 12.90 -40.28
C LYS A 90 -49.02 12.20 -39.13
N GLN A 91 -50.10 12.81 -38.68
CA GLN A 91 -50.89 12.20 -37.61
C GLN A 91 -52.25 12.91 -37.47
N LYS A 92 -53.26 12.14 -37.11
CA LYS A 92 -54.62 12.65 -36.94
C LYS A 92 -54.61 14.03 -36.29
N THR A 93 -55.17 15.01 -37.00
CA THR A 93 -55.24 16.40 -36.56
C THR A 93 -56.68 16.95 -36.69
N ASP A 94 -57.01 18.00 -35.94
CA ASP A 94 -58.35 18.61 -36.02
C ASP A 94 -58.29 20.07 -35.67
N GLY A 95 -58.00 20.89 -36.67
CA GLY A 95 -57.93 22.32 -36.45
C GLY A 95 -56.53 22.84 -36.65
N ASN A 96 -56.34 24.11 -36.37
CA ASN A 96 -55.02 24.73 -36.51
C ASN A 96 -54.42 25.07 -35.16
N SER A 97 -55.19 24.88 -34.08
CA SER A 97 -54.71 25.18 -32.75
C SER A 97 -54.15 23.98 -32.04
N PHE A 98 -53.18 24.25 -31.17
CA PHE A 98 -52.52 23.20 -30.43
C PHE A 98 -52.27 23.64 -29.00
N LEU A 99 -52.46 22.71 -28.08
CA LEU A 99 -52.24 22.93 -26.67
C LEU A 99 -51.03 22.07 -26.35
N ILE A 100 -49.96 22.72 -25.93
CA ILE A 100 -48.73 22.02 -25.59
C ILE A 100 -48.55 22.12 -24.09
N ASN A 101 -48.18 21.02 -23.46
CA ASN A 101 -47.96 21.03 -22.02
C ASN A 101 -46.49 20.78 -21.79
N LEU A 102 -45.80 21.80 -21.27
CA LEU A 102 -44.39 21.67 -20.98
C LEU A 102 -44.23 21.21 -19.55
N ILE A 103 -44.07 19.91 -19.35
CA ILE A 103 -43.89 19.37 -18.02
C ILE A 103 -42.49 19.72 -17.60
N ASP A 104 -42.28 19.84 -16.29
CA ASP A 104 -41.00 20.23 -15.73
C ASP A 104 -40.43 19.23 -14.72
N SER A 105 -39.24 18.66 -15.02
CA SER A 105 -38.59 17.64 -14.14
C SER A 105 -37.08 17.86 -13.85
N PRO A 106 -36.71 19.02 -13.29
CA PRO A 106 -35.30 19.34 -12.99
C PRO A 106 -34.58 18.86 -11.72
N GLY A 107 -35.21 18.15 -10.78
CA GLY A 107 -34.48 17.73 -9.59
C GLY A 107 -33.70 16.41 -9.68
N HIS A 108 -32.53 16.38 -9.05
CA HIS A 108 -31.66 15.21 -9.00
C HIS A 108 -31.69 14.31 -10.24
N VAL A 109 -30.90 14.69 -11.25
CA VAL A 109 -30.75 13.98 -12.53
C VAL A 109 -30.49 12.47 -12.39
N ASP A 110 -29.68 12.12 -11.39
CA ASP A 110 -29.33 10.73 -11.09
C ASP A 110 -30.55 9.91 -10.72
N PHE A 111 -31.26 10.32 -9.67
CA PHE A 111 -32.47 9.66 -9.24
C PHE A 111 -33.31 9.34 -10.46
N SER A 112 -33.08 8.16 -11.04
CA SER A 112 -33.81 7.70 -12.21
C SER A 112 -35.29 7.51 -11.93
N SER A 113 -35.60 6.96 -10.75
CA SER A 113 -36.97 6.70 -10.32
C SER A 113 -37.74 8.00 -10.35
N GLU A 114 -37.31 8.94 -9.52
CA GLU A 114 -37.95 10.24 -9.43
C GLU A 114 -38.21 10.85 -10.82
N VAL A 115 -37.18 10.78 -11.67
CA VAL A 115 -37.23 11.32 -13.02
C VAL A 115 -38.18 10.56 -13.90
N THR A 116 -37.88 9.29 -14.13
CA THR A 116 -38.72 8.45 -14.96
C THR A 116 -40.23 8.61 -14.71
N ALA A 117 -40.62 8.62 -13.45
CA ALA A 117 -42.03 8.76 -13.09
C ALA A 117 -42.56 10.04 -13.69
N ALA A 118 -41.77 11.09 -13.59
CA ALA A 118 -42.17 12.37 -14.11
C ALA A 118 -42.19 12.39 -15.63
N LEU A 119 -41.20 11.78 -16.26
CA LEU A 119 -41.13 11.76 -17.72
C LEU A 119 -42.25 10.91 -18.30
N ARG A 120 -42.73 9.99 -17.47
CA ARG A 120 -43.79 9.07 -17.85
C ARG A 120 -45.08 9.75 -18.32
N VAL A 121 -45.37 10.98 -17.86
CA VAL A 121 -46.60 11.62 -18.30
C VAL A 121 -46.42 12.42 -19.58
N THR A 122 -45.24 12.35 -20.18
CA THR A 122 -44.99 13.08 -21.43
C THR A 122 -44.85 12.08 -22.55
N ASP A 123 -45.05 12.51 -23.79
CA ASP A 123 -44.92 11.62 -24.95
C ASP A 123 -43.75 12.07 -25.80
N GLY A 124 -43.33 13.31 -25.61
CA GLY A 124 -42.23 13.80 -26.44
C GLY A 124 -41.25 14.63 -25.66
N ALA A 125 -40.03 14.73 -26.18
CA ALA A 125 -39.01 15.52 -25.53
C ALA A 125 -38.24 16.41 -26.49
N LEU A 126 -37.92 17.61 -26.02
CA LEU A 126 -37.12 18.54 -26.79
C LEU A 126 -35.72 18.41 -26.19
N VAL A 127 -34.88 17.58 -26.81
CA VAL A 127 -33.52 17.38 -26.31
C VAL A 127 -32.60 18.53 -26.68
N VAL A 128 -32.05 19.19 -25.67
CA VAL A 128 -31.14 20.31 -25.90
C VAL A 128 -29.67 19.90 -25.83
N VAL A 129 -28.86 20.41 -26.75
CA VAL A 129 -27.44 20.07 -26.79
C VAL A 129 -26.59 21.30 -27.14
N ASP A 130 -25.53 21.54 -26.37
CA ASP A 130 -24.64 22.67 -26.62
C ASP A 130 -23.83 22.45 -27.89
N THR A 131 -23.60 23.52 -28.64
CA THR A 131 -22.84 23.43 -29.89
C THR A 131 -21.40 23.02 -29.61
N ILE A 132 -20.76 23.73 -28.68
CA ILE A 132 -19.36 23.48 -28.31
C ILE A 132 -19.15 22.13 -27.64
N GLU A 133 -19.73 21.95 -26.46
CA GLU A 133 -19.57 20.72 -25.69
C GLU A 133 -20.36 19.52 -26.21
N GLY A 134 -21.15 19.74 -27.25
CA GLY A 134 -21.95 18.69 -27.85
C GLY A 134 -22.60 17.69 -26.92
N VAL A 135 -22.79 16.47 -27.41
CA VAL A 135 -23.40 15.42 -26.61
C VAL A 135 -22.41 15.00 -25.57
N CYS A 136 -22.84 15.02 -24.31
CA CYS A 136 -21.96 14.61 -23.22
C CYS A 136 -22.67 13.58 -22.36
N VAL A 137 -22.13 13.33 -21.17
CA VAL A 137 -22.67 12.33 -20.26
C VAL A 137 -24.06 12.58 -19.70
N GLN A 138 -24.21 13.66 -18.95
CA GLN A 138 -25.52 13.97 -18.36
C GLN A 138 -26.58 13.97 -19.45
N THR A 139 -26.19 14.39 -20.65
CA THR A 139 -27.10 14.47 -21.79
C THR A 139 -27.71 13.13 -22.18
N GLU A 140 -26.86 12.21 -22.60
CA GLU A 140 -27.33 10.91 -23.02
C GLU A 140 -27.95 10.08 -21.90
N THR A 141 -27.72 10.47 -20.65
CA THR A 141 -28.31 9.71 -19.56
C THR A 141 -29.81 10.01 -19.48
N VAL A 142 -30.20 11.24 -19.74
CA VAL A 142 -31.60 11.62 -19.69
C VAL A 142 -32.30 11.22 -20.98
N LEU A 143 -31.55 11.28 -22.08
CA LEU A 143 -32.08 10.90 -23.38
C LEU A 143 -32.39 9.41 -23.39
N ARG A 144 -31.53 8.63 -22.73
CA ARG A 144 -31.73 7.18 -22.65
C ARG A 144 -32.89 6.89 -21.72
N GLN A 145 -33.06 7.74 -20.71
CA GLN A 145 -34.16 7.54 -19.79
C GLN A 145 -35.47 7.73 -20.54
N ALA A 146 -35.53 8.80 -21.32
CA ALA A 146 -36.73 9.11 -22.09
C ALA A 146 -37.08 7.94 -23.01
N LEU A 147 -36.15 7.55 -23.88
CA LEU A 147 -36.38 6.45 -24.78
C LEU A 147 -36.98 5.32 -23.96
N GLY A 148 -36.45 5.17 -22.75
CA GLY A 148 -36.93 4.15 -21.84
C GLY A 148 -38.44 4.15 -21.70
N GLU A 149 -39.04 5.34 -21.63
CA GLU A 149 -40.49 5.45 -21.50
C GLU A 149 -41.19 5.60 -22.86
N ARG A 150 -40.49 5.21 -23.92
CA ARG A 150 -41.04 5.27 -25.27
C ARG A 150 -41.42 6.68 -25.69
N ILE A 151 -40.54 7.64 -25.39
CA ILE A 151 -40.78 9.04 -25.73
C ILE A 151 -39.99 9.40 -26.98
N LYS A 152 -40.62 10.15 -27.89
CA LYS A 152 -39.95 10.56 -29.11
C LYS A 152 -39.23 11.87 -28.88
N PRO A 153 -37.99 11.97 -29.38
CA PRO A 153 -37.20 13.19 -29.22
C PRO A 153 -37.08 14.05 -30.47
N VAL A 154 -36.65 15.29 -30.27
CA VAL A 154 -36.37 16.27 -31.31
C VAL A 154 -35.21 17.02 -30.68
N VAL A 155 -34.27 17.48 -31.49
CA VAL A 155 -33.11 18.15 -30.94
C VAL A 155 -32.97 19.62 -31.26
N VAL A 156 -32.23 20.33 -30.42
CA VAL A 156 -31.95 21.74 -30.64
C VAL A 156 -30.53 21.99 -30.21
N ILE A 157 -29.64 22.19 -31.19
CA ILE A 157 -28.25 22.49 -30.90
C ILE A 157 -28.29 23.98 -30.54
N ASN A 158 -28.08 24.26 -29.27
CA ASN A 158 -28.16 25.61 -28.73
C ASN A 158 -26.80 26.25 -28.47
N LYS A 159 -26.82 27.54 -28.14
CA LYS A 159 -25.61 28.30 -27.89
C LYS A 159 -24.76 28.33 -29.15
N VAL A 160 -25.41 28.52 -30.28
CA VAL A 160 -24.72 28.57 -31.55
C VAL A 160 -23.98 29.91 -31.63
N ASP A 161 -24.51 30.91 -30.94
CA ASP A 161 -23.89 32.22 -30.91
C ASP A 161 -22.49 32.10 -30.32
N ARG A 162 -22.38 31.26 -29.30
CA ARG A 162 -21.11 31.03 -28.64
C ARG A 162 -20.06 30.67 -29.70
N ALA A 163 -20.35 29.63 -30.47
CA ALA A 163 -19.46 29.13 -31.51
C ALA A 163 -18.98 30.20 -32.47
N LEU A 164 -19.86 31.13 -32.82
CA LEU A 164 -19.49 32.20 -33.74
C LEU A 164 -18.70 33.27 -33.01
N LEU A 165 -19.42 34.11 -32.28
CA LEU A 165 -18.81 35.20 -31.52
C LEU A 165 -17.49 34.85 -30.81
N GLU A 166 -17.39 33.65 -30.29
CA GLU A 166 -16.16 33.28 -29.58
C GLU A 166 -15.19 32.53 -30.49
N LEU A 167 -15.43 31.25 -30.74
CA LEU A 167 -14.53 30.46 -31.55
C LEU A 167 -14.19 30.95 -32.96
N GLN A 168 -14.91 31.94 -33.47
CA GLN A 168 -14.63 32.40 -34.83
C GLN A 168 -14.66 31.16 -35.74
N VAL A 169 -15.76 30.42 -35.67
CA VAL A 169 -15.92 29.21 -36.45
C VAL A 169 -16.18 29.55 -37.90
N SER A 170 -15.82 28.64 -38.81
CA SER A 170 -16.08 28.89 -40.23
C SER A 170 -17.33 28.08 -40.58
N LYS A 171 -18.00 28.46 -41.66
CA LYS A 171 -19.21 27.77 -42.09
C LYS A 171 -19.05 26.26 -42.18
N GLU A 172 -18.11 25.78 -42.97
CA GLU A 172 -17.94 24.33 -43.09
C GLU A 172 -17.55 23.69 -41.76
N ASP A 173 -16.93 24.45 -40.88
CA ASP A 173 -16.53 23.94 -39.57
C ASP A 173 -17.78 23.66 -38.76
N LEU A 174 -18.58 24.69 -38.57
CA LEU A 174 -19.83 24.60 -37.83
C LEU A 174 -20.67 23.42 -38.32
N TYR A 175 -20.92 23.36 -39.62
CA TYR A 175 -21.69 22.29 -40.20
C TYR A 175 -21.14 20.95 -39.70
N GLN A 176 -19.83 20.84 -39.66
CA GLN A 176 -19.20 19.61 -39.20
C GLN A 176 -19.53 19.31 -37.75
N THR A 177 -19.45 20.32 -36.89
CA THR A 177 -19.76 20.15 -35.47
C THR A 177 -21.20 19.64 -35.34
N PHE A 178 -22.12 20.25 -36.11
CA PHE A 178 -23.51 19.85 -36.07
C PHE A 178 -23.65 18.41 -36.49
N ALA A 179 -23.10 18.08 -37.66
CA ALA A 179 -23.19 16.72 -38.15
C ALA A 179 -22.71 15.76 -37.07
N ARG A 180 -21.58 16.08 -36.45
CA ARG A 180 -21.04 15.23 -35.39
C ARG A 180 -22.07 15.01 -34.29
N THR A 181 -22.57 16.10 -33.71
CA THR A 181 -23.57 16.04 -32.65
C THR A 181 -24.80 15.24 -33.07
N VAL A 182 -25.36 15.56 -34.23
CA VAL A 182 -26.53 14.85 -34.73
C VAL A 182 -26.24 13.36 -34.81
N GLU A 183 -25.06 13.01 -35.27
CA GLU A 183 -24.67 11.62 -35.39
C GLU A 183 -24.62 10.94 -34.02
N SER A 184 -23.94 11.59 -33.07
CA SER A 184 -23.81 11.04 -31.73
C SER A 184 -25.17 10.70 -31.13
N VAL A 185 -26.11 11.63 -31.26
CA VAL A 185 -27.45 11.43 -30.74
C VAL A 185 -28.04 10.16 -31.32
N ASN A 186 -28.14 10.10 -32.63
CA ASN A 186 -28.71 8.94 -33.31
C ASN A 186 -28.10 7.62 -32.85
N VAL A 187 -26.85 7.64 -32.42
CA VAL A 187 -26.22 6.41 -31.94
C VAL A 187 -27.01 6.01 -30.70
N ILE A 188 -27.14 6.94 -29.77
CA ILE A 188 -27.88 6.70 -28.54
C ILE A 188 -29.27 6.17 -28.87
N VAL A 189 -29.93 6.84 -29.80
CA VAL A 189 -31.29 6.47 -30.19
C VAL A 189 -31.48 5.06 -30.76
N SER A 190 -30.86 4.77 -31.90
CA SER A 190 -31.02 3.44 -32.51
C SER A 190 -30.53 2.33 -31.60
N THR A 191 -29.43 2.59 -30.89
CA THR A 191 -28.86 1.61 -30.00
C THR A 191 -29.78 1.27 -28.83
N TYR A 192 -30.68 2.19 -28.50
CA TYR A 192 -31.58 1.95 -27.36
C TYR A 192 -33.10 2.00 -27.57
N ALA A 193 -33.56 2.80 -28.52
CA ALA A 193 -34.98 2.91 -28.78
C ALA A 193 -35.61 1.58 -29.20
N ASP A 194 -36.86 1.35 -28.79
CA ASP A 194 -37.58 0.12 -29.14
C ASP A 194 -37.84 0.07 -30.64
N GLU A 195 -37.91 -1.15 -31.16
CA GLU A 195 -38.16 -1.36 -32.59
C GLU A 195 -39.66 -1.20 -32.83
N VAL A 196 -40.42 -1.22 -31.74
CA VAL A 196 -41.87 -1.12 -31.79
C VAL A 196 -42.34 0.28 -32.17
N LEU A 197 -41.40 1.20 -32.31
CA LEU A 197 -41.72 2.57 -32.65
C LEU A 197 -41.29 2.96 -34.06
N GLY A 198 -40.31 2.22 -34.59
CA GLY A 198 -39.81 2.51 -35.91
C GLY A 198 -38.63 3.46 -35.77
N ASP A 199 -37.82 3.58 -36.80
CA ASP A 199 -36.67 4.49 -36.74
C ASP A 199 -37.08 5.84 -36.19
N VAL A 200 -36.73 6.08 -34.93
CA VAL A 200 -37.09 7.34 -34.30
C VAL A 200 -35.91 8.33 -34.26
N GLN A 201 -34.87 8.04 -35.05
CA GLN A 201 -33.71 8.90 -35.12
C GLN A 201 -34.09 10.27 -35.62
N VAL A 202 -33.22 11.25 -35.37
CA VAL A 202 -33.46 12.61 -35.78
C VAL A 202 -32.73 12.97 -37.07
N TYR A 203 -33.38 13.73 -37.93
CA TYR A 203 -32.84 14.13 -39.24
C TYR A 203 -32.95 15.63 -39.51
N PRO A 204 -31.81 16.33 -39.62
CA PRO A 204 -31.91 17.76 -39.88
C PRO A 204 -32.79 18.08 -41.09
N ALA A 205 -32.62 17.29 -42.15
CA ALA A 205 -33.39 17.47 -43.38
C ALA A 205 -34.88 17.36 -43.15
N ARG A 206 -35.28 16.33 -42.40
CA ARG A 206 -36.70 16.10 -42.11
C ARG A 206 -37.29 17.13 -41.13
N GLY A 207 -36.47 18.09 -40.69
CA GLY A 207 -36.93 19.12 -39.77
C GLY A 207 -37.05 18.75 -38.30
N THR A 208 -36.31 17.74 -37.87
CA THR A 208 -36.37 17.34 -36.47
C THR A 208 -35.15 17.74 -35.65
N VAL A 209 -34.35 18.65 -36.17
CA VAL A 209 -33.18 19.19 -35.48
C VAL A 209 -33.20 20.69 -35.68
N ALA A 210 -33.07 21.45 -34.60
CA ALA A 210 -33.06 22.90 -34.72
C ALA A 210 -31.70 23.41 -34.29
N PHE A 211 -31.38 24.62 -34.73
CA PHE A 211 -30.11 25.25 -34.43
C PHE A 211 -30.39 26.69 -34.03
N GLY A 212 -29.72 27.17 -32.99
CA GLY A 212 -29.94 28.54 -32.59
C GLY A 212 -29.32 28.88 -31.24
N SER A 213 -29.69 30.06 -30.74
CA SER A 213 -29.20 30.54 -29.47
C SER A 213 -30.40 30.92 -28.60
N GLY A 214 -30.65 30.13 -27.57
CA GLY A 214 -31.76 30.45 -26.70
C GLY A 214 -31.63 31.84 -26.12
N LEU A 215 -30.41 32.19 -25.71
CA LEU A 215 -30.17 33.48 -25.10
C LEU A 215 -30.49 34.66 -26.01
N HIS A 216 -29.97 34.64 -27.23
CA HIS A 216 -30.23 35.75 -28.14
C HIS A 216 -31.63 35.79 -28.75
N GLY A 217 -32.39 34.71 -28.58
CA GLY A 217 -33.74 34.65 -29.08
C GLY A 217 -33.93 34.29 -30.54
N TRP A 218 -33.14 33.36 -31.06
CA TRP A 218 -33.28 32.96 -32.45
C TRP A 218 -32.85 31.53 -32.66
N ALA A 219 -33.50 30.87 -33.61
CA ALA A 219 -33.19 29.50 -33.95
C ALA A 219 -33.87 29.20 -35.27
N PHE A 220 -33.51 28.08 -35.88
CA PHE A 220 -34.12 27.74 -37.14
C PHE A 220 -34.08 26.24 -37.39
N THR A 221 -34.84 25.81 -38.40
CA THR A 221 -34.88 24.42 -38.84
C THR A 221 -34.67 24.48 -40.35
N ILE A 222 -34.17 23.39 -40.92
CA ILE A 222 -33.95 23.32 -42.37
C ILE A 222 -35.27 23.64 -43.05
N ARG A 223 -36.34 23.04 -42.53
CA ARG A 223 -37.67 23.23 -43.07
C ARG A 223 -38.06 24.68 -43.21
N GLN A 224 -37.80 25.49 -42.19
CA GLN A 224 -38.18 26.89 -42.27
C GLN A 224 -37.61 27.54 -43.51
N PHE A 225 -36.30 27.33 -43.72
CA PHE A 225 -35.61 27.91 -44.87
C PHE A 225 -36.13 27.31 -46.18
N ALA A 226 -36.14 25.99 -46.26
CA ALA A 226 -36.61 25.27 -47.44
C ALA A 226 -38.00 25.71 -47.84
N THR A 227 -38.85 25.95 -46.85
CA THR A 227 -40.21 26.36 -47.12
C THR A 227 -40.25 27.76 -47.69
N ARG A 228 -39.45 28.66 -47.11
CA ARG A 228 -39.41 30.04 -47.59
C ARG A 228 -38.90 30.00 -49.03
N TYR A 229 -37.70 29.45 -49.22
CA TYR A 229 -37.09 29.34 -50.55
C TYR A 229 -37.92 28.40 -51.44
N ALA A 230 -39.11 28.02 -50.98
CA ALA A 230 -39.95 27.12 -51.76
C ALA A 230 -41.12 27.83 -52.43
N LYS A 231 -41.38 29.07 -52.02
CA LYS A 231 -42.46 29.83 -52.62
C LYS A 231 -41.88 31.04 -53.33
N LYS A 232 -40.69 31.47 -52.88
CA LYS A 232 -40.01 32.61 -53.49
C LYS A 232 -39.85 32.28 -54.97
N PHE A 233 -39.66 31.00 -55.26
CA PHE A 233 -39.54 30.51 -56.63
C PHE A 233 -40.06 29.08 -56.71
N GLY A 234 -41.36 28.96 -56.97
CA GLY A 234 -42.02 27.65 -57.06
C GLY A 234 -41.13 26.45 -57.31
N VAL A 235 -40.85 25.70 -56.26
CA VAL A 235 -40.01 24.51 -56.30
C VAL A 235 -40.46 23.71 -55.10
N ASP A 236 -40.61 22.39 -55.22
CA ASP A 236 -41.09 21.62 -54.07
C ASP A 236 -40.11 21.60 -52.89
N LYS A 237 -40.66 21.71 -51.68
CA LYS A 237 -39.86 21.76 -50.47
C LYS A 237 -39.24 20.43 -50.08
N ALA A 238 -40.03 19.36 -50.08
CA ALA A 238 -39.51 18.04 -49.73
C ALA A 238 -38.12 17.89 -50.34
N LYS A 239 -38.06 17.97 -51.67
CA LYS A 239 -36.80 17.85 -52.40
C LYS A 239 -35.76 18.86 -51.91
N MET A 240 -36.15 20.11 -51.83
CA MET A 240 -35.26 21.19 -51.40
C MET A 240 -34.61 20.99 -50.05
N MET A 241 -35.39 20.62 -49.05
CA MET A 241 -34.78 20.46 -47.74
C MET A 241 -33.79 19.31 -47.65
N ASP A 242 -33.91 18.33 -48.54
CA ASP A 242 -32.97 17.22 -48.54
C ASP A 242 -31.62 17.70 -49.00
N ARG A 243 -31.64 18.73 -49.85
CA ARG A 243 -30.42 19.30 -50.38
C ARG A 243 -29.74 20.24 -49.39
N LEU A 244 -30.55 21.03 -48.69
CA LEU A 244 -30.05 21.99 -47.72
C LEU A 244 -29.27 21.37 -46.57
N TRP A 245 -28.98 20.08 -46.69
CA TRP A 245 -28.23 19.37 -45.66
C TRP A 245 -27.49 18.17 -46.24
N GLY A 246 -26.30 17.92 -45.70
CA GLY A 246 -25.50 16.80 -46.16
C GLY A 246 -24.59 17.11 -47.34
N ASP A 247 -24.32 16.09 -48.15
CA ASP A 247 -23.46 16.27 -49.30
C ASP A 247 -24.21 16.59 -50.58
N SER A 248 -24.79 17.78 -50.63
CA SER A 248 -25.50 18.25 -51.80
C SER A 248 -24.89 19.61 -51.99
N PHE A 249 -24.52 19.93 -53.22
CA PHE A 249 -23.89 21.21 -53.50
C PHE A 249 -24.58 21.87 -54.67
N PHE A 250 -24.41 23.19 -54.78
CA PHE A 250 -25.00 23.93 -55.88
C PHE A 250 -23.95 24.77 -56.57
N ASN A 251 -23.51 24.32 -57.73
CA ASN A 251 -22.49 25.06 -58.47
C ASN A 251 -23.14 26.30 -59.05
N PRO A 252 -22.70 27.49 -58.61
CA PRO A 252 -23.24 28.77 -59.09
C PRO A 252 -23.10 28.86 -60.61
N LYS A 253 -21.92 28.47 -61.11
CA LYS A 253 -21.61 28.50 -62.53
C LYS A 253 -22.51 27.56 -63.35
N THR A 254 -22.41 26.27 -63.10
CA THR A 254 -23.21 25.29 -63.82
C THR A 254 -24.70 25.44 -63.56
N LYS A 255 -25.06 26.12 -62.47
CA LYS A 255 -26.46 26.32 -62.13
C LYS A 255 -27.15 24.98 -61.93
N LYS A 256 -26.40 24.00 -61.43
CA LYS A 256 -26.96 22.67 -61.21
C LYS A 256 -26.55 22.06 -59.88
N TRP A 257 -27.34 21.11 -59.41
CA TRP A 257 -27.08 20.44 -58.14
C TRP A 257 -26.22 19.20 -58.31
N THR A 258 -25.19 19.09 -57.47
CA THR A 258 -24.27 17.97 -57.51
C THR A 258 -24.13 17.29 -56.13
N ASN A 259 -23.65 16.06 -56.16
CA ASN A 259 -23.44 15.30 -54.93
C ASN A 259 -21.95 15.07 -54.75
N LYS A 260 -21.14 15.98 -55.31
CA LYS A 260 -19.69 15.89 -55.24
C LYS A 260 -19.05 17.13 -54.62
N ASP A 261 -18.23 16.92 -53.60
CA ASP A 261 -17.55 18.03 -52.93
C ASP A 261 -16.46 18.64 -53.81
N THR A 262 -16.58 18.38 -55.12
CA THR A 262 -15.65 18.88 -56.14
C THR A 262 -16.35 18.87 -57.50
N ASP A 263 -16.10 19.89 -58.31
CA ASP A 263 -16.69 20.01 -59.64
C ASP A 263 -15.92 19.20 -60.70
N ALA A 264 -16.32 19.33 -61.97
CA ALA A 264 -15.67 18.63 -63.08
C ALA A 264 -14.16 18.92 -63.11
N GLU A 265 -13.80 20.17 -62.89
CA GLU A 265 -12.39 20.58 -62.85
C GLU A 265 -11.78 20.22 -61.51
N GLY A 266 -12.56 19.48 -60.71
CA GLY A 266 -12.11 19.06 -59.39
C GLY A 266 -12.14 20.17 -58.36
N LYS A 267 -12.36 21.40 -58.83
CA LYS A 267 -12.42 22.58 -57.97
C LYS A 267 -13.53 22.51 -56.89
N PRO A 268 -13.23 23.00 -55.67
CA PRO A 268 -14.13 23.02 -54.51
C PRO A 268 -15.50 23.70 -54.70
N LEU A 269 -16.53 23.05 -54.19
CA LEU A 269 -17.88 23.58 -54.27
C LEU A 269 -18.42 23.70 -52.84
N GLU A 270 -19.21 24.75 -52.57
CA GLU A 270 -19.75 24.92 -51.22
C GLU A 270 -21.06 24.16 -50.99
N ARG A 271 -21.14 23.55 -49.82
CA ARG A 271 -22.29 22.76 -49.39
C ARG A 271 -23.58 23.60 -49.35
N ALA A 272 -24.71 23.00 -49.73
CA ALA A 272 -25.98 23.71 -49.73
C ALA A 272 -26.27 24.39 -48.38
N PHE A 273 -26.07 23.65 -47.29
CA PHE A 273 -26.29 24.15 -45.93
C PHE A 273 -25.52 25.42 -45.67
N ASN A 274 -24.21 25.41 -45.97
CA ASN A 274 -23.34 26.57 -45.75
C ASN A 274 -23.66 27.69 -46.73
N MET A 275 -24.05 27.33 -47.94
CA MET A 275 -24.33 28.31 -48.97
C MET A 275 -25.56 29.17 -48.72
N PHE A 276 -26.70 28.50 -48.51
CA PHE A 276 -27.96 29.21 -48.32
C PHE A 276 -28.42 29.50 -46.91
N ILE A 277 -27.93 28.75 -45.92
CA ILE A 277 -28.33 28.99 -44.54
C ILE A 277 -27.25 29.67 -43.71
N LEU A 278 -26.14 28.97 -43.48
CA LEU A 278 -25.06 29.53 -42.68
C LEU A 278 -24.55 30.86 -43.17
N ASP A 279 -24.28 30.97 -44.47
CA ASP A 279 -23.74 32.21 -45.03
C ASP A 279 -24.55 33.45 -44.65
N PRO A 280 -25.86 33.45 -44.92
CA PRO A 280 -26.64 34.64 -44.56
C PRO A 280 -26.39 35.00 -43.08
N ILE A 281 -26.38 33.99 -42.21
CA ILE A 281 -26.14 34.23 -40.79
C ILE A 281 -24.77 34.81 -40.54
N PHE A 282 -23.71 34.14 -41.02
CA PHE A 282 -22.34 34.60 -40.83
C PHE A 282 -22.13 36.02 -41.32
N ARG A 283 -22.71 36.37 -42.46
CA ARG A 283 -22.57 37.71 -43.00
C ARG A 283 -23.15 38.74 -42.03
N LEU A 284 -24.36 38.47 -41.54
CA LEU A 284 -25.03 39.38 -40.63
C LEU A 284 -24.20 39.68 -39.40
N PHE A 285 -23.48 38.68 -38.91
CA PHE A 285 -22.65 38.88 -37.73
C PHE A 285 -21.45 39.77 -38.04
N THR A 286 -20.76 39.47 -39.14
CA THR A 286 -19.60 40.26 -39.52
C THR A 286 -19.99 41.72 -39.77
N ALA A 287 -21.01 41.94 -40.59
CA ALA A 287 -21.45 43.29 -40.90
C ALA A 287 -21.91 44.09 -39.68
N ILE A 288 -22.33 43.39 -38.63
CA ILE A 288 -22.82 44.07 -37.43
C ILE A 288 -21.74 44.21 -36.38
N MET A 289 -21.11 43.09 -36.02
CA MET A 289 -20.06 43.11 -35.01
C MET A 289 -18.81 43.87 -35.44
N ASN A 290 -18.76 44.26 -36.71
CA ASN A 290 -17.64 45.01 -37.23
C ASN A 290 -18.09 46.43 -37.54
N PHE A 291 -19.30 46.76 -37.07
CA PHE A 291 -19.87 48.09 -37.26
C PHE A 291 -19.91 48.60 -38.70
N LYS A 292 -19.85 47.70 -39.68
CA LYS A 292 -19.88 48.10 -41.10
C LYS A 292 -21.21 48.76 -41.48
N LYS A 293 -21.36 50.01 -41.05
CA LYS A 293 -22.57 50.81 -41.27
C LYS A 293 -23.23 50.77 -42.64
N ASP A 294 -22.45 50.80 -43.71
CA ASP A 294 -23.02 50.79 -45.05
C ASP A 294 -23.71 49.49 -45.50
N GLU A 295 -23.08 48.36 -45.21
CA GLU A 295 -23.62 47.06 -45.61
C GLU A 295 -24.87 46.63 -44.85
N ILE A 296 -24.89 46.91 -43.54
CA ILE A 296 -26.01 46.54 -42.70
C ILE A 296 -27.38 46.78 -43.36
N PRO A 297 -27.69 48.05 -43.69
CA PRO A 297 -28.97 48.41 -44.32
C PRO A 297 -29.36 47.58 -45.52
N VAL A 298 -28.39 47.30 -46.39
CA VAL A 298 -28.63 46.54 -47.60
C VAL A 298 -28.77 45.05 -47.33
N LEU A 299 -27.90 44.54 -46.48
CA LEU A 299 -27.93 43.13 -46.11
C LEU A 299 -29.34 42.82 -45.61
N LEU A 300 -29.85 43.71 -44.75
CA LEU A 300 -31.18 43.59 -44.15
C LEU A 300 -32.30 43.71 -45.19
N GLU A 301 -32.04 44.49 -46.24
CA GLU A 301 -33.00 44.71 -47.32
C GLU A 301 -33.19 43.45 -48.16
N LYS A 302 -32.13 42.67 -48.33
CA LYS A 302 -32.18 41.45 -49.12
C LYS A 302 -32.78 40.28 -48.36
N LEU A 303 -32.73 40.35 -47.04
CA LEU A 303 -33.28 39.28 -46.21
C LEU A 303 -34.68 39.66 -45.75
N GLU A 304 -35.08 40.88 -46.07
CA GLU A 304 -36.40 41.40 -45.73
C GLU A 304 -36.59 41.54 -44.22
N ILE A 305 -35.51 41.88 -43.53
CA ILE A 305 -35.56 42.06 -42.09
C ILE A 305 -35.82 43.54 -41.81
N VAL A 306 -37.08 43.87 -41.56
CA VAL A 306 -37.48 45.24 -41.30
C VAL A 306 -37.39 45.65 -39.83
N LEU A 307 -36.66 46.72 -39.56
CA LEU A 307 -36.52 47.23 -38.19
C LEU A 307 -37.41 48.45 -37.98
N LYS A 308 -37.87 48.68 -36.76
CA LYS A 308 -38.74 49.81 -36.48
C LYS A 308 -38.15 50.82 -35.49
N GLY A 309 -38.62 52.05 -35.59
CA GLY A 309 -38.19 53.13 -34.72
C GLY A 309 -36.72 53.20 -34.36
N ASP A 310 -36.44 53.48 -33.10
CA ASP A 310 -35.08 53.61 -32.59
C ASP A 310 -34.16 52.44 -32.92
N GLU A 311 -34.72 51.25 -33.16
CA GLU A 311 -33.89 50.09 -33.46
C GLU A 311 -32.84 50.36 -34.54
N LYS A 312 -33.12 51.33 -35.40
CA LYS A 312 -32.22 51.69 -36.48
C LYS A 312 -30.96 52.41 -36.01
N ASP A 313 -30.87 52.67 -34.71
CA ASP A 313 -29.72 53.38 -34.15
C ASP A 313 -28.96 52.52 -33.14
N LEU A 314 -29.09 51.21 -33.27
CA LEU A 314 -28.40 50.29 -32.38
C LEU A 314 -27.10 49.91 -33.04
N GLU A 315 -26.18 49.36 -32.26
CA GLU A 315 -24.89 48.96 -32.80
C GLU A 315 -24.46 47.63 -32.23
N GLY A 316 -23.50 46.98 -32.88
CA GLY A 316 -22.98 45.71 -32.42
C GLY A 316 -23.96 44.69 -31.86
N LYS A 317 -23.64 44.18 -30.66
CA LYS A 317 -24.45 43.18 -29.96
C LYS A 317 -25.94 43.55 -29.91
N ALA A 318 -26.22 44.75 -29.41
CA ALA A 318 -27.58 45.23 -29.28
C ALA A 318 -28.36 45.23 -30.59
N LEU A 319 -27.66 45.41 -31.71
CA LEU A 319 -28.35 45.38 -32.99
C LEU A 319 -28.45 43.94 -33.46
N LEU A 320 -27.37 43.17 -33.29
CA LEU A 320 -27.36 41.77 -33.69
C LEU A 320 -28.52 40.99 -33.07
N LYS A 321 -28.79 41.24 -31.78
CA LYS A 321 -29.86 40.57 -31.06
C LYS A 321 -31.22 40.84 -31.68
N VAL A 322 -31.52 42.11 -31.86
CA VAL A 322 -32.78 42.56 -32.45
C VAL A 322 -33.01 42.01 -33.87
N VAL A 323 -31.96 42.02 -34.67
CA VAL A 323 -32.03 41.52 -36.03
C VAL A 323 -32.28 40.02 -36.04
N MET A 324 -31.44 39.25 -35.37
CA MET A 324 -31.62 37.80 -35.34
C MET A 324 -33.02 37.38 -34.89
N ARG A 325 -33.54 38.03 -33.86
CA ARG A 325 -34.88 37.71 -33.36
C ARG A 325 -35.93 37.95 -34.45
N LYS A 326 -35.80 39.08 -35.16
CA LYS A 326 -36.74 39.43 -36.22
C LYS A 326 -36.54 38.49 -37.41
N PHE A 327 -35.30 38.03 -37.60
CA PHE A 327 -34.95 37.13 -38.69
C PHE A 327 -35.33 35.67 -38.39
N LEU A 328 -34.96 35.15 -37.22
CA LEU A 328 -35.26 33.77 -36.87
C LEU A 328 -35.80 33.56 -35.45
N PRO A 329 -37.02 34.04 -35.17
CA PRO A 329 -37.68 33.93 -33.86
C PRO A 329 -37.59 32.50 -33.33
N ALA A 330 -36.68 32.30 -32.37
CA ALA A 330 -36.44 30.98 -31.77
C ALA A 330 -37.71 30.20 -31.45
N ALA A 331 -38.73 30.89 -30.96
CA ALA A 331 -39.98 30.23 -30.59
C ALA A 331 -40.61 29.46 -31.74
N ASP A 332 -40.75 30.15 -32.88
CA ASP A 332 -41.33 29.57 -34.07
C ASP A 332 -40.68 28.24 -34.45
N ALA A 333 -39.35 28.21 -34.45
CA ALA A 333 -38.66 26.99 -34.83
C ALA A 333 -38.95 25.84 -33.88
N LEU A 334 -38.93 26.13 -32.59
CA LEU A 334 -39.18 25.11 -31.57
C LEU A 334 -40.64 24.65 -31.57
N LEU A 335 -41.56 25.61 -31.69
CA LEU A 335 -42.98 25.30 -31.72
C LEU A 335 -43.28 24.42 -32.90
N GLU A 336 -42.64 24.71 -34.02
CA GLU A 336 -42.83 23.94 -35.25
C GLU A 336 -42.52 22.46 -35.00
N MET A 337 -41.31 22.15 -34.57
CA MET A 337 -40.96 20.76 -34.34
C MET A 337 -41.91 20.07 -33.36
N ILE A 338 -42.35 20.81 -32.34
CA ILE A 338 -43.23 20.21 -31.36
C ILE A 338 -44.56 19.81 -31.98
N VAL A 339 -45.18 20.73 -32.72
CA VAL A 339 -46.44 20.44 -33.36
C VAL A 339 -46.35 19.44 -34.50
N LEU A 340 -45.33 19.56 -35.35
CA LEU A 340 -45.21 18.66 -36.49
C LEU A 340 -44.56 17.31 -36.25
N HIS A 341 -43.77 17.14 -35.19
CA HIS A 341 -43.11 15.84 -35.00
C HIS A 341 -43.29 15.12 -33.68
N LEU A 342 -43.61 15.83 -32.61
CA LEU A 342 -43.86 15.16 -31.34
C LEU A 342 -45.31 14.69 -31.40
N PRO A 343 -45.59 13.44 -30.96
CA PRO A 343 -46.89 12.77 -30.94
C PRO A 343 -47.93 13.35 -30.03
N SER A 344 -49.20 13.13 -30.37
CA SER A 344 -50.27 13.61 -29.52
C SER A 344 -50.54 12.46 -28.57
N PRO A 345 -51.39 12.68 -27.55
CA PRO A 345 -51.70 11.60 -26.60
C PRO A 345 -52.24 10.40 -27.39
N VAL A 346 -53.05 10.74 -28.39
CA VAL A 346 -53.66 9.74 -29.25
C VAL A 346 -52.60 8.88 -29.94
N THR A 347 -51.69 9.52 -30.64
CA THR A 347 -50.66 8.79 -31.34
C THR A 347 -49.76 7.97 -30.45
N ALA A 348 -49.39 8.53 -29.31
CA ALA A 348 -48.48 7.84 -28.40
C ALA A 348 -49.08 6.78 -27.51
N GLN A 349 -50.24 7.08 -26.92
CA GLN A 349 -50.86 6.12 -26.02
C GLN A 349 -51.08 4.76 -26.69
N ALA A 350 -51.14 4.76 -28.01
CA ALA A 350 -51.34 3.52 -28.75
C ALA A 350 -50.17 2.57 -28.53
N TYR A 351 -48.95 3.09 -28.68
CA TYR A 351 -47.76 2.27 -28.52
C TYR A 351 -47.08 2.40 -27.16
N ARG A 352 -47.70 3.12 -26.24
CA ARG A 352 -47.13 3.31 -24.90
C ARG A 352 -47.98 2.62 -23.82
N ALA A 353 -49.22 2.31 -24.19
CA ALA A 353 -50.17 1.66 -23.29
C ALA A 353 -49.66 0.39 -22.61
N GLU A 354 -48.95 -0.46 -23.36
CA GLU A 354 -48.43 -1.69 -22.79
C GLU A 354 -47.62 -1.40 -21.52
N GLN A 355 -46.46 -0.78 -21.70
CA GLN A 355 -45.56 -0.43 -20.61
C GLN A 355 -46.24 0.32 -19.47
N LEU A 356 -47.19 1.19 -19.78
CA LEU A 356 -47.86 1.97 -18.73
C LEU A 356 -48.83 1.18 -17.86
N TYR A 357 -49.23 0.00 -18.31
CA TYR A 357 -50.19 -0.82 -17.56
C TYR A 357 -49.61 -2.11 -17.00
N GLU A 358 -49.81 -2.31 -15.69
CA GLU A 358 -49.31 -3.50 -15.00
C GLU A 358 -50.11 -4.75 -15.38
N GLY A 359 -51.39 -4.56 -15.67
CA GLY A 359 -52.25 -5.68 -16.02
C GLY A 359 -52.09 -6.27 -17.41
N PRO A 360 -53.12 -6.98 -17.90
CA PRO A 360 -53.17 -7.64 -19.21
C PRO A 360 -53.42 -6.64 -20.33
N ALA A 361 -52.70 -6.81 -21.43
CA ALA A 361 -52.80 -5.92 -22.60
C ALA A 361 -54.16 -5.90 -23.27
N ASP A 362 -54.98 -6.89 -22.94
CA ASP A 362 -56.33 -7.01 -23.53
C ASP A 362 -57.36 -6.57 -22.52
N ASP A 363 -56.91 -6.17 -21.34
CA ASP A 363 -57.81 -5.72 -20.29
C ASP A 363 -58.72 -4.63 -20.86
N ALA A 364 -59.81 -4.34 -20.16
CA ALA A 364 -60.72 -3.30 -20.63
C ALA A 364 -59.95 -1.97 -20.64
N ASN A 365 -59.45 -1.61 -19.46
CA ASN A 365 -58.70 -0.38 -19.26
C ASN A 365 -57.46 -0.25 -20.15
N CYS A 366 -56.61 -1.27 -20.16
CA CYS A 366 -55.42 -1.19 -21.00
C CYS A 366 -55.78 -0.81 -22.43
N ILE A 367 -56.95 -1.23 -22.88
CA ILE A 367 -57.41 -0.93 -24.24
C ILE A 367 -57.88 0.52 -24.34
N ALA A 368 -58.48 1.02 -23.26
CA ALA A 368 -58.94 2.40 -23.24
C ALA A 368 -57.71 3.33 -23.35
N ILE A 369 -56.66 3.00 -22.61
CA ILE A 369 -55.42 3.77 -22.63
C ILE A 369 -54.94 3.75 -24.07
N LYS A 370 -54.95 2.58 -24.68
CA LYS A 370 -54.55 2.45 -26.08
C LYS A 370 -55.33 3.46 -26.92
N ASN A 371 -56.60 3.64 -26.56
CA ASN A 371 -57.50 4.52 -27.29
C ASN A 371 -57.75 5.93 -26.76
N CYS A 372 -57.12 6.30 -25.66
CA CYS A 372 -57.34 7.64 -25.13
C CYS A 372 -58.86 7.89 -25.19
N ASP A 373 -59.59 6.88 -24.71
CA ASP A 373 -61.06 6.88 -24.70
C ASP A 373 -61.62 7.61 -23.48
N PRO A 374 -62.24 8.78 -23.71
CA PRO A 374 -62.83 9.57 -22.63
C PRO A 374 -64.09 8.98 -21.98
N LYS A 375 -64.79 8.12 -22.72
CA LYS A 375 -66.01 7.53 -22.21
C LYS A 375 -65.79 6.29 -21.34
N ALA A 376 -64.54 5.88 -21.16
CA ALA A 376 -64.24 4.70 -20.38
C ALA A 376 -64.03 4.89 -18.88
N ASP A 377 -63.62 3.79 -18.24
CA ASP A 377 -63.36 3.83 -16.82
C ASP A 377 -62.09 4.63 -16.65
N LEU A 378 -62.07 5.44 -15.61
CA LEU A 378 -60.91 6.29 -15.32
C LEU A 378 -59.61 5.55 -15.15
N MET A 379 -58.59 6.10 -15.82
CA MET A 379 -57.24 5.57 -15.74
C MET A 379 -56.39 6.82 -15.65
N LEU A 380 -56.28 7.32 -14.43
CA LEU A 380 -55.54 8.55 -14.14
C LEU A 380 -54.25 8.26 -13.36
N TYR A 381 -53.12 8.62 -13.96
CA TYR A 381 -51.81 8.42 -13.33
C TYR A 381 -51.36 9.64 -12.52
N VAL A 382 -51.27 9.48 -11.21
CA VAL A 382 -50.81 10.58 -10.37
C VAL A 382 -49.30 10.46 -10.37
N SER A 383 -48.68 11.47 -10.96
CA SER A 383 -47.23 11.54 -11.11
C SER A 383 -46.54 11.94 -9.81
N LYS A 384 -47.13 12.90 -9.11
CA LYS A 384 -46.55 13.36 -7.86
C LYS A 384 -47.47 14.32 -7.15
N MET A 385 -47.20 14.56 -5.87
CA MET A 385 -48.04 15.48 -5.12
C MET A 385 -47.29 16.81 -5.16
N VAL A 386 -48.02 17.91 -5.18
CA VAL A 386 -47.36 19.20 -5.23
C VAL A 386 -47.84 20.15 -4.14
N PRO A 387 -46.89 20.77 -3.42
CA PRO A 387 -47.12 21.71 -2.31
C PRO A 387 -47.90 22.91 -2.77
N THR A 388 -48.83 23.37 -1.94
CA THR A 388 -49.64 24.55 -2.27
C THR A 388 -49.70 25.42 -1.04
N SER A 389 -50.22 26.63 -1.18
CA SER A 389 -50.32 27.54 -0.05
C SER A 389 -51.71 27.35 0.55
N ASP A 390 -52.30 26.19 0.25
CA ASP A 390 -53.63 25.86 0.72
C ASP A 390 -53.57 25.15 2.07
N LYS A 391 -52.69 25.64 2.94
CA LYS A 391 -52.52 25.08 4.27
C LYS A 391 -52.09 23.61 4.25
N GLY A 392 -50.78 23.40 4.19
CA GLY A 392 -50.19 22.08 4.18
C GLY A 392 -50.71 21.11 3.13
N ARG A 393 -51.73 21.52 2.39
CA ARG A 393 -52.31 20.67 1.36
C ARG A 393 -51.43 20.47 0.12
N PHE A 394 -51.61 19.30 -0.51
CA PHE A 394 -50.90 18.93 -1.72
C PHE A 394 -51.91 18.54 -2.81
N TYR A 395 -51.81 19.16 -3.99
CA TYR A 395 -52.71 18.78 -5.07
C TYR A 395 -52.00 17.67 -5.82
N ALA A 396 -52.77 16.68 -6.27
CA ALA A 396 -52.19 15.57 -7.02
C ALA A 396 -52.01 16.06 -8.45
N PHE A 397 -50.91 15.67 -9.08
CA PHE A 397 -50.62 16.10 -10.42
C PHE A 397 -50.41 14.89 -11.30
N GLY A 398 -50.96 14.94 -12.51
CA GLY A 398 -50.81 13.82 -13.43
C GLY A 398 -51.57 13.88 -14.75
N ARG A 399 -51.67 12.71 -15.39
CA ARG A 399 -52.32 12.59 -16.68
C ARG A 399 -53.56 11.71 -16.65
N VAL A 400 -54.57 12.09 -17.43
CA VAL A 400 -55.79 11.30 -17.52
C VAL A 400 -55.58 10.48 -18.79
N PHE A 401 -55.34 9.18 -18.61
CA PHE A 401 -55.10 8.29 -19.75
C PHE A 401 -56.36 7.69 -20.41
N ALA A 402 -57.40 7.47 -19.62
CA ALA A 402 -58.65 6.92 -20.12
C ALA A 402 -59.81 7.48 -19.30
N GLY A 403 -60.97 7.65 -19.91
CA GLY A 403 -62.11 8.17 -19.18
C GLY A 403 -61.95 9.66 -18.95
N THR A 404 -62.73 10.22 -18.02
CA THR A 404 -62.61 11.64 -17.74
C THR A 404 -62.94 11.93 -16.28
N VAL A 405 -62.00 12.53 -15.57
CA VAL A 405 -62.18 12.85 -14.16
C VAL A 405 -63.13 14.06 -14.07
N LYS A 406 -63.96 14.09 -13.01
CA LYS A 406 -64.93 15.17 -12.83
C LYS A 406 -64.93 15.66 -11.40
N SER A 407 -65.19 16.94 -11.20
CA SER A 407 -65.23 17.54 -9.88
C SER A 407 -66.38 16.97 -9.08
N GLY A 408 -66.07 16.13 -8.10
CA GLY A 408 -67.10 15.53 -7.25
C GLY A 408 -67.04 14.02 -7.37
N GLN A 409 -66.91 13.55 -8.60
CA GLN A 409 -66.82 12.13 -8.89
C GLN A 409 -66.07 11.34 -7.82
N LYS A 410 -66.55 10.15 -7.52
CA LYS A 410 -65.88 9.28 -6.54
C LYS A 410 -64.83 8.52 -7.33
N VAL A 411 -63.71 8.20 -6.70
CA VAL A 411 -62.66 7.48 -7.40
C VAL A 411 -62.01 6.44 -6.53
N ARG A 412 -61.34 5.50 -7.16
CA ARG A 412 -60.63 4.44 -6.46
C ARG A 412 -59.13 4.73 -6.45
N ILE A 413 -58.66 5.43 -5.42
CA ILE A 413 -57.24 5.76 -5.30
C ILE A 413 -56.47 4.48 -5.02
N GLN A 414 -55.66 4.03 -5.97
CA GLN A 414 -54.92 2.79 -5.78
C GLN A 414 -53.43 3.00 -5.51
N GLY A 415 -53.06 2.84 -4.25
CA GLY A 415 -51.66 3.00 -3.85
C GLY A 415 -50.67 2.13 -4.62
N PRO A 416 -49.35 2.39 -4.49
CA PRO A 416 -48.21 1.71 -5.13
C PRO A 416 -48.17 0.16 -5.11
N ASN A 417 -48.81 -0.34 -4.05
CA ASN A 417 -49.01 -1.71 -3.55
C ASN A 417 -50.24 -2.49 -4.07
N TYR A 418 -51.36 -1.79 -3.98
CA TYR A 418 -52.67 -2.28 -4.35
C TYR A 418 -52.77 -3.35 -5.44
N VAL A 419 -53.73 -4.25 -5.23
CA VAL A 419 -54.04 -5.33 -6.17
C VAL A 419 -55.55 -5.57 -6.04
N PRO A 420 -56.24 -5.79 -7.16
CA PRO A 420 -57.68 -6.04 -7.24
C PRO A 420 -58.29 -7.09 -6.30
N GLY A 421 -57.47 -7.95 -5.72
CA GLY A 421 -58.03 -8.97 -4.84
C GLY A 421 -57.99 -8.61 -3.38
N LYS A 422 -57.15 -7.67 -3.00
CA LYS A 422 -57.05 -7.34 -1.60
C LYS A 422 -57.56 -5.95 -1.33
N LYS A 423 -58.42 -5.81 -0.33
CA LYS A 423 -58.91 -4.48 0.02
C LYS A 423 -57.65 -3.63 0.13
N ASP A 424 -56.53 -4.34 0.19
CA ASP A 424 -55.16 -3.81 0.20
C ASP A 424 -55.01 -2.34 0.59
N ASP A 425 -55.85 -1.87 1.50
CA ASP A 425 -55.86 -0.47 1.94
C ASP A 425 -56.06 0.51 0.74
N LEU A 426 -57.06 0.21 -0.08
CA LEU A 426 -57.40 1.04 -1.23
C LEU A 426 -57.92 2.30 -0.59
N PHE A 427 -58.70 3.08 -1.33
CA PHE A 427 -59.25 4.35 -0.84
C PHE A 427 -60.28 4.81 -1.86
N ILE A 428 -61.54 4.82 -1.46
CA ILE A 428 -62.61 5.23 -2.34
C ILE A 428 -63.11 6.56 -1.81
N LYS A 429 -62.61 7.62 -2.43
CA LYS A 429 -62.99 8.96 -2.02
C LYS A 429 -63.55 9.83 -3.13
N ALA A 430 -63.82 11.08 -2.81
CA ALA A 430 -64.38 12.03 -3.77
C ALA A 430 -63.45 13.19 -4.14
N ILE A 431 -63.18 13.34 -5.43
CA ILE A 431 -62.33 14.41 -5.92
C ILE A 431 -62.97 15.75 -5.54
N GLN A 432 -62.41 16.44 -4.56
CA GLN A 432 -63.01 17.71 -4.14
C GLN A 432 -63.08 18.77 -5.24
N ARG A 433 -62.17 18.71 -6.21
CA ARG A 433 -62.12 19.67 -7.34
C ARG A 433 -61.07 19.22 -8.34
N VAL A 434 -61.33 19.44 -9.62
CA VAL A 434 -60.35 19.14 -10.67
C VAL A 434 -59.85 20.52 -11.06
N VAL A 435 -58.55 20.64 -11.34
CA VAL A 435 -57.99 21.95 -11.69
C VAL A 435 -56.89 21.92 -12.73
N LEU A 436 -56.66 23.08 -13.33
CA LEU A 436 -55.60 23.24 -14.32
C LEU A 436 -54.41 23.75 -13.54
N MET A 437 -53.24 23.14 -13.77
CA MET A 437 -52.01 23.54 -13.11
C MET A 437 -51.30 24.56 -14.02
N MET A 438 -51.65 25.83 -13.89
CA MET A 438 -51.07 26.88 -14.71
C MET A 438 -49.81 27.42 -14.03
N GLY A 439 -48.74 26.65 -14.04
CA GLY A 439 -47.53 27.15 -13.39
C GLY A 439 -47.75 27.27 -11.89
N ARG A 440 -47.66 28.48 -11.36
CA ARG A 440 -47.83 28.67 -9.93
C ARG A 440 -49.29 28.87 -9.53
N PHE A 441 -50.16 28.94 -10.54
CA PHE A 441 -51.57 29.14 -10.28
C PHE A 441 -52.42 28.00 -10.80
N VAL A 442 -53.56 27.80 -10.13
CA VAL A 442 -54.50 26.75 -10.49
C VAL A 442 -55.82 27.37 -10.88
N GLU A 443 -56.58 26.68 -11.73
CA GLU A 443 -57.86 27.20 -12.16
C GLU A 443 -58.86 26.06 -12.14
N PRO A 444 -59.95 26.22 -11.35
CA PRO A 444 -61.02 25.22 -11.21
C PRO A 444 -61.63 24.87 -12.57
N ILE A 445 -61.89 23.58 -12.75
CA ILE A 445 -62.42 23.06 -14.00
C ILE A 445 -63.47 22.01 -13.61
N ASP A 446 -64.43 21.72 -14.48
CA ASP A 446 -65.44 20.72 -14.12
C ASP A 446 -64.91 19.31 -14.35
N ASP A 447 -64.49 19.05 -15.57
CA ASP A 447 -63.96 17.73 -15.87
C ASP A 447 -62.79 17.84 -16.83
N CYS A 448 -62.18 16.69 -17.12
CA CYS A 448 -61.05 16.64 -18.02
C CYS A 448 -60.98 15.24 -18.62
N PRO A 449 -61.10 15.16 -19.94
CA PRO A 449 -61.08 13.96 -20.78
C PRO A 449 -59.69 13.38 -20.96
N ALA A 450 -59.60 12.11 -21.27
CA ALA A 450 -58.32 11.45 -21.45
C ALA A 450 -57.36 12.20 -22.37
N GLY A 451 -56.07 12.09 -22.08
CA GLY A 451 -55.05 12.73 -22.90
C GLY A 451 -54.52 14.02 -22.31
N ASN A 452 -55.20 14.58 -21.34
CA ASN A 452 -54.73 15.83 -20.76
C ASN A 452 -53.95 15.67 -19.45
N ILE A 453 -53.30 16.76 -19.08
CA ILE A 453 -52.50 16.85 -17.87
C ILE A 453 -53.43 17.59 -16.91
N ILE A 454 -53.46 17.18 -15.65
CA ILE A 454 -54.38 17.83 -14.73
C ILE A 454 -53.97 17.71 -13.26
N GLY A 455 -54.57 18.55 -12.42
CA GLY A 455 -54.28 18.52 -11.00
C GLY A 455 -55.54 18.21 -10.20
N LEU A 456 -55.39 17.52 -9.06
CA LEU A 456 -56.55 17.14 -8.24
C LEU A 456 -56.46 17.58 -6.77
N VAL A 457 -57.46 18.30 -6.29
CA VAL A 457 -57.47 18.73 -4.88
C VAL A 457 -58.37 17.82 -4.02
N GLY A 458 -57.80 17.19 -3.00
CA GLY A 458 -58.60 16.33 -2.13
C GLY A 458 -58.10 14.91 -1.98
N ILE A 459 -56.86 14.65 -2.37
CA ILE A 459 -56.32 13.31 -2.27
C ILE A 459 -55.01 13.35 -1.47
N ASP A 460 -54.82 14.46 -0.75
CA ASP A 460 -53.62 14.74 0.04
C ASP A 460 -53.17 13.58 0.89
N GLN A 461 -54.09 13.14 1.75
CA GLN A 461 -53.84 12.05 2.70
C GLN A 461 -53.94 10.62 2.14
N PHE A 462 -54.86 10.41 1.21
CA PHE A 462 -55.04 9.09 0.63
C PHE A 462 -53.89 8.59 -0.22
N LEU A 463 -53.01 9.49 -0.64
CA LEU A 463 -51.87 9.09 -1.46
C LEU A 463 -50.69 10.05 -1.25
N LEU A 464 -49.48 9.56 -1.46
CA LEU A 464 -48.24 10.36 -1.35
C LEU A 464 -47.27 9.84 -2.39
N LYS A 465 -46.85 10.73 -3.29
CA LYS A 465 -45.95 10.39 -4.38
C LYS A 465 -46.80 9.73 -5.49
N THR A 466 -46.29 8.74 -6.21
CA THR A 466 -47.07 8.15 -7.29
C THR A 466 -48.32 7.39 -6.81
N GLY A 467 -49.26 7.23 -7.74
CA GLY A 467 -50.49 6.50 -7.44
C GLY A 467 -51.34 6.30 -8.68
N THR A 468 -52.55 5.76 -8.50
CA THR A 468 -53.46 5.53 -9.63
C THR A 468 -54.89 5.71 -9.21
N LEU A 469 -55.64 6.46 -10.01
CA LEU A 469 -57.05 6.67 -9.73
C LEU A 469 -57.87 6.00 -10.83
N THR A 470 -58.64 4.97 -10.50
CA THR A 470 -59.45 4.23 -11.48
C THR A 470 -60.85 4.30 -11.02
N THR A 471 -61.75 3.99 -11.94
CA THR A 471 -63.15 4.04 -11.64
C THR A 471 -63.69 2.62 -11.81
N SER A 472 -62.81 1.71 -12.23
CA SER A 472 -63.14 0.30 -12.45
C SER A 472 -62.63 -0.60 -11.31
N GLU A 473 -63.21 -1.79 -11.20
CA GLU A 473 -62.82 -2.75 -10.15
C GLU A 473 -61.73 -3.69 -10.66
N THR A 474 -61.78 -4.03 -11.94
CA THR A 474 -60.78 -4.91 -12.55
C THR A 474 -59.54 -4.10 -12.87
N ALA A 475 -59.69 -2.79 -12.84
CA ALA A 475 -58.61 -1.87 -13.16
C ALA A 475 -57.36 -2.08 -12.29
N HIS A 476 -56.29 -2.52 -12.93
CA HIS A 476 -55.02 -2.73 -12.24
C HIS A 476 -54.36 -1.37 -12.01
N ASN A 477 -53.11 -1.37 -11.58
CA ASN A 477 -52.40 -0.13 -11.35
C ASN A 477 -51.49 0.15 -12.53
N MET A 478 -51.10 1.41 -12.68
CA MET A 478 -50.21 1.76 -13.77
C MET A 478 -48.80 1.72 -13.20
N LYS A 479 -47.80 1.62 -14.07
CA LYS A 479 -46.40 1.54 -13.66
C LYS A 479 -45.92 2.71 -12.80
N VAL A 480 -45.95 2.51 -11.48
CA VAL A 480 -45.50 3.54 -10.53
C VAL A 480 -44.26 3.10 -9.78
N MET A 481 -43.64 4.06 -9.09
CA MET A 481 -42.45 3.78 -8.31
C MET A 481 -42.81 2.81 -7.20
N LYS A 482 -41.90 1.89 -6.88
CA LYS A 482 -42.13 0.95 -5.81
C LYS A 482 -41.62 1.52 -4.49
N PHE A 483 -42.10 0.97 -3.38
CA PHE A 483 -41.74 1.46 -2.06
C PHE A 483 -40.67 0.73 -1.25
N SER A 484 -40.28 1.36 -0.15
CA SER A 484 -39.32 0.79 0.78
C SER A 484 -40.19 0.56 2.00
N VAL A 485 -40.39 -0.70 2.36
CA VAL A 485 -41.22 -0.97 3.53
C VAL A 485 -40.52 -1.71 4.66
N SER A 486 -39.21 -1.84 4.56
CA SER A 486 -38.42 -2.51 5.59
C SER A 486 -37.72 -1.46 6.44
N PRO A 487 -37.39 -1.80 7.69
CA PRO A 487 -36.71 -0.84 8.56
C PRO A 487 -35.28 -0.71 8.04
N VAL A 488 -34.94 0.45 7.49
CA VAL A 488 -33.60 0.62 6.93
C VAL A 488 -32.71 1.69 7.56
N VAL A 489 -33.27 2.39 8.55
CA VAL A 489 -32.58 3.46 9.28
C VAL A 489 -33.00 3.38 10.75
N GLN A 490 -32.10 3.73 11.66
CA GLN A 490 -32.41 3.68 13.09
C GLN A 490 -31.46 4.49 13.93
N VAL A 491 -31.94 4.88 15.11
CA VAL A 491 -31.15 5.64 16.05
C VAL A 491 -31.50 5.26 17.47
N ALA A 492 -30.54 5.49 18.36
CA ALA A 492 -30.75 5.24 19.77
C ALA A 492 -31.46 6.51 20.26
N VAL A 493 -32.36 6.37 21.23
CA VAL A 493 -33.11 7.50 21.77
C VAL A 493 -33.05 7.50 23.29
N GLU A 494 -32.61 8.61 23.86
CA GLU A 494 -32.51 8.73 25.30
C GLU A 494 -33.12 10.04 25.78
N VAL A 495 -33.66 10.03 26.99
CA VAL A 495 -34.25 11.25 27.55
C VAL A 495 -33.12 12.08 28.12
N LYS A 496 -33.30 13.40 28.11
CA LYS A 496 -32.28 14.31 28.64
C LYS A 496 -32.30 14.42 30.15
N ASN A 497 -33.48 14.33 30.74
CA ASN A 497 -33.62 14.41 32.19
C ASN A 497 -34.14 13.06 32.67
N ALA A 498 -33.25 12.33 33.36
CA ALA A 498 -33.55 10.99 33.89
C ALA A 498 -34.99 10.70 34.28
N ASN A 499 -35.66 11.67 34.87
CA ASN A 499 -37.02 11.48 35.33
C ASN A 499 -38.11 11.35 34.26
N ASP A 500 -37.80 11.69 33.01
CA ASP A 500 -38.81 11.60 31.94
C ASP A 500 -38.86 10.22 31.29
N LEU A 501 -37.94 9.35 31.69
CA LEU A 501 -37.82 8.01 31.15
C LEU A 501 -39.14 7.28 30.95
N PRO A 502 -40.03 7.29 31.96
CA PRO A 502 -41.31 6.60 31.78
C PRO A 502 -42.14 7.19 30.64
N LYS A 503 -42.00 8.50 30.42
CA LYS A 503 -42.73 9.15 29.35
C LYS A 503 -42.16 8.70 28.00
N LEU A 504 -40.84 8.49 27.95
CA LEU A 504 -40.22 8.02 26.72
C LEU A 504 -40.70 6.60 26.44
N VAL A 505 -40.68 5.77 27.47
CA VAL A 505 -41.11 4.39 27.35
C VAL A 505 -42.55 4.30 26.87
N GLU A 506 -43.40 5.16 27.40
CA GLU A 506 -44.82 5.17 27.03
C GLU A 506 -44.97 5.73 25.63
N GLY A 507 -44.16 6.75 25.32
CA GLY A 507 -44.21 7.37 24.01
C GLY A 507 -43.82 6.39 22.92
N LEU A 508 -42.81 5.56 23.22
CA LEU A 508 -42.36 4.56 22.27
C LEU A 508 -43.47 3.56 21.95
N LYS A 509 -44.31 3.25 22.94
CA LYS A 509 -45.42 2.33 22.72
C LYS A 509 -46.48 3.01 21.86
N ARG A 510 -46.73 4.27 22.18
CA ARG A 510 -47.71 5.07 21.44
C ARG A 510 -47.27 5.18 19.98
N LEU A 511 -46.02 5.59 19.78
CA LEU A 511 -45.46 5.75 18.45
C LEU A 511 -45.76 4.53 17.58
N SER A 512 -45.44 3.34 18.11
CA SER A 512 -45.66 2.08 17.40
C SER A 512 -47.10 1.82 17.02
N LYS A 513 -48.02 2.03 17.95
CA LYS A 513 -49.43 1.81 17.68
C LYS A 513 -49.88 2.67 16.50
N SER A 514 -49.54 3.96 16.56
CA SER A 514 -49.91 4.90 15.51
C SER A 514 -49.16 4.73 14.19
N ASP A 515 -48.14 3.87 14.16
CA ASP A 515 -47.36 3.70 12.93
C ASP A 515 -46.94 2.26 12.70
N PRO A 516 -47.66 1.56 11.82
CA PRO A 516 -47.39 0.16 11.47
C PRO A 516 -46.00 -0.06 10.88
N CYS A 517 -45.43 1.00 10.32
CA CYS A 517 -44.11 0.89 9.71
C CYS A 517 -42.92 1.33 10.58
N VAL A 518 -43.18 1.67 11.84
CA VAL A 518 -42.07 2.05 12.68
C VAL A 518 -41.72 0.84 13.57
N LEU A 519 -40.46 0.75 13.98
CA LEU A 519 -39.97 -0.34 14.81
C LEU A 519 -39.18 0.20 15.98
N THR A 520 -39.46 -0.28 17.19
CA THR A 520 -38.72 0.15 18.37
C THR A 520 -38.33 -1.10 19.13
N TYR A 521 -37.20 -1.05 19.83
CA TYR A 521 -36.74 -2.20 20.58
C TYR A 521 -35.61 -1.83 21.51
N MET A 522 -35.25 -2.77 22.38
CA MET A 522 -34.18 -2.53 23.33
C MET A 522 -32.90 -3.16 22.82
N SER A 523 -31.83 -2.38 22.77
CA SER A 523 -30.58 -2.90 22.27
C SER A 523 -29.88 -3.77 23.29
N GLU A 524 -29.01 -4.63 22.79
CA GLU A 524 -28.25 -5.50 23.65
C GLU A 524 -27.54 -4.63 24.67
N SER A 525 -27.21 -3.40 24.27
CA SER A 525 -26.49 -2.48 25.15
C SER A 525 -27.40 -1.55 25.92
N GLY A 526 -28.61 -2.01 26.18
CA GLY A 526 -29.57 -1.23 26.95
C GLY A 526 -30.11 0.09 26.43
N GLU A 527 -30.15 0.26 25.10
CA GLU A 527 -30.66 1.51 24.54
C GLU A 527 -31.99 1.35 23.83
N HIS A 528 -32.77 2.42 23.82
CA HIS A 528 -34.03 2.39 23.11
C HIS A 528 -33.69 2.73 21.66
N ILE A 529 -33.98 1.81 20.75
CA ILE A 529 -33.71 2.02 19.34
C ILE A 529 -35.01 2.27 18.60
N VAL A 530 -34.98 3.19 17.63
CA VAL A 530 -36.16 3.48 16.83
C VAL A 530 -35.67 3.45 15.40
N ALA A 531 -36.31 2.62 14.59
CA ALA A 531 -35.93 2.45 13.20
C ALA A 531 -37.08 2.84 12.27
N GLY A 532 -36.72 3.39 11.12
CA GLY A 532 -37.74 3.81 10.18
C GLY A 532 -37.55 3.28 8.78
N THR A 533 -38.53 3.60 7.96
CA THR A 533 -38.61 3.19 6.57
C THR A 533 -37.59 3.81 5.63
N GLY A 534 -37.12 5.01 6.01
CA GLY A 534 -36.14 5.77 5.24
C GLY A 534 -35.82 6.95 6.13
N GLU A 535 -34.89 7.81 5.72
CA GLU A 535 -34.54 8.94 6.57
C GLU A 535 -35.70 9.85 6.89
N LEU A 536 -36.43 10.27 5.88
CA LEU A 536 -37.55 11.17 6.12
C LEU A 536 -38.56 10.54 7.09
N HIS A 537 -38.93 9.28 6.84
CA HIS A 537 -39.85 8.61 7.73
C HIS A 537 -39.33 8.72 9.15
N LEU A 538 -38.05 8.40 9.35
CA LEU A 538 -37.46 8.46 10.68
C LEU A 538 -37.56 9.84 11.29
N GLU A 539 -37.15 10.83 10.50
CA GLU A 539 -37.19 12.22 10.96
C GLU A 539 -38.52 12.63 11.56
N ILE A 540 -39.62 12.27 10.91
CA ILE A 540 -40.88 12.69 11.48
C ILE A 540 -41.21 11.84 12.70
N CYS A 541 -40.88 10.55 12.63
CA CYS A 541 -41.14 9.68 13.77
C CYS A 541 -40.49 10.27 15.02
N LEU A 542 -39.27 10.78 14.88
CA LEU A 542 -38.60 11.37 16.02
C LEU A 542 -39.31 12.64 16.47
N GLN A 543 -39.69 13.48 15.51
CA GLN A 543 -40.38 14.72 15.83
C GLN A 543 -41.67 14.40 16.55
N ASP A 544 -42.44 13.47 16.00
CA ASP A 544 -43.68 13.06 16.62
C ASP A 544 -43.45 12.52 18.03
N LEU A 545 -42.42 11.70 18.19
CA LEU A 545 -42.10 11.11 19.50
C LEU A 545 -41.72 12.19 20.51
N GLU A 546 -40.72 12.98 20.19
CA GLU A 546 -40.28 14.03 21.10
C GLU A 546 -41.35 15.03 21.51
N HIS A 547 -42.14 15.51 20.56
CA HIS A 547 -43.15 16.52 20.88
C HIS A 547 -44.57 16.03 21.13
N ASP A 548 -44.86 14.79 20.78
CA ASP A 548 -46.21 14.27 21.00
C ASP A 548 -46.24 13.03 21.86
N HIS A 549 -45.98 11.90 21.23
CA HIS A 549 -46.00 10.61 21.91
C HIS A 549 -45.35 10.60 23.29
N ALA A 550 -44.18 11.22 23.42
CA ALA A 550 -43.51 11.23 24.71
C ALA A 550 -43.43 12.63 25.29
N GLY A 551 -43.49 13.64 24.42
CA GLY A 551 -43.41 15.03 24.87
C GLY A 551 -42.37 15.22 25.95
N VAL A 552 -41.10 15.16 25.57
CA VAL A 552 -39.96 15.30 26.48
C VAL A 552 -38.67 15.55 25.68
N PRO A 553 -37.71 16.30 26.26
CA PRO A 553 -36.48 16.54 25.51
C PRO A 553 -35.74 15.23 25.31
N LEU A 554 -35.50 14.87 24.05
CA LEU A 554 -34.80 13.64 23.76
C LEU A 554 -33.40 13.85 23.23
N LYS A 555 -32.61 12.78 23.24
CA LYS A 555 -31.25 12.82 22.73
C LYS A 555 -31.05 11.70 21.74
N ILE A 556 -31.11 12.01 20.45
CA ILE A 556 -30.94 11.04 19.40
C ILE A 556 -29.45 10.80 19.16
N SER A 557 -29.06 9.56 18.90
CA SER A 557 -27.66 9.26 18.66
C SER A 557 -27.43 7.91 17.95
N PRO A 558 -26.25 7.75 17.33
CA PRO A 558 -25.92 6.50 16.64
C PRO A 558 -25.92 5.42 17.72
N PRO A 559 -26.68 4.35 17.52
CA PRO A 559 -26.67 3.34 18.58
C PRO A 559 -25.34 2.68 18.88
N VAL A 560 -25.16 2.35 20.16
CA VAL A 560 -23.97 1.66 20.64
C VAL A 560 -23.99 0.17 20.26
N VAL A 561 -22.89 -0.30 19.68
CA VAL A 561 -22.70 -1.66 19.23
C VAL A 561 -22.16 -2.59 20.34
N ALA A 562 -22.65 -3.81 20.39
CA ALA A 562 -22.16 -4.76 21.40
C ALA A 562 -21.06 -5.59 20.80
N TYR A 563 -20.05 -5.94 21.60
CA TYR A 563 -18.98 -6.79 21.08
C TYR A 563 -18.93 -8.04 21.94
N ARG A 564 -18.07 -8.99 21.56
CA ARG A 564 -17.93 -10.22 22.32
C ARG A 564 -16.47 -10.45 22.55
N GLU A 565 -16.12 -10.92 23.74
CA GLU A 565 -14.72 -11.17 24.09
C GLU A 565 -14.44 -12.65 23.91
N THR A 566 -13.45 -12.95 23.09
CA THR A 566 -13.12 -14.34 22.82
C THR A 566 -11.63 -14.62 22.73
N VAL A 567 -11.26 -15.88 22.52
CA VAL A 567 -9.86 -16.29 22.44
C VAL A 567 -9.59 -16.95 21.10
N GLU A 568 -8.41 -16.70 20.54
CA GLU A 568 -8.04 -17.26 19.25
C GLU A 568 -7.37 -18.62 19.41
N SER A 569 -6.84 -18.89 20.59
CA SER A 569 -6.18 -20.17 20.81
C SER A 569 -6.12 -20.48 22.29
N GLU A 570 -5.39 -21.53 22.63
CA GLU A 570 -5.29 -21.93 24.04
C GLU A 570 -4.26 -21.11 24.81
N SER A 571 -4.47 -21.02 26.12
CA SER A 571 -3.56 -20.28 26.99
C SER A 571 -2.11 -20.69 26.70
N SER A 572 -1.25 -19.70 26.45
CA SER A 572 0.16 -19.96 26.15
C SER A 572 0.91 -20.67 27.29
N GLN A 573 0.32 -20.68 28.48
CA GLN A 573 0.90 -21.34 29.64
C GLN A 573 -0.17 -21.41 30.71
N THR A 574 -0.08 -22.39 31.61
CA THR A 574 -1.12 -22.51 32.63
C THR A 574 -1.35 -21.20 33.36
N ALA A 575 -2.61 -20.91 33.63
CA ALA A 575 -2.97 -19.71 34.35
C ALA A 575 -3.02 -20.16 35.80
N LEU A 576 -2.30 -19.44 36.64
CA LEU A 576 -2.26 -19.77 38.07
C LEU A 576 -2.76 -18.59 38.88
N SER A 577 -3.57 -18.88 39.91
CA SER A 577 -4.11 -17.85 40.78
C SER A 577 -4.40 -18.40 42.16
N LYS A 578 -3.86 -17.73 43.18
CA LYS A 578 -4.04 -18.11 44.57
C LYS A 578 -5.13 -17.28 45.19
N SER A 579 -5.93 -17.90 46.06
CA SER A 579 -7.01 -17.18 46.73
C SER A 579 -6.35 -16.21 47.70
N PRO A 580 -7.12 -15.25 48.23
CA PRO A 580 -6.62 -14.26 49.18
C PRO A 580 -6.12 -14.85 50.52
N ASN A 581 -5.96 -16.17 50.56
CA ASN A 581 -5.46 -16.87 51.74
C ASN A 581 -4.06 -17.33 51.41
N LYS A 582 -3.84 -17.56 50.13
CA LYS A 582 -2.58 -18.06 49.59
C LYS A 582 -2.59 -19.56 49.89
N HIS A 583 -3.72 -19.99 50.44
CA HIS A 583 -3.98 -21.37 50.79
C HIS A 583 -4.38 -22.16 49.55
N ASN A 584 -5.44 -21.70 48.89
CA ASN A 584 -6.00 -22.33 47.69
C ASN A 584 -5.41 -21.80 46.37
N ARG A 585 -5.23 -22.69 45.40
CA ARG A 585 -4.68 -22.31 44.10
C ARG A 585 -5.30 -23.03 42.90
N ILE A 586 -5.67 -22.27 41.87
CA ILE A 586 -6.28 -22.86 40.68
C ILE A 586 -5.39 -22.79 39.45
N TYR A 587 -5.20 -23.92 38.80
CA TYR A 587 -4.38 -23.99 37.59
C TYR A 587 -5.35 -24.35 36.47
N LEU A 588 -5.67 -23.39 35.61
CA LEU A 588 -6.59 -23.66 34.54
C LEU A 588 -6.04 -23.15 33.24
N LYS A 589 -6.74 -23.44 32.15
CA LYS A 589 -6.36 -22.99 30.82
C LYS A 589 -7.61 -22.73 30.00
N ALA A 590 -7.47 -21.95 28.95
CA ALA A 590 -8.61 -21.62 28.15
C ALA A 590 -8.28 -21.90 26.72
N GLU A 591 -9.31 -22.19 25.94
CA GLU A 591 -9.13 -22.45 24.52
C GLU A 591 -10.41 -22.06 23.83
N PRO A 592 -10.34 -21.85 22.51
CA PRO A 592 -11.50 -21.46 21.72
C PRO A 592 -12.44 -22.56 21.34
N ILE A 593 -13.72 -22.34 21.58
CA ILE A 593 -14.76 -23.29 21.19
C ILE A 593 -15.03 -23.01 19.72
N ASP A 594 -15.48 -24.02 18.97
CA ASP A 594 -15.79 -23.83 17.56
C ASP A 594 -17.08 -23.06 17.33
N GLU A 595 -17.12 -22.28 16.24
CA GLU A 595 -18.31 -21.50 15.89
C GLU A 595 -19.55 -22.37 15.79
N GLU A 596 -19.42 -23.48 15.07
CA GLU A 596 -20.53 -24.39 14.86
C GLU A 596 -21.14 -24.74 16.20
N VAL A 597 -20.28 -24.97 17.20
CA VAL A 597 -20.75 -25.32 18.53
C VAL A 597 -21.34 -24.15 19.27
N SER A 598 -20.66 -23.00 19.25
CA SER A 598 -21.18 -21.82 19.95
C SER A 598 -22.57 -21.53 19.44
N LEU A 599 -22.74 -21.75 18.14
CA LEU A 599 -23.98 -21.52 17.44
C LEU A 599 -25.04 -22.49 17.93
N ALA A 600 -24.62 -23.74 18.11
CA ALA A 600 -25.54 -24.76 18.60
C ALA A 600 -25.94 -24.43 20.06
N ILE A 601 -24.98 -23.95 20.84
CA ILE A 601 -25.25 -23.60 22.22
C ILE A 601 -26.29 -22.50 22.16
N GLU A 602 -25.96 -21.45 21.42
CA GLU A 602 -26.83 -20.30 21.27
C GLU A 602 -28.23 -20.61 20.74
N ASN A 603 -28.33 -21.50 19.76
CA ASN A 603 -29.65 -21.82 19.20
C ASN A 603 -30.43 -22.84 20.03
N GLY A 604 -29.87 -23.27 21.15
CA GLY A 604 -30.55 -24.22 22.00
C GLY A 604 -30.44 -25.69 21.63
N ILE A 605 -29.61 -26.02 20.65
CA ILE A 605 -29.46 -27.42 20.27
C ILE A 605 -28.63 -28.13 21.34
N ILE A 606 -27.58 -27.47 21.82
CA ILE A 606 -26.75 -28.01 22.89
C ILE A 606 -27.25 -27.20 24.08
N ASN A 607 -28.21 -27.80 24.77
CA ASN A 607 -28.90 -27.17 25.90
C ASN A 607 -28.49 -27.67 27.28
N PRO A 608 -28.42 -26.78 28.27
CA PRO A 608 -28.04 -27.15 29.64
C PRO A 608 -29.21 -27.75 30.38
N ARG A 609 -30.42 -27.46 29.91
CA ARG A 609 -31.64 -27.94 30.54
C ARG A 609 -32.13 -29.30 30.02
N ASP A 610 -31.44 -29.85 29.03
CA ASP A 610 -31.83 -31.15 28.50
C ASP A 610 -31.30 -32.26 29.40
N ASP A 611 -31.89 -33.45 29.31
CA ASP A 611 -31.40 -34.56 30.12
C ASP A 611 -29.98 -34.81 29.68
N PHE A 612 -29.13 -35.28 30.57
CA PHE A 612 -27.75 -35.54 30.19
C PHE A 612 -27.62 -36.47 28.99
N LYS A 613 -28.44 -37.52 28.92
CA LYS A 613 -28.36 -38.46 27.81
C LYS A 613 -28.49 -37.73 26.50
N ALA A 614 -29.41 -36.77 26.43
CA ALA A 614 -29.62 -36.00 25.21
C ALA A 614 -28.40 -35.16 24.91
N ARG A 615 -27.95 -34.40 25.91
CA ARG A 615 -26.80 -33.52 25.72
C ARG A 615 -25.54 -34.28 25.37
N ALA A 616 -25.33 -35.40 26.06
CA ALA A 616 -24.15 -36.24 25.81
C ALA A 616 -24.08 -36.79 24.39
N ARG A 617 -25.20 -37.28 23.87
CA ARG A 617 -25.25 -37.82 22.52
C ARG A 617 -24.88 -36.73 21.51
N ILE A 618 -25.58 -35.61 21.63
CA ILE A 618 -25.41 -34.46 20.76
C ILE A 618 -23.97 -34.01 20.67
N MET A 619 -23.34 -33.75 21.81
CA MET A 619 -21.98 -33.27 21.76
C MET A 619 -20.95 -34.28 21.25
N ALA A 620 -21.20 -35.55 21.52
CA ALA A 620 -20.28 -36.60 21.11
C ALA A 620 -20.49 -37.10 19.69
N ASP A 621 -21.74 -37.35 19.34
CA ASP A 621 -22.03 -37.88 18.02
C ASP A 621 -22.26 -36.89 16.90
N ASP A 622 -22.79 -35.70 17.20
CA ASP A 622 -23.04 -34.74 16.14
C ASP A 622 -21.99 -33.64 16.07
N TYR A 623 -21.46 -33.23 17.20
CA TYR A 623 -20.45 -32.19 17.19
C TYR A 623 -19.01 -32.68 17.44
N GLY A 624 -18.83 -34.00 17.40
CA GLY A 624 -17.51 -34.61 17.56
C GLY A 624 -16.64 -34.31 18.76
N TRP A 625 -17.25 -34.03 19.90
CA TRP A 625 -16.48 -33.77 21.11
C TRP A 625 -16.05 -35.11 21.74
N ASP A 626 -15.04 -35.11 22.60
CA ASP A 626 -14.62 -36.34 23.24
C ASP A 626 -15.82 -36.77 24.04
N VAL A 627 -16.11 -38.06 24.02
CA VAL A 627 -17.28 -38.57 24.71
C VAL A 627 -17.23 -38.38 26.21
N THR A 628 -16.05 -38.13 26.75
CA THR A 628 -15.94 -37.96 28.20
C THR A 628 -16.08 -36.52 28.73
N ASP A 629 -16.14 -35.52 27.84
CA ASP A 629 -16.26 -34.12 28.29
C ASP A 629 -17.66 -33.83 28.82
N ALA A 630 -18.67 -34.20 28.05
CA ALA A 630 -20.03 -33.91 28.47
C ALA A 630 -20.28 -34.11 29.95
N ARG A 631 -19.69 -35.14 30.55
CA ARG A 631 -19.93 -35.38 31.97
C ARG A 631 -19.12 -34.49 32.91
N LYS A 632 -18.02 -33.92 32.41
CA LYS A 632 -17.19 -33.04 33.24
C LYS A 632 -17.58 -31.56 33.12
N ILE A 633 -18.39 -31.17 32.13
CA ILE A 633 -18.74 -29.75 32.03
C ILE A 633 -19.52 -29.35 33.26
N TRP A 634 -19.08 -28.28 33.92
CA TRP A 634 -19.72 -27.79 35.13
C TRP A 634 -20.82 -26.80 34.88
N CYS A 635 -20.66 -25.99 33.83
CA CYS A 635 -21.66 -24.99 33.52
C CYS A 635 -21.43 -24.27 32.20
N PHE A 636 -22.46 -23.53 31.79
CA PHE A 636 -22.42 -22.73 30.57
C PHE A 636 -22.55 -21.29 31.04
N GLY A 637 -21.86 -20.38 30.37
CA GLY A 637 -21.96 -19.00 30.77
C GLY A 637 -21.91 -18.04 29.60
N PRO A 638 -22.45 -16.84 29.78
CA PRO A 638 -23.07 -16.43 31.04
C PRO A 638 -24.51 -16.86 31.15
N ASP A 639 -25.19 -16.34 32.19
CA ASP A 639 -26.59 -16.62 32.45
C ASP A 639 -26.95 -18.10 32.42
N GLY A 640 -26.00 -18.95 32.79
CA GLY A 640 -26.26 -20.37 32.80
C GLY A 640 -26.25 -21.14 31.49
N ASN A 641 -26.54 -20.49 30.37
CA ASN A 641 -26.58 -21.18 29.08
C ASN A 641 -25.87 -20.48 27.92
N GLY A 642 -24.91 -19.61 28.22
CA GLY A 642 -24.21 -18.92 27.15
C GLY A 642 -23.23 -19.85 26.47
N PRO A 643 -22.68 -19.43 25.32
CA PRO A 643 -21.72 -20.27 24.59
C PRO A 643 -20.30 -20.25 25.17
N ASN A 644 -20.21 -20.59 26.46
CA ASN A 644 -18.92 -20.68 27.18
C ASN A 644 -18.99 -21.83 28.18
N LEU A 645 -17.90 -22.58 28.30
CA LEU A 645 -17.90 -23.74 29.18
C LEU A 645 -16.77 -23.84 30.21
N VAL A 646 -17.07 -24.62 31.25
CA VAL A 646 -16.15 -24.94 32.33
C VAL A 646 -16.04 -26.47 32.37
N ILE A 647 -14.95 -27.03 31.88
CA ILE A 647 -14.79 -28.48 31.92
C ILE A 647 -13.77 -28.83 32.99
N ASP A 648 -14.19 -29.65 33.94
CA ASP A 648 -13.35 -30.12 35.04
C ASP A 648 -12.38 -31.23 34.66
N GLN A 649 -11.14 -30.86 34.34
CA GLN A 649 -10.15 -31.86 33.97
C GLN A 649 -9.15 -32.18 35.10
N THR A 650 -9.63 -32.09 36.33
CA THR A 650 -8.79 -32.36 37.49
C THR A 650 -8.71 -33.84 37.75
N LYS A 651 -8.10 -34.23 38.88
CA LYS A 651 -7.93 -35.64 39.23
C LYS A 651 -7.95 -35.92 40.74
N ALA A 652 -6.77 -36.10 41.30
CA ALA A 652 -6.60 -36.41 42.72
C ALA A 652 -7.18 -35.36 43.66
N VAL A 653 -7.73 -34.28 43.12
CA VAL A 653 -8.28 -33.24 43.98
C VAL A 653 -9.34 -33.83 44.90
N GLN A 654 -9.10 -33.74 46.21
CA GLN A 654 -10.03 -34.26 47.20
C GLN A 654 -11.38 -33.55 47.18
N TYR A 655 -11.45 -32.43 47.88
CA TYR A 655 -12.69 -31.66 47.96
C TYR A 655 -13.09 -30.86 46.71
N LEU A 656 -12.57 -31.25 45.55
CA LEU A 656 -12.88 -30.55 44.30
C LEU A 656 -14.35 -30.21 44.14
N HIS A 657 -15.22 -31.04 44.68
CA HIS A 657 -16.67 -30.87 44.56
C HIS A 657 -17.33 -29.98 45.61
N GLU A 658 -16.55 -29.44 46.52
CA GLU A 658 -17.11 -28.60 47.58
C GLU A 658 -17.16 -27.14 47.12
N ILE A 659 -16.26 -26.80 46.19
CA ILE A 659 -16.16 -25.45 45.65
C ILE A 659 -16.95 -25.22 44.36
N LYS A 660 -17.49 -26.30 43.78
CA LYS A 660 -18.22 -26.21 42.53
C LYS A 660 -19.19 -25.04 42.42
N ASP A 661 -20.00 -24.81 43.46
CA ASP A 661 -20.96 -23.73 43.41
C ASP A 661 -20.26 -22.37 43.27
N SER A 662 -19.11 -22.24 43.93
CA SER A 662 -18.34 -21.01 43.89
C SER A 662 -17.73 -20.81 42.51
N VAL A 663 -17.13 -21.87 41.98
CA VAL A 663 -16.50 -21.78 40.66
C VAL A 663 -17.56 -21.45 39.61
N VAL A 664 -18.71 -22.08 39.71
CA VAL A 664 -19.78 -21.82 38.75
C VAL A 664 -20.18 -20.34 38.81
N ALA A 665 -20.44 -19.83 40.01
CA ALA A 665 -20.82 -18.43 40.18
C ALA A 665 -19.71 -17.51 39.68
N ALA A 666 -18.46 -17.86 40.00
CA ALA A 666 -17.36 -17.03 39.54
C ALA A 666 -17.37 -17.03 38.01
N PHE A 667 -17.73 -18.16 37.41
CA PHE A 667 -17.75 -18.27 35.96
C PHE A 667 -18.86 -17.43 35.33
N GLN A 668 -20.04 -17.48 35.94
CA GLN A 668 -21.19 -16.72 35.45
C GLN A 668 -20.85 -15.24 35.46
N TRP A 669 -19.91 -14.87 36.31
CA TRP A 669 -19.47 -13.49 36.45
C TRP A 669 -18.52 -13.10 35.34
N ALA A 670 -17.43 -13.85 35.22
CA ALA A 670 -16.42 -13.56 34.22
C ALA A 670 -16.95 -13.59 32.80
N THR A 671 -17.95 -14.41 32.54
CA THR A 671 -18.46 -14.50 31.18
C THR A 671 -19.44 -13.39 30.85
N LYS A 672 -20.09 -12.82 31.86
CA LYS A 672 -21.02 -11.74 31.56
C LYS A 672 -20.23 -10.49 31.21
N GLU A 673 -19.07 -10.31 31.84
CA GLU A 673 -18.24 -9.14 31.60
C GLU A 673 -16.76 -9.49 31.52
N GLY A 674 -16.28 -9.74 30.32
CA GLY A 674 -14.88 -10.09 30.15
C GLY A 674 -13.92 -9.05 30.65
N PRO A 675 -12.62 -9.34 30.63
CA PRO A 675 -11.55 -8.45 31.09
C PRO A 675 -11.09 -7.37 30.10
N ILE A 676 -11.35 -7.58 28.82
CA ILE A 676 -10.94 -6.60 27.82
C ILE A 676 -11.66 -5.27 28.03
N PHE A 677 -12.99 -5.33 28.24
CA PHE A 677 -13.75 -4.12 28.52
C PHE A 677 -15.18 -4.35 29.02
N GLY A 678 -15.37 -5.47 29.69
CA GLY A 678 -16.67 -5.75 30.27
C GLY A 678 -17.77 -6.26 29.38
N GLU A 679 -17.41 -6.73 28.19
CA GLU A 679 -18.39 -7.26 27.26
C GLU A 679 -18.46 -8.77 27.49
N GLU A 680 -19.55 -9.39 27.07
CA GLU A 680 -19.70 -10.83 27.25
C GLU A 680 -18.65 -11.66 26.52
N MET A 681 -18.36 -12.83 27.06
CA MET A 681 -17.40 -13.71 26.42
C MET A 681 -18.22 -14.58 25.48
N ARG A 682 -17.56 -15.10 24.46
CA ARG A 682 -18.22 -15.96 23.50
C ARG A 682 -17.21 -16.96 22.97
N SER A 683 -17.64 -18.22 22.87
CA SER A 683 -16.80 -19.31 22.36
C SER A 683 -15.59 -19.58 23.23
N VAL A 684 -15.72 -19.36 24.53
CA VAL A 684 -14.58 -19.62 25.41
C VAL A 684 -14.77 -20.86 26.27
N ARG A 685 -13.77 -21.72 26.22
CA ARG A 685 -13.78 -22.93 27.01
C ARG A 685 -12.59 -22.90 27.97
N VAL A 686 -12.90 -23.09 29.24
CA VAL A 686 -11.92 -23.09 30.32
C VAL A 686 -11.80 -24.50 30.90
N ASN A 687 -10.57 -25.00 30.91
CA ASN A 687 -10.26 -26.32 31.44
C ASN A 687 -9.61 -26.20 32.82
N ILE A 688 -10.31 -26.59 33.87
CA ILE A 688 -9.73 -26.54 35.21
C ILE A 688 -8.71 -27.69 35.32
N LEU A 689 -7.50 -27.46 34.84
CA LEU A 689 -6.44 -28.47 34.87
C LEU A 689 -6.18 -29.06 36.27
N ASP A 690 -6.02 -28.21 37.29
CA ASP A 690 -5.78 -28.68 38.65
C ASP A 690 -6.10 -27.67 39.75
N VAL A 691 -6.42 -28.19 40.93
CA VAL A 691 -6.75 -27.35 42.06
C VAL A 691 -6.13 -27.94 43.32
N THR A 692 -5.63 -27.06 44.19
CA THR A 692 -5.01 -27.47 45.45
C THR A 692 -5.75 -26.73 46.56
N LEU A 693 -6.87 -27.28 46.98
CA LEU A 693 -7.68 -26.67 48.01
C LEU A 693 -7.13 -26.89 49.41
N HIS A 694 -7.85 -26.36 50.40
CA HIS A 694 -7.46 -26.49 51.79
C HIS A 694 -8.13 -27.74 52.36
N ALA A 695 -7.95 -27.98 53.64
CA ALA A 695 -8.54 -29.15 54.26
C ALA A 695 -9.85 -28.82 54.97
N ASP A 696 -9.92 -27.61 55.53
CA ASP A 696 -11.10 -27.18 56.25
C ASP A 696 -11.98 -26.29 55.39
N ALA A 697 -13.28 -26.34 55.65
CA ALA A 697 -14.26 -25.55 54.90
C ALA A 697 -14.14 -24.07 55.25
N ILE A 698 -13.71 -23.81 56.49
CA ILE A 698 -13.55 -22.44 56.97
C ILE A 698 -12.72 -21.59 56.02
N HIS A 699 -11.70 -22.19 55.42
CA HIS A 699 -10.81 -21.47 54.51
C HIS A 699 -10.98 -21.78 53.03
N ARG A 700 -12.22 -22.05 52.59
CA ARG A 700 -12.47 -22.33 51.18
C ARG A 700 -13.88 -21.92 50.75
N GLY A 701 -14.63 -21.31 51.66
CA GLY A 701 -15.98 -20.89 51.32
C GLY A 701 -16.07 -19.96 50.11
N GLY A 702 -17.24 -19.37 49.94
CA GLY A 702 -17.46 -18.48 48.83
C GLY A 702 -16.46 -17.34 48.69
N GLY A 703 -16.40 -16.45 49.68
CA GLY A 703 -15.48 -15.32 49.59
C GLY A 703 -14.08 -15.68 49.16
N GLN A 704 -13.64 -16.90 49.41
CA GLN A 704 -12.28 -17.23 49.04
C GLN A 704 -12.11 -17.79 47.63
N ILE A 705 -13.05 -18.62 47.19
CA ILE A 705 -13.00 -19.24 45.87
C ILE A 705 -13.35 -18.31 44.70
N ILE A 706 -14.57 -17.76 44.69
CA ILE A 706 -15.00 -16.87 43.61
C ILE A 706 -13.82 -16.02 43.13
N PRO A 707 -13.30 -15.16 44.02
CA PRO A 707 -12.17 -14.30 43.64
C PRO A 707 -11.04 -15.04 42.93
N THR A 708 -10.80 -16.27 43.32
CA THR A 708 -9.72 -17.05 42.72
C THR A 708 -10.10 -17.51 41.31
N MET A 709 -11.32 -18.02 41.17
CA MET A 709 -11.79 -18.49 39.88
C MET A 709 -11.84 -17.29 38.93
N ARG A 710 -12.75 -16.37 39.21
CA ARG A 710 -12.91 -15.16 38.42
C ARG A 710 -11.54 -14.70 37.93
N ARG A 711 -10.70 -14.36 38.89
CA ARG A 711 -9.36 -13.89 38.61
C ARG A 711 -8.55 -14.84 37.72
N ALA A 712 -8.61 -16.14 38.01
CA ALA A 712 -7.86 -17.13 37.23
C ALA A 712 -8.35 -17.25 35.78
N THR A 713 -9.67 -17.13 35.59
CA THR A 713 -10.24 -17.19 34.25
C THR A 713 -9.65 -16.03 33.42
N TYR A 714 -9.85 -14.80 33.91
CA TYR A 714 -9.32 -13.61 33.25
C TYR A 714 -7.88 -13.87 32.85
N ALA A 715 -7.15 -14.49 33.76
CA ALA A 715 -5.75 -14.81 33.53
C ALA A 715 -5.64 -15.77 32.37
N GLY A 716 -6.50 -16.80 32.39
CA GLY A 716 -6.49 -17.79 31.33
C GLY A 716 -6.84 -17.13 30.02
N PHE A 717 -7.96 -16.42 30.05
CA PHE A 717 -8.45 -15.69 28.89
C PHE A 717 -7.36 -14.84 28.27
N LEU A 718 -6.81 -13.92 29.05
CA LEU A 718 -5.78 -13.02 28.54
C LEU A 718 -4.56 -13.74 27.95
N LEU A 719 -4.26 -14.91 28.50
CA LEU A 719 -3.13 -15.73 28.04
C LEU A 719 -3.41 -16.57 26.80
N ALA A 720 -4.62 -16.48 26.26
CA ALA A 720 -5.01 -17.27 25.10
C ALA A 720 -5.16 -16.50 23.80
N ASP A 721 -4.36 -15.46 23.62
CA ASP A 721 -4.39 -14.64 22.41
C ASP A 721 -5.82 -14.11 22.24
N PRO A 722 -6.28 -13.28 23.20
CA PRO A 722 -7.62 -12.70 23.21
C PRO A 722 -7.97 -11.88 21.98
N LYS A 723 -9.25 -11.82 21.68
CA LYS A 723 -9.72 -11.07 20.53
C LYS A 723 -11.14 -10.60 20.79
N ILE A 724 -11.63 -9.71 19.96
CA ILE A 724 -12.97 -9.18 20.11
C ILE A 724 -13.82 -9.62 18.90
N GLN A 725 -15.11 -9.84 19.09
CA GLN A 725 -15.96 -10.22 17.97
C GLN A 725 -16.95 -9.09 17.74
N GLU A 726 -17.19 -8.75 16.48
CA GLU A 726 -18.09 -7.66 16.15
C GLU A 726 -19.34 -8.18 15.47
N PRO A 727 -20.50 -7.59 15.79
CA PRO A 727 -21.76 -8.02 15.18
C PRO A 727 -21.79 -7.63 13.70
N VAL A 728 -22.40 -8.46 12.88
CA VAL A 728 -22.46 -8.22 11.45
C VAL A 728 -23.85 -8.45 10.84
N PHE A 729 -24.31 -7.46 10.06
CA PHE A 729 -25.60 -7.54 9.39
C PHE A 729 -25.51 -8.33 8.10
N LEU A 730 -26.64 -8.89 7.71
CA LEU A 730 -26.75 -9.59 6.44
C LEU A 730 -27.70 -8.63 5.73
N VAL A 731 -27.23 -8.04 4.63
CA VAL A 731 -28.06 -7.08 3.92
C VAL A 731 -28.39 -7.57 2.55
N GLU A 732 -29.67 -7.45 2.22
CA GLU A 732 -30.19 -7.87 0.93
C GLU A 732 -30.78 -6.68 0.20
N ILE A 733 -30.20 -6.36 -0.95
CA ILE A 733 -30.63 -5.23 -1.74
C ILE A 733 -31.10 -5.62 -3.13
N GLN A 734 -32.24 -5.10 -3.54
CA GLN A 734 -32.76 -5.38 -4.86
C GLN A 734 -32.63 -4.06 -5.61
N CYS A 735 -31.97 -4.14 -6.76
CA CYS A 735 -31.71 -2.97 -7.55
C CYS A 735 -31.46 -3.27 -9.02
N PRO A 736 -31.69 -2.27 -9.90
CA PRO A 736 -31.54 -2.28 -11.36
C PRO A 736 -30.09 -2.56 -11.76
N GLU A 737 -29.90 -3.52 -12.68
CA GLU A 737 -28.58 -3.94 -13.15
C GLU A 737 -27.59 -2.83 -13.42
N GLN A 738 -28.10 -1.61 -13.62
CA GLN A 738 -27.23 -0.49 -13.89
C GLN A 738 -26.70 0.14 -12.61
N ALA A 739 -27.61 0.39 -11.66
CA ALA A 739 -27.25 1.00 -10.38
C ALA A 739 -26.49 0.02 -9.46
N VAL A 740 -26.52 -1.27 -9.82
CA VAL A 740 -25.83 -2.28 -9.05
C VAL A 740 -24.39 -1.91 -8.71
N GLY A 741 -23.81 -0.99 -9.45
CA GLY A 741 -22.45 -0.59 -9.16
C GLY A 741 -22.31 0.27 -7.92
N GLY A 742 -23.35 1.04 -7.62
CA GLY A 742 -23.31 1.90 -6.45
C GLY A 742 -23.25 1.05 -5.20
N ILE A 743 -24.03 -0.03 -5.21
CA ILE A 743 -24.06 -0.97 -4.10
C ILE A 743 -22.61 -1.27 -3.73
N TYR A 744 -21.84 -1.74 -4.70
CA TYR A 744 -20.44 -2.06 -4.47
C TYR A 744 -19.59 -0.89 -3.98
N SER A 745 -19.74 0.27 -4.61
CA SER A 745 -18.94 1.42 -4.22
C SER A 745 -19.10 1.78 -2.74
N VAL A 746 -20.33 1.77 -2.25
CA VAL A 746 -20.61 2.09 -0.86
C VAL A 746 -20.02 0.98 0.03
N LEU A 747 -20.36 -0.26 -0.27
CA LEU A 747 -19.86 -1.37 0.51
C LEU A 747 -18.36 -1.40 0.65
N ASN A 748 -17.61 -0.99 -0.38
CA ASN A 748 -16.15 -1.02 -0.28
C ASN A 748 -15.65 -0.06 0.81
N LYS A 749 -16.33 1.07 0.95
CA LYS A 749 -15.94 2.06 1.95
C LYS A 749 -16.37 1.64 3.36
N LYS A 750 -17.04 0.51 3.50
CA LYS A 750 -17.50 0.12 4.83
C LYS A 750 -17.21 -1.32 5.27
N ARG A 751 -16.11 -1.85 4.75
CA ARG A 751 -15.66 -3.19 5.04
C ARG A 751 -16.73 -4.22 4.74
N GLY A 752 -17.63 -3.89 3.83
CA GLY A 752 -18.69 -4.81 3.47
C GLY A 752 -18.10 -5.94 2.65
N GLN A 753 -18.85 -7.03 2.53
CA GLN A 753 -18.41 -8.19 1.76
C GLN A 753 -19.56 -8.77 0.97
N VAL A 754 -19.46 -8.74 -0.35
CA VAL A 754 -20.52 -9.26 -1.20
C VAL A 754 -20.60 -10.76 -1.09
N VAL A 755 -21.81 -11.27 -0.81
CA VAL A 755 -22.01 -12.70 -0.67
C VAL A 755 -22.56 -13.32 -1.95
N SER A 756 -23.39 -12.58 -2.67
CA SER A 756 -23.96 -13.11 -3.88
C SER A 756 -24.67 -12.05 -4.72
N GLU A 757 -24.68 -12.27 -6.02
CA GLU A 757 -25.35 -11.38 -6.96
C GLU A 757 -26.15 -12.33 -7.84
N GLU A 758 -27.46 -12.37 -7.68
CA GLU A 758 -28.23 -13.26 -8.52
C GLU A 758 -29.18 -12.54 -9.44
N GLN A 759 -29.15 -12.93 -10.71
CA GLN A 759 -30.01 -12.32 -11.72
C GLN A 759 -31.41 -12.90 -11.75
N ARG A 760 -32.25 -12.04 -12.28
CA ARG A 760 -33.66 -12.26 -12.47
C ARG A 760 -33.80 -12.35 -14.00
N PRO A 761 -34.23 -13.55 -14.50
CA PRO A 761 -34.39 -13.80 -15.95
C PRO A 761 -34.86 -12.64 -16.84
N GLY A 762 -35.77 -11.85 -16.29
CA GLY A 762 -36.29 -10.75 -17.07
C GLY A 762 -35.74 -9.35 -16.77
N THR A 763 -34.60 -9.23 -16.09
CA THR A 763 -34.02 -7.95 -15.70
C THR A 763 -34.94 -6.86 -15.10
N PRO A 764 -35.83 -7.27 -14.19
CA PRO A 764 -36.78 -6.48 -13.44
C PRO A 764 -36.08 -5.99 -12.19
N LEU A 765 -34.89 -6.65 -11.88
CA LEU A 765 -34.00 -6.23 -10.75
C LEU A 765 -33.11 -7.27 -10.01
N PHE A 766 -31.80 -7.24 -10.25
CA PHE A 766 -30.82 -8.12 -9.57
C PHE A 766 -31.01 -8.05 -8.06
N THR A 767 -30.42 -8.97 -7.31
CA THR A 767 -30.54 -8.91 -5.86
C THR A 767 -29.16 -9.22 -5.28
N VAL A 768 -28.56 -8.22 -4.65
CA VAL A 768 -27.25 -8.41 -4.07
C VAL A 768 -27.37 -8.69 -2.57
N LYS A 769 -26.55 -9.60 -2.08
CA LYS A 769 -26.52 -9.96 -0.67
C LYS A 769 -25.11 -9.82 -0.16
N ALA A 770 -24.93 -9.16 0.96
CA ALA A 770 -23.59 -9.01 1.51
C ALA A 770 -23.58 -8.78 3.03
N TYR A 771 -22.39 -8.96 3.59
CA TYR A 771 -22.23 -8.75 5.03
C TYR A 771 -21.75 -7.32 5.24
N LEU A 772 -22.34 -6.64 6.20
CA LEU A 772 -21.96 -5.28 6.50
C LEU A 772 -21.77 -5.14 8.00
N PRO A 773 -20.53 -4.91 8.45
CA PRO A 773 -20.22 -4.76 9.88
C PRO A 773 -21.22 -3.79 10.50
N VAL A 774 -21.73 -4.10 11.68
CA VAL A 774 -22.71 -3.23 12.29
C VAL A 774 -22.12 -1.88 12.60
N ASN A 775 -20.88 -1.86 13.09
CA ASN A 775 -20.22 -0.60 13.41
C ASN A 775 -19.83 0.18 12.15
N GLU A 776 -20.15 -0.38 10.98
CA GLU A 776 -19.87 0.29 9.71
C GLU A 776 -21.19 0.70 9.07
N SER A 777 -22.28 0.65 9.83
CA SER A 777 -23.57 0.92 9.22
C SER A 777 -24.29 2.22 9.43
N PHE A 778 -23.92 3.01 10.42
CA PHE A 778 -24.66 4.25 10.60
C PHE A 778 -24.63 5.09 9.31
N GLY A 779 -25.81 5.53 8.87
CA GLY A 779 -25.91 6.31 7.64
C GLY A 779 -25.78 5.53 6.33
N PHE A 780 -25.59 4.22 6.39
CA PHE A 780 -25.44 3.39 5.19
C PHE A 780 -26.62 3.49 4.23
N THR A 781 -27.81 3.19 4.74
CA THR A 781 -28.99 3.22 3.90
C THR A 781 -29.12 4.53 3.15
N GLY A 782 -28.65 5.62 3.76
CA GLY A 782 -28.72 6.94 3.12
C GLY A 782 -27.70 7.02 1.99
N GLU A 783 -26.48 6.64 2.29
CA GLU A 783 -25.41 6.63 1.30
C GLU A 783 -25.72 5.68 0.17
N LEU A 784 -26.47 4.62 0.46
CA LEU A 784 -26.80 3.67 -0.57
C LEU A 784 -27.67 4.34 -1.62
N ARG A 785 -28.76 4.96 -1.17
CA ARG A 785 -29.65 5.61 -2.10
C ARG A 785 -28.97 6.70 -2.92
N GLN A 786 -28.03 7.40 -2.30
CA GLN A 786 -27.31 8.48 -2.97
C GLN A 786 -26.47 7.96 -4.12
N ALA A 787 -25.82 6.82 -3.89
CA ALA A 787 -24.97 6.20 -4.90
C ALA A 787 -25.76 5.32 -5.86
N THR A 788 -27.09 5.46 -5.87
CA THR A 788 -27.92 4.65 -6.75
C THR A 788 -29.21 5.36 -7.14
N GLY A 789 -29.22 6.68 -6.99
CA GLY A 789 -30.41 7.44 -7.34
C GLY A 789 -31.67 6.87 -6.73
N GLY A 790 -31.56 6.37 -5.50
CA GLY A 790 -32.72 5.80 -4.84
C GLY A 790 -33.29 4.61 -5.61
N GLN A 791 -32.42 3.92 -6.34
CA GLN A 791 -32.86 2.77 -7.12
C GLN A 791 -32.75 1.49 -6.33
N ALA A 792 -31.78 1.45 -5.41
CA ALA A 792 -31.56 0.28 -4.56
C ALA A 792 -32.58 0.21 -3.43
N PHE A 793 -32.99 -1.00 -3.08
CA PHE A 793 -33.97 -1.21 -2.01
C PHE A 793 -33.38 -2.19 -0.99
N PRO A 794 -32.81 -1.67 0.12
CA PRO A 794 -32.22 -2.55 1.12
C PRO A 794 -33.17 -3.02 2.22
N GLN A 795 -32.66 -3.96 3.00
CA GLN A 795 -33.34 -4.51 4.16
C GLN A 795 -32.18 -5.21 4.84
N MET A 796 -32.11 -5.18 6.15
CA MET A 796 -31.00 -5.84 6.79
C MET A 796 -31.36 -6.52 8.10
N VAL A 797 -30.54 -7.50 8.50
CA VAL A 797 -30.77 -8.26 9.74
C VAL A 797 -29.49 -8.73 10.38
N PHE A 798 -29.50 -8.83 11.70
CA PHE A 798 -28.33 -9.32 12.36
C PHE A 798 -28.11 -10.75 11.87
N ASP A 799 -26.87 -11.09 11.54
CA ASP A 799 -26.57 -12.39 11.00
C ASP A 799 -25.51 -13.18 11.75
N HIS A 800 -24.44 -12.55 12.20
CA HIS A 800 -23.41 -13.29 12.88
C HIS A 800 -22.31 -12.48 13.57
N TRP A 801 -21.55 -13.16 14.43
CA TRP A 801 -20.44 -12.49 15.10
C TRP A 801 -19.22 -12.76 14.26
N SER A 802 -18.25 -11.85 14.28
CA SER A 802 -17.05 -12.03 13.48
C SER A 802 -15.78 -11.53 14.20
N THR A 803 -14.83 -12.44 14.39
CA THR A 803 -13.62 -12.06 15.08
C THR A 803 -12.75 -11.07 14.31
N LEU A 804 -12.28 -10.07 15.02
CA LEU A 804 -11.39 -9.07 14.47
C LEU A 804 -9.96 -9.54 14.74
N GLY A 805 -9.17 -9.69 13.69
CA GLY A 805 -7.79 -10.13 13.87
C GLY A 805 -6.91 -9.19 14.67
N SER A 806 -7.19 -7.89 14.58
CA SER A 806 -6.43 -6.88 15.30
C SER A 806 -6.28 -7.23 16.77
N ASP A 807 -5.30 -6.61 17.43
CA ASP A 807 -5.04 -6.86 18.84
C ASP A 807 -5.84 -5.89 19.71
N PRO A 808 -6.75 -6.43 20.53
CA PRO A 808 -7.62 -5.66 21.43
C PRO A 808 -6.88 -4.81 22.46
N LEU A 809 -5.67 -5.24 22.78
CA LEU A 809 -4.85 -4.56 23.77
C LEU A 809 -3.86 -3.50 23.26
N ASP A 810 -3.82 -3.30 21.95
CA ASP A 810 -2.94 -2.30 21.37
C ASP A 810 -3.81 -1.17 20.80
N PRO A 811 -4.07 -0.14 21.60
CA PRO A 811 -4.89 1.03 21.28
C PRO A 811 -4.83 1.55 19.86
N THR A 812 -3.81 1.17 19.11
CA THR A 812 -3.65 1.65 17.75
C THR A 812 -4.47 0.88 16.72
N SER A 813 -4.64 -0.41 16.96
CA SER A 813 -5.39 -1.29 16.05
C SER A 813 -6.88 -0.97 16.04
N LYS A 814 -7.56 -1.46 15.02
CA LYS A 814 -8.99 -1.22 14.90
C LYS A 814 -9.69 -1.66 16.18
N ALA A 815 -9.36 -2.86 16.66
CA ALA A 815 -9.92 -3.43 17.88
C ALA A 815 -9.55 -2.58 19.10
N GLY A 816 -8.27 -2.25 19.23
CA GLY A 816 -7.81 -1.43 20.34
C GLY A 816 -8.53 -0.10 20.39
N GLU A 817 -8.78 0.48 19.21
CA GLU A 817 -9.49 1.74 19.10
C GLU A 817 -10.87 1.57 19.73
N ILE A 818 -11.55 0.50 19.33
CA ILE A 818 -12.89 0.17 19.82
C ILE A 818 -12.89 0.02 21.35
N VAL A 819 -11.99 -0.80 21.86
CA VAL A 819 -11.91 -1.05 23.29
C VAL A 819 -11.63 0.25 24.03
N LEU A 820 -10.66 1.00 23.54
CA LEU A 820 -10.29 2.28 24.13
C LEU A 820 -11.54 3.13 24.29
N ALA A 821 -12.10 3.51 23.16
CA ALA A 821 -13.31 4.30 23.14
C ALA A 821 -14.35 3.78 24.14
N ALA A 822 -14.52 2.47 24.19
CA ALA A 822 -15.51 1.87 25.10
C ALA A 822 -15.19 2.11 26.57
N ARG A 823 -13.97 1.75 26.96
CA ARG A 823 -13.55 1.94 28.35
C ARG A 823 -13.78 3.40 28.69
N LYS A 824 -13.26 4.29 27.84
CA LYS A 824 -13.41 5.72 28.01
C LYS A 824 -14.89 6.06 28.29
N ARG A 825 -15.75 5.71 27.35
CA ARG A 825 -17.17 5.98 27.52
C ARG A 825 -17.64 5.54 28.90
N HIS A 826 -17.15 4.38 29.35
CA HIS A 826 -17.54 3.82 30.62
C HIS A 826 -16.91 4.40 31.88
N GLY A 827 -15.86 5.18 31.71
CA GLY A 827 -15.21 5.75 32.88
C GLY A 827 -14.38 4.71 33.59
N MET A 828 -13.71 3.90 32.79
CA MET A 828 -12.84 2.85 33.29
C MET A 828 -11.45 3.37 32.97
N LYS A 829 -10.43 2.70 33.50
CA LYS A 829 -9.08 3.14 33.16
C LYS A 829 -8.95 2.92 31.65
N GLU A 830 -8.20 3.78 30.98
CA GLU A 830 -8.05 3.61 29.55
C GLU A 830 -7.17 2.41 29.23
N GLU A 831 -6.27 2.07 30.14
CA GLU A 831 -5.36 0.94 29.93
C GLU A 831 -6.01 -0.40 30.28
N VAL A 832 -5.74 -1.43 29.49
CA VAL A 832 -6.34 -2.73 29.78
C VAL A 832 -5.40 -3.61 30.61
N PRO A 833 -5.80 -3.94 31.85
CA PRO A 833 -5.00 -4.77 32.74
C PRO A 833 -4.53 -6.06 32.07
N GLY A 834 -3.22 -6.18 31.88
CA GLY A 834 -2.64 -7.38 31.28
C GLY A 834 -2.86 -8.60 32.18
N TRP A 835 -2.64 -9.79 31.67
CA TRP A 835 -2.86 -11.00 32.46
C TRP A 835 -2.16 -11.09 33.82
N GLN A 836 -0.93 -10.60 33.88
CA GLN A 836 -0.13 -10.63 35.11
C GLN A 836 -0.84 -10.10 36.37
N GLU A 837 -1.58 -9.01 36.24
CA GLU A 837 -2.26 -8.44 37.39
C GLU A 837 -3.32 -9.40 37.88
N TYR A 838 -3.49 -10.52 37.18
CA TYR A 838 -4.48 -11.52 37.54
C TYR A 838 -3.76 -12.81 37.93
N TYR A 839 -2.58 -13.01 37.35
CA TYR A 839 -1.74 -14.18 37.59
C TYR A 839 -1.03 -14.11 38.95
N ASP A 840 -0.81 -15.26 39.58
CA ASP A 840 -0.16 -15.34 40.88
C ASP A 840 0.95 -16.40 40.87
N LYS A 841 2.21 -15.97 40.88
CA LYS A 841 3.36 -16.89 40.87
C LYS A 841 3.64 -17.57 42.21
N LEU A 842 4.82 -18.18 42.31
CA LEU A 842 5.31 -18.90 43.50
C LEU A 842 4.20 -19.39 44.43
N ALA B 3 36.24 -38.16 28.55
CA ALA B 3 34.94 -38.81 28.17
C ALA B 3 33.92 -38.78 29.32
N PHE B 4 32.75 -38.19 29.08
CA PHE B 4 31.70 -38.10 30.10
C PHE B 4 30.35 -38.52 29.57
N THR B 5 29.37 -38.56 30.48
CA THR B 5 27.98 -38.92 30.16
C THR B 5 27.13 -37.66 30.24
N VAL B 6 25.94 -37.69 29.68
CA VAL B 6 25.08 -36.52 29.68
C VAL B 6 24.90 -35.88 31.06
N ASP B 7 24.75 -36.70 32.09
CA ASP B 7 24.58 -36.18 33.45
C ASP B 7 25.88 -35.57 33.98
N GLN B 8 26.99 -36.26 33.77
CA GLN B 8 28.28 -35.75 34.22
C GLN B 8 28.45 -34.35 33.67
N MET B 9 28.16 -34.19 32.39
CA MET B 9 28.26 -32.89 31.73
C MET B 9 27.36 -31.90 32.47
N ARG B 10 26.08 -32.25 32.55
CA ARG B 10 25.09 -31.42 33.21
C ARG B 10 25.54 -30.95 34.58
N SER B 11 26.45 -31.72 35.18
CA SER B 11 26.98 -31.41 36.49
C SER B 11 27.97 -30.25 36.42
N LEU B 12 28.91 -30.31 35.47
CA LEU B 12 29.90 -29.26 35.30
C LEU B 12 29.23 -27.93 34.99
N MET B 13 28.13 -28.02 34.24
CA MET B 13 27.35 -26.86 33.81
C MET B 13 26.62 -26.14 34.93
N ASP B 14 26.43 -26.81 36.06
CA ASP B 14 25.75 -26.18 37.20
C ASP B 14 26.73 -25.26 37.94
N LYS B 15 27.99 -25.65 37.95
CA LYS B 15 29.02 -24.85 38.59
C LYS B 15 29.64 -23.90 37.57
N VAL B 16 28.89 -22.85 37.19
CA VAL B 16 29.36 -21.88 36.21
C VAL B 16 30.50 -21.01 36.72
N THR B 17 30.82 -21.12 38.00
CA THR B 17 31.92 -20.35 38.54
C THR B 17 33.15 -21.11 38.09
N ASN B 18 32.90 -22.35 37.65
CA ASN B 18 33.96 -23.25 37.19
C ASN B 18 33.78 -23.55 35.70
N VAL B 19 33.44 -22.51 34.95
CA VAL B 19 33.25 -22.60 33.51
C VAL B 19 34.09 -21.50 32.88
N ARG B 20 34.63 -21.76 31.70
CA ARG B 20 35.45 -20.78 31.01
C ARG B 20 35.08 -20.68 29.54
N ASN B 21 34.39 -19.62 29.17
CA ASN B 21 34.01 -19.44 27.78
C ASN B 21 35.04 -18.57 27.09
N MET B 22 35.82 -19.18 26.22
CA MET B 22 36.85 -18.46 25.48
C MET B 22 37.11 -19.02 24.08
N SER B 23 38.10 -18.43 23.43
CA SER B 23 38.49 -18.81 22.09
C SER B 23 39.95 -18.46 21.94
N VAL B 24 40.56 -19.01 20.89
CA VAL B 24 41.95 -18.74 20.61
C VAL B 24 42.01 -17.65 19.55
N ILE B 25 42.59 -16.52 19.93
CA ILE B 25 42.75 -15.39 19.04
C ILE B 25 44.16 -15.45 18.47
N ALA B 26 44.23 -15.63 17.16
CA ALA B 26 45.52 -15.67 16.51
C ALA B 26 45.48 -15.14 15.09
N HIS B 27 46.66 -14.95 14.54
CA HIS B 27 46.88 -14.49 13.19
C HIS B 27 47.07 -15.73 12.33
N VAL B 28 46.99 -15.58 11.01
CA VAL B 28 47.15 -16.70 10.09
C VAL B 28 48.51 -17.34 10.33
N ASP B 29 48.56 -18.65 10.35
CA ASP B 29 49.83 -19.35 10.57
C ASP B 29 50.52 -19.26 11.92
N HIS B 30 50.08 -18.38 12.82
CA HIS B 30 50.73 -18.29 14.13
C HIS B 30 50.59 -19.52 15.02
N GLY B 31 49.91 -20.56 14.52
CA GLY B 31 49.76 -21.79 15.28
C GLY B 31 48.42 -22.03 15.96
N LYS B 32 47.43 -21.20 15.65
CA LYS B 32 46.11 -21.35 16.25
C LYS B 32 45.61 -22.79 16.18
N SER B 33 45.51 -23.32 14.98
CA SER B 33 45.01 -24.69 14.83
C SER B 33 45.84 -25.73 15.58
N THR B 34 47.15 -25.74 15.37
CA THR B 34 47.99 -26.71 16.06
C THR B 34 47.78 -26.61 17.56
N LEU B 35 47.80 -25.38 18.07
CA LEU B 35 47.61 -25.14 19.50
C LEU B 35 46.33 -25.77 20.04
N THR B 36 45.20 -25.32 19.51
CA THR B 36 43.93 -25.84 19.97
C THR B 36 43.82 -27.37 19.79
N ASP B 37 44.67 -27.95 18.94
CA ASP B 37 44.65 -29.40 18.73
C ASP B 37 45.38 -30.05 19.90
N SER B 38 46.32 -29.31 20.46
CA SER B 38 47.10 -29.78 21.59
C SER B 38 46.18 -29.83 22.81
N LEU B 39 45.37 -28.79 22.94
CA LEU B 39 44.42 -28.69 24.04
C LEU B 39 43.41 -29.83 23.96
N VAL B 40 42.87 -30.09 22.77
CA VAL B 40 41.88 -31.13 22.60
C VAL B 40 42.42 -32.52 22.86
N GLN B 41 43.64 -32.81 22.39
CA GLN B 41 44.23 -34.12 22.60
C GLN B 41 44.53 -34.35 24.08
N ARG B 42 44.71 -33.27 24.82
CA ARG B 42 44.99 -33.36 26.25
C ARG B 42 43.73 -33.31 27.10
N ALA B 43 42.83 -32.38 26.78
CA ALA B 43 41.61 -32.22 27.57
C ALA B 43 40.27 -32.42 26.84
N GLY B 44 40.31 -32.74 25.57
CA GLY B 44 39.07 -32.93 24.84
C GLY B 44 38.03 -33.81 25.52
N ILE B 45 36.79 -33.37 25.50
CA ILE B 45 35.69 -34.11 26.11
C ILE B 45 34.87 -34.80 25.04
N ILE B 46 34.31 -35.97 25.38
CA ILE B 46 33.49 -36.74 24.45
C ILE B 46 32.32 -37.38 25.18
N SER B 47 31.32 -37.83 24.43
CA SER B 47 30.16 -38.49 25.02
C SER B 47 30.47 -39.98 25.14
N ALA B 48 29.79 -40.67 26.05
CA ALA B 48 30.01 -42.10 26.26
C ALA B 48 28.71 -42.86 26.16
N GLY B 67 22.72 -41.07 12.13
CA GLY B 67 23.85 -40.37 12.72
C GLY B 67 23.86 -38.91 12.33
N ILE B 68 23.74 -38.03 13.31
CA ILE B 68 23.74 -36.61 13.03
C ILE B 68 25.09 -35.99 13.36
N THR B 69 25.64 -35.30 12.37
CA THR B 69 26.91 -34.61 12.50
C THR B 69 26.63 -33.14 12.22
N ILE B 70 27.53 -32.28 12.63
CA ILE B 70 27.35 -30.86 12.41
C ILE B 70 28.71 -30.23 12.19
N LYS B 71 28.71 -29.03 11.64
CA LYS B 71 29.95 -28.32 11.41
C LYS B 71 30.48 -27.90 12.78
N SER B 72 31.62 -28.44 13.16
CA SER B 72 32.20 -28.09 14.43
C SER B 72 32.13 -26.58 14.65
N THR B 73 31.62 -26.16 15.80
CA THR B 73 31.50 -24.74 16.11
C THR B 73 32.20 -24.41 17.43
N ALA B 74 32.34 -25.42 18.29
CA ALA B 74 32.99 -25.24 19.57
C ALA B 74 33.33 -26.60 20.20
N ILE B 75 34.31 -26.61 21.11
CA ILE B 75 34.70 -27.85 21.76
C ILE B 75 34.72 -27.67 23.27
N SER B 76 34.41 -28.73 24.00
CA SER B 76 34.40 -28.69 25.46
C SER B 76 35.69 -29.26 26.03
N LEU B 77 36.35 -28.50 26.89
CA LEU B 77 37.60 -28.93 27.51
C LEU B 77 37.45 -29.10 29.03
N TYR B 78 37.97 -30.21 29.55
CA TYR B 78 37.91 -30.53 30.98
C TYR B 78 39.26 -30.45 31.68
N SER B 79 39.35 -29.66 32.75
CA SER B 79 40.61 -29.51 33.48
C SER B 79 40.48 -29.54 35.00
N GLU B 80 41.32 -30.36 35.64
CA GLU B 80 41.35 -30.50 37.10
C GLU B 80 42.56 -29.76 37.69
N MET B 81 42.30 -28.91 38.67
CA MET B 81 43.36 -28.14 39.33
C MET B 81 43.54 -28.59 40.79
N SER B 82 44.75 -28.44 41.31
CA SER B 82 45.06 -28.82 42.69
C SER B 82 44.51 -27.80 43.69
N ASP B 83 44.01 -28.32 44.81
CA ASP B 83 43.42 -27.51 45.88
C ASP B 83 44.08 -26.16 46.14
N GLU B 84 45.40 -26.07 45.98
CA GLU B 84 46.10 -24.81 46.22
C GLU B 84 46.00 -23.93 44.98
N ASP B 85 46.19 -24.53 43.81
CA ASP B 85 46.11 -23.80 42.55
C ASP B 85 44.74 -23.15 42.50
N VAL B 86 43.73 -23.90 42.94
CA VAL B 86 42.35 -23.43 42.96
C VAL B 86 42.19 -22.20 43.86
N LYS B 87 43.12 -22.01 44.78
CA LYS B 87 43.09 -20.87 45.69
C LYS B 87 43.78 -19.66 45.06
N GLU B 88 44.58 -19.91 44.04
CA GLU B 88 45.30 -18.85 43.33
C GLU B 88 44.31 -18.12 42.44
N ILE B 89 43.13 -18.70 42.29
CA ILE B 89 42.07 -18.15 41.46
C ILE B 89 41.37 -17.00 42.18
N LYS B 90 41.58 -15.77 41.70
CA LYS B 90 40.97 -14.61 42.33
C LYS B 90 39.50 -14.37 41.93
N GLN B 91 38.70 -15.43 41.98
CA GLN B 91 37.28 -15.33 41.63
C GLN B 91 36.52 -16.56 42.17
N LYS B 92 35.19 -16.45 42.27
CA LYS B 92 34.38 -17.54 42.80
C LYS B 92 34.65 -18.90 42.19
N THR B 93 35.12 -19.83 43.04
CA THR B 93 35.41 -21.19 42.60
C THR B 93 34.62 -22.16 43.47
N ASP B 94 34.24 -23.30 42.91
CA ASP B 94 33.48 -24.29 43.67
C ASP B 94 33.83 -25.69 43.19
N GLY B 95 35.00 -26.16 43.60
CA GLY B 95 35.47 -27.47 43.20
C GLY B 95 36.83 -27.33 42.55
N ASN B 96 37.32 -28.40 41.94
CA ASN B 96 38.61 -28.36 41.29
C ASN B 96 38.48 -28.58 39.79
N SER B 97 37.30 -29.03 39.37
CA SER B 97 37.03 -29.28 37.97
C SER B 97 36.56 -28.00 37.29
N PHE B 98 36.90 -27.87 36.02
CA PHE B 98 36.53 -26.71 35.24
C PHE B 98 36.16 -27.11 33.83
N LEU B 99 35.06 -26.55 33.33
CA LEU B 99 34.58 -26.82 31.97
C LEU B 99 34.97 -25.64 31.10
N ILE B 100 35.89 -25.87 30.18
CA ILE B 100 36.34 -24.83 29.27
C ILE B 100 35.65 -25.00 27.94
N ASN B 101 34.99 -23.95 27.46
CA ASN B 101 34.32 -24.00 26.17
C ASN B 101 35.21 -23.23 25.23
N LEU B 102 35.73 -23.93 24.23
CA LEU B 102 36.59 -23.29 23.24
C LEU B 102 35.81 -23.03 21.97
N ILE B 103 35.24 -21.83 21.85
CA ILE B 103 34.46 -21.46 20.68
C ILE B 103 35.38 -21.22 19.50
N ASP B 104 35.06 -21.83 18.37
CA ASP B 104 35.86 -21.67 17.16
C ASP B 104 35.57 -20.32 16.50
N ASP B 110 38.74 -9.67 9.60
CA ASP B 110 38.43 -8.32 9.20
C ASP B 110 36.94 -8.17 9.11
N PHE B 111 36.22 -9.30 9.19
CA PHE B 111 34.76 -9.31 9.12
C PHE B 111 34.16 -9.15 10.51
N SER B 112 34.32 -7.96 11.08
CA SER B 112 33.84 -7.64 12.43
C SER B 112 32.55 -8.35 12.81
N SER B 113 31.41 -7.75 12.46
CA SER B 113 30.10 -8.32 12.76
C SER B 113 30.09 -9.85 12.75
N GLU B 114 30.81 -10.45 11.79
CA GLU B 114 30.88 -11.90 11.67
C GLU B 114 31.69 -12.53 12.80
N VAL B 115 32.86 -11.94 13.07
CA VAL B 115 33.75 -12.40 14.13
C VAL B 115 33.27 -11.90 15.50
N THR B 116 32.99 -10.60 15.58
CA THR B 116 32.51 -9.98 16.81
C THR B 116 31.32 -10.75 17.37
N ALA B 117 30.41 -11.16 16.48
CA ALA B 117 29.23 -11.91 16.88
C ALA B 117 29.66 -13.16 17.63
N ALA B 118 30.63 -13.88 17.05
CA ALA B 118 31.13 -15.09 17.67
C ALA B 118 31.88 -14.78 18.97
N LEU B 119 32.69 -13.74 18.98
CA LEU B 119 33.44 -13.38 20.17
C LEU B 119 32.50 -12.98 21.28
N ARG B 120 31.37 -12.40 20.88
CA ARG B 120 30.37 -11.94 21.84
C ARG B 120 30.00 -12.99 22.90
N VAL B 121 30.02 -14.28 22.53
CA VAL B 121 29.67 -15.33 23.49
C VAL B 121 30.86 -15.83 24.34
N THR B 122 32.00 -15.14 24.25
CA THR B 122 33.16 -15.55 25.03
C THR B 122 33.58 -14.43 25.99
N ASP B 123 34.15 -14.80 27.13
CA ASP B 123 34.56 -13.81 28.11
C ASP B 123 36.08 -13.79 28.20
N GLY B 124 36.69 -14.83 27.62
CA GLY B 124 38.13 -14.93 27.63
C GLY B 124 38.72 -15.17 26.26
N ALA B 125 40.02 -14.92 26.13
CA ALA B 125 40.70 -15.09 24.86
C ALA B 125 42.19 -15.38 25.01
N LEU B 126 42.64 -16.41 24.32
CA LEU B 126 44.04 -16.81 24.33
C LEU B 126 44.69 -16.22 23.07
N VAL B 127 45.35 -15.08 23.22
CA VAL B 127 46.01 -14.46 22.07
C VAL B 127 47.33 -15.14 21.79
N VAL B 128 47.52 -15.55 20.53
CA VAL B 128 48.74 -16.22 20.11
C VAL B 128 49.62 -15.28 19.31
N VAL B 129 50.90 -15.25 19.63
CA VAL B 129 51.84 -14.38 18.92
C VAL B 129 53.12 -15.14 18.59
N ASP B 130 53.60 -14.98 17.36
CA ASP B 130 54.82 -15.63 16.86
C ASP B 130 56.06 -14.93 17.44
N THR B 131 57.08 -15.72 17.78
CA THR B 131 58.31 -15.17 18.35
C THR B 131 59.07 -14.32 17.34
N ILE B 132 59.12 -14.81 16.10
CA ILE B 132 59.81 -14.11 15.01
C ILE B 132 59.07 -12.85 14.57
N GLU B 133 57.89 -13.02 13.98
CA GLU B 133 57.10 -11.90 13.49
C GLU B 133 56.44 -11.06 14.58
N GLY B 134 56.47 -11.56 15.81
CA GLY B 134 55.87 -10.83 16.92
C GLY B 134 54.49 -10.29 16.62
N VAL B 135 54.16 -9.17 17.26
CA VAL B 135 52.86 -8.53 17.08
C VAL B 135 52.74 -7.79 15.75
N CYS B 136 51.62 -7.99 15.05
CA CYS B 136 51.39 -7.34 13.76
C CYS B 136 49.95 -6.83 13.63
N VAL B 137 49.63 -6.25 12.47
CA VAL B 137 48.31 -5.70 12.22
C VAL B 137 47.20 -6.70 12.47
N GLN B 138 47.16 -7.77 11.67
CA GLN B 138 46.13 -8.79 11.81
C GLN B 138 45.79 -8.96 13.29
N THR B 139 46.82 -8.91 14.12
CA THR B 139 46.68 -9.05 15.57
C THR B 139 46.03 -7.81 16.18
N GLU B 140 46.80 -6.72 16.26
CA GLU B 140 46.30 -5.45 16.82
C GLU B 140 44.82 -5.30 16.48
N THR B 141 44.45 -5.70 15.27
CA THR B 141 43.07 -5.62 14.81
C THR B 141 42.19 -6.60 15.62
N VAL B 142 42.58 -7.88 15.62
CA VAL B 142 41.83 -8.90 16.35
C VAL B 142 41.74 -8.66 17.85
N LEU B 143 42.88 -8.47 18.49
CA LEU B 143 42.89 -8.20 19.92
C LEU B 143 41.99 -7.02 20.24
N ARG B 144 41.92 -6.05 19.33
CA ARG B 144 41.09 -4.87 19.55
C ARG B 144 39.60 -5.14 19.42
N GLN B 145 39.23 -6.14 18.63
CA GLN B 145 37.82 -6.51 18.47
C GLN B 145 37.43 -7.16 19.78
N ALA B 146 38.37 -7.96 20.30
CA ALA B 146 38.20 -8.68 21.54
C ALA B 146 37.99 -7.72 22.70
N LEU B 147 38.95 -6.83 22.91
CA LEU B 147 38.85 -5.86 23.98
C LEU B 147 37.51 -5.12 23.82
N GLY B 148 37.12 -4.90 22.57
CA GLY B 148 35.87 -4.24 22.31
C GLY B 148 34.74 -4.87 23.09
N GLU B 149 34.58 -6.19 22.95
CA GLU B 149 33.52 -6.92 23.65
C GLU B 149 33.84 -7.14 25.13
N ARG B 150 34.82 -6.38 25.63
CA ARG B 150 35.23 -6.50 27.02
C ARG B 150 35.61 -7.94 27.37
N ILE B 151 36.59 -8.47 26.64
CA ILE B 151 37.09 -9.82 26.84
C ILE B 151 38.52 -9.70 27.38
N LYS B 152 38.85 -10.46 28.43
CA LYS B 152 40.18 -10.39 29.00
C LYS B 152 41.14 -11.30 28.26
N PRO B 153 42.37 -10.84 28.02
CA PRO B 153 43.33 -11.67 27.30
C PRO B 153 44.44 -12.35 28.10
N VAL B 154 45.07 -13.33 27.46
CA VAL B 154 46.20 -14.08 28.00
C VAL B 154 47.04 -14.35 26.76
N VAL B 155 48.34 -14.15 26.88
CA VAL B 155 49.21 -14.33 25.74
C VAL B 155 50.08 -15.56 25.76
N VAL B 156 50.40 -16.06 24.57
CA VAL B 156 51.27 -17.21 24.38
C VAL B 156 52.19 -16.90 23.21
N ILE B 157 53.47 -16.72 23.51
CA ILE B 157 54.43 -16.46 22.44
C ILE B 157 54.72 -17.84 21.87
N ASN B 158 54.23 -18.07 20.65
CA ASN B 158 54.39 -19.37 19.99
C ASN B 158 55.51 -19.40 18.94
N LYS B 159 55.93 -20.61 18.61
CA LYS B 159 57.00 -20.83 17.63
C LYS B 159 58.33 -20.38 18.21
N VAL B 160 58.55 -20.73 19.47
CA VAL B 160 59.79 -20.39 20.16
C VAL B 160 60.86 -21.34 19.66
N ASP B 161 60.45 -22.56 19.31
CA ASP B 161 61.37 -23.56 18.79
C ASP B 161 62.11 -23.00 17.58
N ARG B 162 61.34 -22.34 16.72
CA ARG B 162 61.85 -21.72 15.49
C ARG B 162 62.96 -20.72 15.82
N ALA B 163 62.72 -19.86 16.81
CA ALA B 163 63.72 -18.86 17.20
C ALA B 163 65.06 -19.49 17.61
N LEU B 164 65.02 -20.67 18.22
CA LEU B 164 66.24 -21.35 18.66
C LEU B 164 66.89 -22.10 17.48
N LEU B 165 66.33 -23.26 17.14
CA LEU B 165 66.85 -24.07 16.04
C LEU B 165 67.28 -23.24 14.84
N GLU B 166 66.43 -22.31 14.44
CA GLU B 166 66.68 -21.46 13.28
C GLU B 166 67.72 -20.36 13.51
N LEU B 167 67.24 -19.20 13.97
CA LEU B 167 68.08 -18.03 14.25
C LEU B 167 69.18 -18.25 15.28
N GLN B 168 69.20 -19.42 15.90
CA GLN B 168 70.19 -19.75 16.93
C GLN B 168 70.43 -18.54 17.82
N VAL B 169 69.40 -18.20 18.59
CA VAL B 169 69.40 -17.06 19.51
C VAL B 169 70.14 -17.37 20.79
N SER B 170 70.46 -16.32 21.55
CA SER B 170 71.13 -16.47 22.82
C SER B 170 70.04 -16.15 23.84
N LYS B 171 70.24 -16.58 25.08
CA LYS B 171 69.27 -16.36 26.14
C LYS B 171 68.79 -14.91 26.26
N GLU B 172 69.73 -13.99 26.45
CA GLU B 172 69.39 -12.57 26.59
C GLU B 172 68.74 -11.94 25.36
N ASP B 173 68.95 -12.52 24.17
CA ASP B 173 68.33 -11.99 22.96
C ASP B 173 66.85 -12.33 22.99
N LEU B 174 66.56 -13.61 23.23
CA LEU B 174 65.20 -14.13 23.31
C LEU B 174 64.43 -13.28 24.31
N TYR B 175 64.93 -13.21 25.54
CA TYR B 175 64.29 -12.43 26.59
C TYR B 175 63.83 -11.11 26.03
N GLN B 176 64.73 -10.44 25.32
CA GLN B 176 64.41 -9.15 24.71
C GLN B 176 63.23 -9.30 23.75
N THR B 177 63.31 -10.27 22.85
CA THR B 177 62.23 -10.48 21.89
C THR B 177 60.89 -10.62 22.59
N PHE B 178 60.88 -11.35 23.71
CA PHE B 178 59.66 -11.53 24.48
C PHE B 178 59.22 -10.21 25.09
N ALA B 179 60.15 -9.58 25.81
CA ALA B 179 59.89 -8.30 26.45
C ALA B 179 59.27 -7.33 25.45
N ARG B 180 59.87 -7.28 24.25
CA ARG B 180 59.39 -6.40 23.19
C ARG B 180 57.94 -6.75 22.84
N THR B 181 57.68 -8.03 22.60
CA THR B 181 56.34 -8.51 22.24
C THR B 181 55.32 -8.24 23.34
N VAL B 182 55.67 -8.58 24.58
CA VAL B 182 54.77 -8.37 25.70
C VAL B 182 54.37 -6.91 25.78
N GLU B 183 55.35 -6.02 25.58
CA GLU B 183 55.14 -4.57 25.62
C GLU B 183 54.14 -4.13 24.54
N SER B 184 54.50 -4.35 23.28
CA SER B 184 53.65 -4.00 22.14
C SER B 184 52.20 -4.34 22.42
N VAL B 185 51.97 -5.53 22.94
CA VAL B 185 50.62 -5.99 23.27
C VAL B 185 49.96 -5.05 24.27
N ASN B 186 50.59 -4.88 25.43
CA ASN B 186 50.05 -4.02 26.48
C ASN B 186 49.71 -2.61 25.98
N VAL B 187 50.38 -2.17 24.91
CA VAL B 187 50.11 -0.85 24.36
C VAL B 187 48.70 -0.89 23.79
N ILE B 188 48.41 -1.94 23.02
CA ILE B 188 47.11 -2.13 22.40
C ILE B 188 46.03 -2.25 23.45
N VAL B 189 46.35 -2.94 24.53
CA VAL B 189 45.41 -3.17 25.64
C VAL B 189 45.05 -1.85 26.34
N SER B 190 46.01 -1.26 27.05
CA SER B 190 45.76 -0.01 27.76
C SER B 190 45.25 1.10 26.85
N THR B 191 45.24 0.85 25.55
CA THR B 191 44.78 1.82 24.57
C THR B 191 43.32 1.58 24.18
N TYR B 192 42.93 0.31 24.04
CA TYR B 192 41.56 0.00 23.66
C TYR B 192 40.79 -0.66 24.80
N ALA B 193 41.52 -1.17 25.80
CA ALA B 193 40.88 -1.80 26.95
C ALA B 193 40.14 -0.72 27.72
N ASP B 194 39.07 -1.12 28.40
CA ASP B 194 38.25 -0.19 29.17
C ASP B 194 38.78 0.14 30.56
N GLU B 195 38.42 1.32 31.05
CA GLU B 195 38.83 1.77 32.37
C GLU B 195 37.97 1.05 33.42
N VAL B 196 36.77 0.64 32.99
CA VAL B 196 35.84 -0.08 33.87
C VAL B 196 36.50 -1.37 34.33
N LEU B 197 37.18 -2.05 33.39
CA LEU B 197 37.86 -3.29 33.67
C LEU B 197 39.18 -3.03 34.39
N GLY B 198 39.55 -1.76 34.50
CA GLY B 198 40.79 -1.43 35.16
C GLY B 198 41.94 -2.00 34.34
N ASP B 199 43.12 -2.12 34.93
CA ASP B 199 44.24 -2.67 34.19
C ASP B 199 44.00 -4.14 33.86
N VAL B 200 43.98 -4.43 32.56
CA VAL B 200 43.78 -5.79 32.09
C VAL B 200 44.99 -6.19 31.24
N GLN B 201 46.06 -5.41 31.35
CA GLN B 201 47.28 -5.69 30.62
C GLN B 201 47.86 -7.02 31.07
N VAL B 202 48.75 -7.59 30.27
CA VAL B 202 49.33 -8.89 30.59
C VAL B 202 50.77 -8.79 31.11
N TYR B 203 51.03 -9.51 32.20
CA TYR B 203 52.35 -9.54 32.84
C TYR B 203 52.87 -10.96 32.99
N PRO B 204 54.06 -11.23 32.45
CA PRO B 204 54.66 -12.57 32.54
C PRO B 204 54.83 -13.07 33.97
N ALA B 205 55.28 -12.18 34.85
CA ALA B 205 55.50 -12.53 36.25
C ALA B 205 54.22 -13.03 36.91
N ARG B 206 53.10 -12.39 36.59
CA ARG B 206 51.81 -12.75 37.16
C ARG B 206 51.23 -14.04 36.55
N GLY B 207 51.98 -14.67 35.67
CA GLY B 207 51.51 -15.91 35.05
C GLY B 207 50.35 -15.76 34.09
N THR B 208 50.44 -14.79 33.18
CA THR B 208 49.40 -14.56 32.20
C THR B 208 49.97 -14.60 30.78
N VAL B 209 51.29 -14.77 30.68
CA VAL B 209 51.96 -14.88 29.39
C VAL B 209 52.58 -16.27 29.31
N ALA B 210 52.47 -16.91 28.16
CA ALA B 210 53.02 -18.25 27.98
C ALA B 210 54.01 -18.31 26.83
N PHE B 211 55.06 -19.11 27.02
CA PHE B 211 56.11 -19.27 26.03
C PHE B 211 56.25 -20.74 25.66
N GLY B 212 56.32 -21.02 24.36
CA GLY B 212 56.46 -22.40 23.95
C GLY B 212 56.33 -22.65 22.46
N SER B 213 56.44 -23.92 22.10
CA SER B 213 56.33 -24.38 20.72
C SER B 213 55.05 -25.20 20.54
N GLY B 214 54.09 -24.63 19.82
CA GLY B 214 52.84 -25.33 19.60
C GLY B 214 53.10 -26.65 18.89
N LEU B 215 53.92 -26.60 17.84
CA LEU B 215 54.24 -27.79 17.06
C LEU B 215 54.90 -28.89 17.88
N HIS B 216 55.95 -28.55 18.63
CA HIS B 216 56.66 -29.53 19.44
C HIS B 216 55.95 -30.00 20.71
N GLY B 217 54.83 -29.37 21.04
CA GLY B 217 54.06 -29.77 22.21
C GLY B 217 54.64 -29.40 23.57
N TRP B 218 55.14 -28.18 23.70
CA TRP B 218 55.69 -27.71 24.96
C TRP B 218 55.52 -26.20 25.14
N ALA B 219 55.15 -25.79 26.35
CA ALA B 219 54.96 -24.39 26.67
C ALA B 219 55.17 -24.24 28.17
N PHE B 220 55.34 -23.01 28.65
CA PHE B 220 55.54 -22.80 30.07
C PHE B 220 55.15 -21.39 30.52
N THR B 221 54.95 -21.23 31.83
CA THR B 221 54.60 -19.93 32.40
C THR B 221 55.53 -19.69 33.58
N ILE B 222 55.86 -18.42 33.82
CA ILE B 222 56.75 -18.06 34.93
C ILE B 222 56.26 -18.73 36.20
N ARG B 223 54.94 -18.78 36.36
CA ARG B 223 54.32 -19.38 37.52
C ARG B 223 54.59 -20.88 37.64
N GLN B 224 54.74 -21.56 36.50
CA GLN B 224 55.00 -22.99 36.53
C GLN B 224 56.35 -23.31 37.13
N PHE B 225 57.37 -22.58 36.71
CA PHE B 225 58.70 -22.80 37.24
C PHE B 225 58.87 -22.16 38.61
N ALA B 226 58.20 -21.03 38.81
CA ALA B 226 58.28 -20.33 40.07
C ALA B 226 57.67 -21.19 41.16
N THR B 227 56.66 -21.98 40.79
CA THR B 227 55.99 -22.86 41.75
C THR B 227 56.82 -24.13 41.94
N ARG B 228 57.63 -24.45 40.94
CA ARG B 228 58.49 -25.62 41.02
C ARG B 228 59.59 -25.30 42.05
N TYR B 229 60.43 -24.32 41.72
CA TYR B 229 61.51 -23.90 42.60
C TYR B 229 60.96 -23.27 43.89
N ALA B 230 59.65 -23.39 44.11
CA ALA B 230 59.01 -22.79 45.28
C ALA B 230 58.81 -23.70 46.47
N LYS B 231 58.39 -24.94 46.22
CA LYS B 231 58.16 -25.87 47.31
C LYS B 231 59.22 -26.97 47.34
N LYS B 232 60.02 -27.05 46.28
CA LYS B 232 61.08 -28.03 46.20
C LYS B 232 62.17 -27.52 47.14
N PHE B 233 61.74 -26.64 48.04
CA PHE B 233 62.54 -25.97 49.07
C PHE B 233 61.84 -24.63 49.32
N GLY B 234 61.62 -24.29 50.59
CA GLY B 234 60.92 -23.07 50.97
C GLY B 234 61.28 -21.68 50.42
N VAL B 235 60.26 -20.94 50.02
CA VAL B 235 60.33 -19.57 49.47
C VAL B 235 58.99 -19.29 48.78
N ASP B 236 58.28 -18.24 49.21
CA ASP B 236 56.98 -17.92 48.60
C ASP B 236 57.12 -17.72 47.10
N LYS B 237 56.23 -18.36 46.34
CA LYS B 237 56.26 -18.26 44.89
C LYS B 237 56.03 -16.82 44.46
N ALA B 238 55.10 -16.14 45.15
CA ALA B 238 54.74 -14.77 44.85
C ALA B 238 55.95 -13.87 44.60
N LYS B 239 56.90 -13.89 45.53
CA LYS B 239 58.11 -13.09 45.43
C LYS B 239 59.02 -13.58 44.31
N MET B 240 59.16 -14.90 44.22
CA MET B 240 60.00 -15.55 43.22
C MET B 240 59.65 -15.22 41.77
N MET B 241 58.43 -15.51 41.36
CA MET B 241 58.03 -15.24 39.99
C MET B 241 58.12 -13.77 39.61
N ASP B 242 58.34 -12.91 40.59
CA ASP B 242 58.48 -11.49 40.30
C ASP B 242 59.94 -11.30 39.94
N ARG B 243 60.78 -12.16 40.53
CA ARG B 243 62.22 -12.15 40.29
C ARG B 243 62.52 -12.88 38.98
N LEU B 244 61.79 -13.96 38.73
CA LEU B 244 61.97 -14.76 37.53
C LEU B 244 61.71 -14.02 36.22
N TRP B 245 61.44 -12.73 36.32
CA TRP B 245 61.20 -11.92 35.13
C TRP B 245 61.56 -10.48 35.44
N GLY B 246 62.00 -9.76 34.41
CA GLY B 246 62.38 -8.37 34.59
C GLY B 246 63.78 -8.18 35.16
N ASP B 247 64.15 -6.92 35.37
CA ASP B 247 65.46 -6.58 35.90
C ASP B 247 65.67 -7.02 37.34
N SER B 248 65.58 -8.33 37.56
CA SER B 248 65.80 -8.93 38.89
C SER B 248 66.85 -10.02 38.64
N PHE B 249 67.98 -9.95 39.32
CA PHE B 249 69.08 -10.89 39.10
C PHE B 249 69.48 -11.69 40.33
N PHE B 250 70.42 -12.61 40.14
CA PHE B 250 70.92 -13.44 41.24
C PHE B 250 72.42 -13.67 41.06
N ASN B 251 73.21 -13.13 41.99
CA ASN B 251 74.66 -13.28 41.94
C ASN B 251 75.05 -14.59 42.63
N PRO B 252 75.54 -15.58 41.86
CA PRO B 252 75.95 -16.88 42.41
C PRO B 252 77.00 -16.75 43.52
N LYS B 253 77.99 -15.89 43.29
CA LYS B 253 79.08 -15.67 44.23
C LYS B 253 78.55 -15.05 45.53
N THR B 254 78.08 -13.81 45.44
CA THR B 254 77.56 -13.10 46.61
C THR B 254 76.40 -13.86 47.27
N LYS B 255 75.82 -14.79 46.52
CA LYS B 255 74.71 -15.60 47.02
C LYS B 255 73.55 -14.69 47.41
N LYS B 256 73.54 -13.47 46.86
CA LYS B 256 72.50 -12.51 47.16
C LYS B 256 71.78 -12.00 45.92
N TRP B 257 70.79 -11.13 46.13
CA TRP B 257 69.99 -10.62 45.02
C TRP B 257 70.31 -9.20 44.55
N THR B 258 69.50 -8.72 43.60
CA THR B 258 69.68 -7.39 43.04
C THR B 258 68.64 -7.06 41.99
N ASN B 259 68.65 -5.79 41.58
CA ASN B 259 67.77 -5.26 40.55
C ASN B 259 68.74 -4.48 39.67
N LYS B 260 69.93 -5.04 39.53
CA LYS B 260 71.02 -4.45 38.75
C LYS B 260 71.65 -5.47 37.80
N ASP B 261 72.15 -5.00 36.66
CA ASP B 261 72.76 -5.90 35.67
C ASP B 261 74.28 -6.03 35.79
N THR B 262 74.83 -5.45 36.85
CA THR B 262 76.26 -5.51 37.12
C THR B 262 76.45 -5.48 38.63
N ASP B 263 77.38 -6.28 39.14
CA ASP B 263 77.64 -6.34 40.58
C ASP B 263 78.51 -5.18 41.06
N ALA B 264 79.04 -5.32 42.27
CA ALA B 264 79.89 -4.29 42.87
C ALA B 264 81.08 -3.92 41.99
N GLU B 265 81.72 -4.92 41.39
CA GLU B 265 82.87 -4.68 40.51
C GLU B 265 82.38 -4.29 39.11
N GLY B 266 81.08 -4.06 38.99
CA GLY B 266 80.50 -3.67 37.71
C GLY B 266 80.42 -4.82 36.72
N LYS B 267 80.95 -5.98 37.12
CA LYS B 267 80.95 -7.18 36.27
C LYS B 267 79.53 -7.61 35.93
N PRO B 268 79.29 -7.99 34.66
CA PRO B 268 77.96 -8.42 34.21
C PRO B 268 77.34 -9.58 35.01
N LEU B 269 76.09 -9.41 35.41
CA LEU B 269 75.35 -10.44 36.15
C LEU B 269 74.19 -10.88 35.25
N GLU B 270 73.85 -12.17 35.30
CA GLU B 270 72.76 -12.65 34.46
C GLU B 270 71.38 -12.52 35.07
N ARG B 271 70.43 -12.14 34.21
CA ARG B 271 69.03 -11.96 34.57
C ARG B 271 68.51 -13.25 35.20
N ALA B 272 67.44 -13.15 35.98
CA ALA B 272 66.87 -14.32 36.63
C ALA B 272 66.19 -15.23 35.60
N PHE B 273 65.43 -14.62 34.69
CA PHE B 273 64.72 -15.34 33.63
C PHE B 273 65.66 -16.24 32.85
N ASN B 274 66.77 -15.64 32.40
CA ASN B 274 67.76 -16.35 31.60
C ASN B 274 68.51 -17.42 32.38
N MET B 275 68.60 -17.25 33.70
CA MET B 275 69.34 -18.20 34.53
C MET B 275 68.64 -19.47 35.01
N PHE B 276 67.38 -19.35 35.44
CA PHE B 276 66.66 -20.52 35.92
C PHE B 276 65.61 -21.05 34.96
N ILE B 277 65.41 -20.35 33.84
CA ILE B 277 64.42 -20.78 32.86
C ILE B 277 65.01 -21.03 31.46
N LEU B 278 65.33 -19.97 30.73
CA LEU B 278 65.89 -20.12 29.40
C LEU B 278 67.12 -21.03 29.40
N ASP B 279 68.00 -20.86 30.39
CA ASP B 279 69.22 -21.68 30.45
C ASP B 279 68.91 -23.17 30.35
N PRO B 280 68.12 -23.72 31.29
CA PRO B 280 67.80 -25.15 31.22
C PRO B 280 67.33 -25.61 29.84
N ILE B 281 66.50 -24.80 29.19
CA ILE B 281 66.00 -25.13 27.86
C ILE B 281 67.15 -25.15 26.86
N PHE B 282 67.84 -24.01 26.73
CA PHE B 282 68.96 -23.91 25.80
C PHE B 282 69.92 -25.08 25.95
N ARG B 283 70.25 -25.41 27.19
CA ARG B 283 71.17 -26.52 27.44
C ARG B 283 70.66 -27.81 26.80
N LEU B 284 69.40 -28.13 27.05
CA LEU B 284 68.79 -29.35 26.48
C LEU B 284 68.81 -29.35 24.96
N PHE B 285 68.75 -28.17 24.35
CA PHE B 285 68.76 -28.07 22.90
C PHE B 285 70.16 -28.33 22.34
N THR B 286 71.17 -27.85 23.05
CA THR B 286 72.56 -28.01 22.62
C THR B 286 73.05 -29.45 22.81
N ALA B 287 72.71 -30.05 23.95
CA ALA B 287 73.13 -31.41 24.27
C ALA B 287 72.40 -32.47 23.43
N ILE B 288 71.31 -32.07 22.78
CA ILE B 288 70.54 -33.00 21.97
C ILE B 288 70.80 -32.75 20.48
N MET B 289 70.64 -31.50 20.05
CA MET B 289 70.82 -31.15 18.65
C MET B 289 72.26 -31.13 18.14
N ASN B 290 73.20 -31.48 19.01
CA ASN B 290 74.61 -31.54 18.62
C ASN B 290 75.08 -32.98 18.85
N PHE B 291 74.13 -33.86 19.12
CA PHE B 291 74.35 -35.27 19.34
C PHE B 291 75.36 -35.60 20.45
N LYS B 292 75.56 -34.66 21.37
CA LYS B 292 76.48 -34.84 22.49
C LYS B 292 75.93 -35.91 23.44
N LYS B 293 76.06 -37.17 23.02
CA LYS B 293 75.58 -38.34 23.75
C LYS B 293 75.74 -38.44 25.27
N ASP B 294 76.94 -38.17 25.77
CA ASP B 294 77.22 -38.29 27.21
C ASP B 294 76.44 -37.41 28.18
N GLU B 295 76.30 -36.14 27.83
CA GLU B 295 75.61 -35.17 28.67
C GLU B 295 74.10 -35.37 28.85
N ILE B 296 73.41 -35.77 27.79
CA ILE B 296 71.96 -35.93 27.86
C ILE B 296 71.40 -36.76 29.03
N PRO B 297 71.93 -37.97 29.29
CA PRO B 297 71.37 -38.72 30.42
C PRO B 297 71.44 -38.00 31.76
N VAL B 298 72.63 -37.55 32.15
CA VAL B 298 72.83 -36.84 33.41
C VAL B 298 71.89 -35.64 33.49
N LEU B 299 71.85 -34.86 32.42
CA LEU B 299 71.01 -33.67 32.32
C LEU B 299 69.56 -34.04 32.63
N LEU B 300 69.13 -35.21 32.14
CA LEU B 300 67.77 -35.71 32.34
C LEU B 300 67.58 -36.24 33.76
N GLU B 301 68.67 -36.67 34.39
CA GLU B 301 68.61 -37.18 35.75
C GLU B 301 68.34 -36.00 36.69
N LYS B 302 69.05 -34.91 36.44
CA LYS B 302 68.94 -33.69 37.23
C LYS B 302 67.63 -32.95 36.98
N LEU B 303 67.10 -33.06 35.75
CA LEU B 303 65.84 -32.40 35.39
C LEU B 303 64.63 -33.30 35.62
N GLU B 304 64.85 -34.42 36.30
CA GLU B 304 63.80 -35.39 36.60
C GLU B 304 62.97 -35.72 35.36
N ILE B 305 63.59 -35.63 34.18
CA ILE B 305 62.90 -35.93 32.92
C ILE B 305 63.10 -37.38 32.52
N VAL B 306 62.28 -38.27 33.08
CA VAL B 306 62.36 -39.70 32.78
C VAL B 306 61.81 -40.06 31.40
N LEU B 307 62.43 -41.04 30.74
CA LEU B 307 61.99 -41.48 29.41
C LEU B 307 61.65 -42.98 29.42
N LYS B 308 61.20 -43.51 28.28
CA LYS B 308 60.84 -44.93 28.20
C LYS B 308 61.00 -45.55 26.82
N GLY B 309 61.01 -46.88 26.78
CA GLY B 309 61.13 -47.62 25.54
C GLY B 309 62.18 -47.21 24.53
N ASP B 310 61.81 -47.28 23.25
CA ASP B 310 62.69 -46.93 22.15
C ASP B 310 63.06 -45.45 22.12
N GLU B 311 62.53 -44.68 23.08
CA GLU B 311 62.83 -43.26 23.17
C GLU B 311 64.25 -43.08 23.70
N LYS B 312 64.63 -43.96 24.63
CA LYS B 312 65.97 -43.91 25.21
C LYS B 312 66.99 -44.09 24.09
N ASP B 313 66.49 -44.50 22.92
CA ASP B 313 67.34 -44.72 21.75
C ASP B 313 66.93 -43.83 20.59
N LEU B 314 66.85 -42.52 20.83
CA LEU B 314 66.46 -41.56 19.79
C LEU B 314 67.56 -40.53 19.54
N GLU B 315 67.35 -39.67 18.54
CA GLU B 315 68.34 -38.65 18.19
C GLU B 315 67.76 -37.41 17.52
N GLY B 316 68.48 -36.29 17.69
CA GLY B 316 68.06 -35.04 17.11
C GLY B 316 66.60 -34.74 17.37
N LYS B 317 66.02 -33.86 16.56
CA LYS B 317 64.62 -33.48 16.68
C LYS B 317 63.77 -34.53 17.39
N ALA B 318 63.85 -35.77 16.92
CA ALA B 318 63.10 -36.87 17.50
C ALA B 318 63.20 -36.97 19.02
N LEU B 319 64.40 -36.75 19.56
CA LEU B 319 64.59 -36.84 21.01
C LEU B 319 64.24 -35.52 21.71
N LEU B 320 64.51 -34.42 21.02
CA LEU B 320 64.22 -33.08 21.55
C LEU B 320 62.72 -32.93 21.73
N LYS B 321 61.98 -32.98 20.62
CA LYS B 321 60.53 -32.88 20.64
C LYS B 321 59.99 -33.72 21.79
N VAL B 322 60.39 -34.97 21.83
CA VAL B 322 59.96 -35.88 22.88
C VAL B 322 60.24 -35.30 24.27
N VAL B 323 61.51 -35.05 24.58
CA VAL B 323 61.90 -34.52 25.88
C VAL B 323 61.08 -33.33 26.34
N MET B 324 60.97 -32.33 25.46
CA MET B 324 60.23 -31.11 25.74
C MET B 324 58.82 -31.42 26.25
N ARG B 325 58.14 -32.36 25.57
CA ARG B 325 56.80 -32.77 25.95
C ARG B 325 56.74 -33.32 27.37
N LYS B 326 57.78 -34.05 27.79
CA LYS B 326 57.86 -34.63 29.13
C LYS B 326 58.26 -33.55 30.12
N PHE B 327 58.98 -32.56 29.60
CA PHE B 327 59.47 -31.47 30.42
C PHE B 327 58.41 -30.38 30.62
N LEU B 328 57.85 -29.89 29.53
CA LEU B 328 56.85 -28.82 29.59
C LEU B 328 55.60 -29.07 28.73
N PRO B 329 54.75 -30.03 29.11
CA PRO B 329 53.52 -30.34 28.36
C PRO B 329 52.72 -29.08 28.01
N ALA B 330 52.85 -28.62 26.77
CA ALA B 330 52.15 -27.42 26.29
C ALA B 330 50.79 -27.12 26.90
N ALA B 331 49.91 -28.11 26.91
CA ALA B 331 48.56 -27.95 27.44
C ALA B 331 48.54 -27.47 28.89
N ASP B 332 49.26 -28.17 29.75
CA ASP B 332 49.35 -27.84 31.17
C ASP B 332 49.41 -26.33 31.35
N ALA B 333 50.41 -25.71 30.72
CA ALA B 333 50.61 -24.27 30.79
C ALA B 333 49.37 -23.48 30.37
N LEU B 334 48.89 -23.75 29.16
CA LEU B 334 47.73 -23.06 28.60
C LEU B 334 46.49 -23.16 29.46
N LEU B 335 46.18 -24.38 29.93
CA LEU B 335 45.00 -24.61 30.77
C LEU B 335 45.13 -23.82 32.06
N GLU B 336 46.35 -23.78 32.60
CA GLU B 336 46.58 -23.04 33.82
C GLU B 336 46.07 -21.63 33.64
N MET B 337 46.67 -20.91 32.69
CA MET B 337 46.28 -19.54 32.42
C MET B 337 44.78 -19.39 32.24
N ILE B 338 44.16 -20.33 31.53
CA ILE B 338 42.72 -20.26 31.31
C ILE B 338 41.99 -20.23 32.65
N VAL B 339 42.11 -21.33 33.38
CA VAL B 339 41.48 -21.48 34.69
C VAL B 339 41.85 -20.40 35.70
N LEU B 340 43.13 -20.03 35.75
CA LEU B 340 43.60 -19.03 36.71
C LEU B 340 43.45 -17.55 36.38
N HIS B 341 43.08 -17.20 35.15
CA HIS B 341 42.98 -15.78 34.83
C HIS B 341 41.80 -15.37 33.97
N LEU B 342 41.33 -16.29 33.13
CA LEU B 342 40.19 -15.97 32.28
C LEU B 342 38.94 -16.05 33.16
N PRO B 343 38.07 -15.04 33.07
CA PRO B 343 36.83 -14.99 33.85
C PRO B 343 35.82 -16.08 33.56
N SER B 344 34.95 -16.33 34.54
CA SER B 344 33.89 -17.32 34.41
C SER B 344 32.68 -16.51 33.96
N PRO B 345 31.64 -17.19 33.46
CA PRO B 345 30.44 -16.47 33.00
C PRO B 345 30.05 -15.45 34.07
N VAL B 346 30.16 -15.89 35.31
CA VAL B 346 29.82 -15.10 36.48
C VAL B 346 30.64 -13.81 36.56
N THR B 347 31.94 -13.94 36.74
CA THR B 347 32.83 -12.79 36.84
C THR B 347 32.63 -11.78 35.72
N ALA B 348 32.48 -12.30 34.50
CA ALA B 348 32.33 -11.46 33.32
C ALA B 348 30.96 -10.82 33.09
N GLN B 349 29.89 -11.62 33.13
CA GLN B 349 28.55 -11.07 32.88
C GLN B 349 28.23 -9.86 33.77
N ALA B 350 28.96 -9.72 34.86
CA ALA B 350 28.76 -8.60 35.78
C ALA B 350 29.12 -7.26 35.15
N TYR B 351 30.25 -7.20 34.43
CA TYR B 351 30.70 -5.97 33.78
C TYR B 351 30.41 -5.97 32.28
N ARG B 352 29.97 -7.13 31.79
CA ARG B 352 29.65 -7.32 30.38
C ARG B 352 28.20 -6.98 30.10
N ALA B 353 27.34 -7.19 31.09
CA ALA B 353 25.89 -6.96 31.02
C ALA B 353 25.38 -5.76 30.23
N GLU B 354 25.89 -4.56 30.55
CA GLU B 354 25.48 -3.32 29.89
C GLU B 354 25.53 -3.40 28.36
N GLN B 355 26.73 -3.63 27.83
CA GLN B 355 26.94 -3.73 26.39
C GLN B 355 26.07 -4.79 25.73
N LEU B 356 25.94 -5.93 26.39
CA LEU B 356 25.14 -7.04 25.85
C LEU B 356 23.64 -6.80 25.79
N TYR B 357 23.16 -5.77 26.46
CA TYR B 357 21.72 -5.49 26.47
C TYR B 357 21.40 -4.12 25.90
N GLU B 358 20.49 -4.10 24.92
CA GLU B 358 20.07 -2.85 24.30
C GLU B 358 19.15 -2.11 25.25
N GLY B 359 18.34 -2.86 25.99
CA GLY B 359 17.42 -2.26 26.95
C GLY B 359 18.06 -1.55 28.13
N PRO B 360 17.26 -1.17 29.14
CA PRO B 360 17.75 -0.48 30.34
C PRO B 360 18.64 -1.34 31.23
N ALA B 361 19.70 -0.74 31.77
CA ALA B 361 20.62 -1.44 32.66
C ALA B 361 19.96 -1.68 34.03
N ASP B 362 18.68 -1.33 34.11
CA ASP B 362 17.90 -1.48 35.34
C ASP B 362 16.79 -2.50 35.13
N ASP B 363 16.60 -2.85 33.86
CA ASP B 363 15.61 -3.84 33.44
C ASP B 363 15.74 -5.10 34.29
N ALA B 364 14.68 -5.90 34.35
CA ALA B 364 14.70 -7.14 35.14
C ALA B 364 15.74 -8.08 34.54
N ASN B 365 15.63 -8.30 33.23
CA ASN B 365 16.55 -9.19 32.53
C ASN B 365 17.98 -8.67 32.53
N CYS B 366 18.17 -7.39 32.27
CA CYS B 366 19.52 -6.85 32.27
C CYS B 366 20.20 -7.16 33.59
N ILE B 367 19.41 -7.23 34.66
CA ILE B 367 19.95 -7.53 35.97
C ILE B 367 20.23 -9.03 36.08
N ALA B 368 19.35 -9.84 35.51
CA ALA B 368 19.56 -11.29 35.54
C ALA B 368 20.90 -11.60 34.85
N ILE B 369 21.08 -11.05 33.66
CA ILE B 369 22.32 -11.24 32.91
C ILE B 369 23.50 -10.88 33.81
N LYS B 370 23.50 -9.64 34.31
CA LYS B 370 24.56 -9.19 35.19
C LYS B 370 24.79 -10.15 36.35
N ASN B 371 23.80 -11.00 36.63
CA ASN B 371 23.90 -11.96 37.72
C ASN B 371 24.06 -13.40 37.30
N CYS B 372 23.78 -13.69 36.04
CA CYS B 372 23.90 -15.06 35.54
C CYS B 372 22.91 -15.91 36.34
N ASP B 373 21.72 -15.34 36.54
CA ASP B 373 20.65 -15.98 37.30
C ASP B 373 19.89 -17.04 36.50
N PRO B 374 19.98 -18.31 36.93
CA PRO B 374 19.30 -19.41 36.24
C PRO B 374 17.80 -19.48 36.46
N LYS B 375 17.30 -18.84 37.52
CA LYS B 375 15.87 -18.88 37.83
C LYS B 375 15.03 -17.76 37.20
N ALA B 376 15.63 -16.93 36.35
CA ALA B 376 14.92 -15.80 35.76
C ALA B 376 14.33 -16.02 34.37
N ASP B 377 13.67 -14.99 33.88
CA ASP B 377 13.07 -15.03 32.56
C ASP B 377 14.26 -15.18 31.61
N LEU B 378 14.15 -16.17 30.73
CA LEU B 378 15.20 -16.50 29.76
C LEU B 378 15.83 -15.35 28.97
N MET B 379 17.13 -15.49 28.71
CA MET B 379 17.90 -14.53 27.94
C MET B 379 19.03 -15.26 27.22
N LEU B 380 18.68 -15.91 26.11
CA LEU B 380 19.64 -16.69 25.32
C LEU B 380 19.98 -15.99 24.01
N TYR B 381 21.27 -15.74 23.80
CA TYR B 381 21.75 -15.08 22.61
C TYR B 381 22.20 -16.07 21.55
N VAL B 382 21.52 -16.10 20.41
CA VAL B 382 21.88 -17.02 19.34
C VAL B 382 22.98 -16.39 18.50
N SER B 383 24.20 -16.89 18.65
CA SER B 383 25.37 -16.38 17.93
C SER B 383 25.33 -16.64 16.43
N LYS B 384 24.78 -17.78 16.04
CA LYS B 384 24.67 -18.16 14.64
C LYS B 384 24.01 -19.54 14.44
N MET B 385 23.59 -19.82 13.21
CA MET B 385 22.98 -21.10 12.90
C MET B 385 24.07 -22.00 12.34
N VAL B 386 24.02 -23.28 12.69
CA VAL B 386 25.03 -24.20 12.20
C VAL B 386 24.47 -25.39 11.44
N PRO B 387 25.03 -25.66 10.25
CA PRO B 387 24.65 -26.75 9.36
C PRO B 387 24.84 -28.12 10.00
N THR B 388 23.94 -29.04 9.67
CA THR B 388 23.99 -30.39 10.22
C THR B 388 23.58 -31.41 9.15
N SER B 389 23.61 -32.69 9.50
CA SER B 389 23.21 -33.73 8.56
C SER B 389 21.79 -34.17 8.91
N ASP B 390 21.17 -33.41 9.81
CA ASP B 390 19.81 -33.70 10.25
C ASP B 390 18.87 -33.29 9.14
N LYS B 391 19.42 -33.23 7.93
CA LYS B 391 18.67 -32.88 6.73
C LYS B 391 18.23 -31.42 6.65
N GLY B 392 19.02 -30.64 5.91
CA GLY B 392 18.74 -29.23 5.73
C GLY B 392 18.42 -28.52 7.02
N ARG B 393 18.92 -29.06 8.12
CA ARG B 393 18.67 -28.48 9.42
C ARG B 393 19.81 -27.62 9.91
N PHE B 394 19.45 -26.55 10.59
CA PHE B 394 20.41 -25.63 11.16
C PHE B 394 20.09 -25.58 12.65
N TYR B 395 21.08 -25.84 13.49
CA TYR B 395 20.87 -25.78 14.92
C TYR B 395 21.39 -24.42 15.37
N ALA B 396 20.57 -23.70 16.15
CA ALA B 396 20.96 -22.40 16.67
C ALA B 396 22.05 -22.62 17.70
N PHE B 397 23.07 -21.77 17.68
CA PHE B 397 24.19 -21.88 18.60
C PHE B 397 24.35 -20.60 19.39
N GLY B 398 24.42 -20.73 20.71
CA GLY B 398 24.57 -19.55 21.53
C GLY B 398 24.97 -19.78 22.98
N ARG B 399 24.76 -18.75 23.79
CA ARG B 399 25.09 -18.78 25.20
C ARG B 399 23.89 -18.35 26.01
N VAL B 400 23.52 -19.16 26.99
CA VAL B 400 22.39 -18.85 27.86
C VAL B 400 22.93 -17.82 28.84
N PHE B 401 22.36 -16.62 28.82
CA PHE B 401 22.83 -15.57 29.70
C PHE B 401 22.03 -15.43 30.99
N ALA B 402 20.74 -15.75 30.93
CA ALA B 402 19.87 -15.66 32.10
C ALA B 402 18.79 -16.75 32.05
N GLY B 403 18.51 -17.38 33.18
CA GLY B 403 17.50 -18.41 33.20
C GLY B 403 18.03 -19.71 32.62
N THR B 404 17.15 -20.64 32.25
CA THR B 404 17.60 -21.89 31.69
C THR B 404 16.65 -22.46 30.64
N VAL B 405 17.16 -22.63 29.42
CA VAL B 405 16.37 -23.19 28.33
C VAL B 405 16.11 -24.65 28.66
N LYS B 406 14.96 -25.15 28.20
CA LYS B 406 14.56 -26.54 28.44
C LYS B 406 13.91 -27.17 27.23
N SER B 407 14.18 -28.45 27.01
CA SER B 407 13.61 -29.18 25.86
C SER B 407 12.10 -29.16 25.91
N GLY B 408 11.49 -28.44 24.97
CA GLY B 408 10.04 -28.34 24.90
C GLY B 408 9.60 -26.91 25.18
N GLN B 409 10.20 -26.32 26.20
CA GLN B 409 9.90 -24.96 26.60
C GLN B 409 9.55 -24.06 25.43
N LYS B 410 8.44 -23.34 25.53
CA LYS B 410 8.03 -22.41 24.47
C LYS B 410 8.90 -21.17 24.69
N VAL B 411 9.27 -20.49 23.60
CA VAL B 411 10.12 -19.30 23.74
C VAL B 411 9.72 -18.17 22.78
N ARG B 412 10.21 -16.97 23.07
CA ARG B 412 9.94 -15.80 22.25
C ARG B 412 11.14 -15.45 21.37
N ILE B 413 11.18 -16.01 20.16
CA ILE B 413 12.28 -15.73 19.23
C ILE B 413 12.17 -14.28 18.76
N GLN B 414 13.08 -13.43 19.21
CA GLN B 414 13.05 -12.02 18.84
C GLN B 414 14.08 -11.69 17.76
N GLY B 415 13.59 -11.43 16.54
CA GLY B 415 14.46 -11.11 15.41
C GLY B 415 15.22 -9.80 15.53
N PRO B 416 16.29 -9.62 14.72
CA PRO B 416 17.15 -8.43 14.70
C PRO B 416 16.52 -7.04 14.80
N ASN B 417 15.25 -6.89 14.45
CA ASN B 417 14.61 -5.57 14.53
C ASN B 417 13.58 -5.42 15.65
N TYR B 418 13.01 -6.54 16.08
CA TYR B 418 11.99 -6.59 17.13
C TYR B 418 12.13 -5.60 18.31
N VAL B 419 10.99 -5.35 18.97
CA VAL B 419 10.87 -4.47 20.15
C VAL B 419 9.41 -4.50 20.69
N PRO B 420 9.23 -4.62 22.02
CA PRO B 420 8.06 -4.69 22.90
C PRO B 420 6.70 -4.09 22.51
N GLY B 421 6.70 -2.99 21.77
CA GLY B 421 5.43 -2.37 21.38
C GLY B 421 4.76 -2.90 20.12
N LYS B 422 5.51 -3.68 19.34
CA LYS B 422 5.00 -4.23 18.09
C LYS B 422 5.27 -5.74 18.02
N LYS B 423 4.69 -6.39 17.03
CA LYS B 423 4.87 -7.83 16.88
C LYS B 423 5.81 -8.21 15.74
N ASP B 424 6.61 -7.26 15.27
CA ASP B 424 7.55 -7.49 14.16
C ASP B 424 8.77 -8.26 14.69
N ASP B 425 9.24 -9.25 13.92
CA ASP B 425 10.41 -10.05 14.32
C ASP B 425 10.10 -11.02 15.47
N LEU B 426 8.89 -11.01 15.98
CA LEU B 426 8.55 -11.90 17.09
C LEU B 426 8.04 -13.24 16.61
N PHE B 427 8.32 -14.26 17.39
CA PHE B 427 7.91 -15.63 17.07
C PHE B 427 7.86 -16.46 18.35
N ILE B 428 6.68 -16.96 18.69
CA ILE B 428 6.54 -17.78 19.89
C ILE B 428 6.38 -19.23 19.43
N LYS B 429 7.48 -19.98 19.48
CA LYS B 429 7.48 -21.38 19.06
C LYS B 429 8.12 -22.23 20.14
N ALA B 430 8.17 -23.54 19.93
CA ALA B 430 8.74 -24.42 20.92
C ALA B 430 10.11 -25.02 20.55
N ILE B 431 10.99 -25.09 21.54
CA ILE B 431 12.32 -25.67 21.38
C ILE B 431 12.11 -27.18 21.28
N GLN B 432 12.21 -27.72 20.07
CA GLN B 432 12.02 -29.16 19.87
C GLN B 432 12.99 -30.03 20.68
N ARG B 433 14.15 -29.46 21.04
CA ARG B 433 15.15 -30.19 21.81
C ARG B 433 16.40 -29.33 22.07
N VAL B 434 16.97 -29.48 23.27
CA VAL B 434 18.17 -28.75 23.67
C VAL B 434 19.36 -29.71 23.52
N VAL B 435 20.50 -29.21 23.01
CA VAL B 435 21.65 -30.10 22.82
C VAL B 435 23.02 -29.49 23.02
N LEU B 436 23.99 -30.37 23.26
CA LEU B 436 25.38 -29.99 23.46
C LEU B 436 26.12 -30.00 22.12
N MET B 437 26.84 -28.93 21.84
CA MET B 437 27.61 -28.83 20.60
C MET B 437 29.01 -29.39 20.84
N MET B 438 29.10 -30.72 20.79
CA MET B 438 30.36 -31.42 21.02
C MET B 438 31.18 -31.55 19.73
N GLY B 439 31.66 -30.43 19.21
CA GLY B 439 32.42 -30.51 17.97
C GLY B 439 31.49 -30.98 16.87
N ARG B 440 31.90 -32.01 16.13
CA ARG B 440 31.07 -32.52 15.04
C ARG B 440 29.88 -33.35 15.52
N PHE B 441 29.70 -33.42 16.83
CA PHE B 441 28.61 -34.21 17.40
C PHE B 441 27.77 -33.45 18.42
N VAL B 442 26.47 -33.70 18.40
CA VAL B 442 25.54 -33.09 19.33
C VAL B 442 25.02 -34.18 20.25
N GLU B 443 24.72 -33.83 21.49
CA GLU B 443 24.21 -34.80 22.46
C GLU B 443 23.03 -34.20 23.21
N PRO B 444 21.85 -34.80 23.06
CA PRO B 444 20.62 -34.31 23.72
C PRO B 444 20.76 -34.07 25.23
N ILE B 445 20.20 -32.96 25.69
CA ILE B 445 20.24 -32.58 27.09
C ILE B 445 18.82 -32.08 27.42
N ASP B 446 18.47 -32.11 28.70
CA ASP B 446 17.13 -31.66 29.10
C ASP B 446 17.01 -30.15 29.24
N ASP B 447 18.05 -29.52 29.77
CA ASP B 447 18.03 -28.08 29.95
C ASP B 447 19.43 -27.53 30.14
N CYS B 448 19.56 -26.20 30.22
CA CYS B 448 20.86 -25.57 30.39
C CYS B 448 20.75 -24.24 31.15
N PRO B 449 21.45 -24.13 32.29
CA PRO B 449 21.44 -22.92 33.13
C PRO B 449 22.35 -21.82 32.62
N ALA B 450 21.94 -20.57 32.85
CA ALA B 450 22.71 -19.41 32.42
C ALA B 450 24.20 -19.60 32.60
N GLY B 451 24.98 -18.94 31.76
CA GLY B 451 26.43 -19.04 31.81
C GLY B 451 27.00 -20.16 30.96
N ASN B 452 26.16 -20.88 30.23
CA ASN B 452 26.62 -21.98 29.39
C ASN B 452 26.42 -21.76 27.89
N ILE B 453 27.22 -22.49 27.11
CA ILE B 453 27.17 -22.46 25.65
C ILE B 453 26.33 -23.66 25.27
N ILE B 454 25.41 -23.51 24.32
CA ILE B 454 24.55 -24.62 23.97
C ILE B 454 23.85 -24.45 22.62
N GLY B 455 23.41 -25.57 22.04
CA GLY B 455 22.72 -25.52 20.76
C GLY B 455 21.25 -25.88 20.80
N LEU B 456 20.46 -25.31 19.89
CA LEU B 456 19.03 -25.56 19.85
C LEU B 456 18.51 -26.07 18.50
N VAL B 457 17.73 -27.13 18.54
CA VAL B 457 17.15 -27.67 17.31
C VAL B 457 15.68 -27.26 17.21
N GLY B 458 15.25 -26.86 16.02
CA GLY B 458 13.87 -26.45 15.83
C GLY B 458 13.66 -24.94 15.77
N ILE B 459 14.63 -24.22 15.22
CA ILE B 459 14.52 -22.76 15.11
C ILE B 459 14.92 -22.32 13.71
N ASP B 460 15.20 -23.29 12.84
CA ASP B 460 15.60 -23.03 11.46
C ASP B 460 14.83 -21.90 10.78
N GLN B 461 13.59 -22.20 10.42
CA GLN B 461 12.72 -21.26 9.72
C GLN B 461 12.49 -19.93 10.42
N PHE B 462 12.34 -19.96 11.74
CA PHE B 462 12.06 -18.74 12.50
C PHE B 462 13.26 -17.86 12.79
N LEU B 463 14.43 -18.17 12.25
CA LEU B 463 15.58 -17.31 12.49
C LEU B 463 16.81 -17.61 11.63
N LEU B 464 17.37 -16.59 11.02
CA LEU B 464 18.54 -16.75 10.18
C LEU B 464 19.66 -16.05 10.89
N LYS B 465 20.78 -16.75 11.11
CA LYS B 465 21.94 -16.22 11.83
C LYS B 465 21.63 -15.85 13.28
N THR B 466 22.21 -14.76 13.77
CA THR B 466 22.01 -14.36 15.14
C THR B 466 20.61 -13.83 15.47
N GLY B 467 20.27 -13.86 16.75
CA GLY B 467 18.99 -13.37 17.21
C GLY B 467 18.86 -13.56 18.71
N THR B 468 17.92 -12.88 19.37
CA THR B 468 17.78 -13.03 20.82
C THR B 468 16.59 -13.92 21.23
N LEU B 469 16.75 -14.72 22.28
CA LEU B 469 15.68 -15.60 22.76
C LEU B 469 15.32 -15.28 24.20
N THR B 470 14.07 -14.90 24.43
CA THR B 470 13.60 -14.55 25.77
C THR B 470 12.34 -15.27 26.18
N THR B 471 12.05 -15.24 27.47
CA THR B 471 10.86 -15.85 28.01
C THR B 471 10.07 -14.71 28.68
N SER B 472 10.74 -13.58 28.84
CA SER B 472 10.14 -12.39 29.43
C SER B 472 9.45 -11.58 28.32
N GLU B 473 8.39 -10.90 28.67
CA GLU B 473 7.66 -10.10 27.69
C GLU B 473 8.22 -8.69 27.59
N THR B 474 8.93 -8.28 28.63
CA THR B 474 9.55 -6.96 28.68
C THR B 474 10.93 -7.07 28.08
N ALA B 475 11.46 -8.29 28.08
CA ALA B 475 12.79 -8.58 27.57
C ALA B 475 13.10 -7.93 26.23
N HIS B 476 13.99 -6.94 26.27
CA HIS B 476 14.42 -6.23 25.07
C HIS B 476 15.32 -7.23 24.36
N ASN B 477 16.01 -6.80 23.30
CA ASN B 477 16.88 -7.71 22.59
C ASN B 477 18.33 -7.52 23.02
N MET B 478 19.19 -8.44 22.61
CA MET B 478 20.60 -8.36 22.94
C MET B 478 21.37 -7.80 21.76
N LYS B 479 22.53 -7.20 22.04
CA LYS B 479 23.40 -6.60 21.03
C LYS B 479 23.59 -7.52 19.81
N VAL B 480 22.77 -7.31 18.78
CA VAL B 480 22.86 -8.13 17.58
C VAL B 480 23.38 -7.36 16.38
N MET B 481 23.73 -8.12 15.35
CA MET B 481 24.22 -7.58 14.10
C MET B 481 23.04 -6.95 13.38
N LYS B 482 23.33 -6.06 12.46
CA LYS B 482 22.31 -5.40 11.67
C LYS B 482 22.23 -6.22 10.42
N PHE B 483 21.30 -5.92 9.53
CA PHE B 483 21.23 -6.70 8.31
C PHE B 483 20.80 -5.87 7.09
N SER B 484 21.72 -5.70 6.14
CA SER B 484 21.48 -4.93 4.92
C SER B 484 20.08 -5.14 4.36
N VAL B 485 19.37 -4.03 4.14
CA VAL B 485 18.03 -4.10 3.59
C VAL B 485 17.89 -3.21 2.37
N SER B 486 19.03 -2.75 1.85
CA SER B 486 19.03 -1.90 0.67
C SER B 486 19.49 -2.69 -0.54
N PRO B 487 19.00 -2.33 -1.72
CA PRO B 487 19.44 -3.07 -2.90
C PRO B 487 20.87 -2.61 -3.15
N VAL B 488 21.83 -3.52 -3.11
CA VAL B 488 23.22 -3.12 -3.33
C VAL B 488 23.93 -3.90 -4.43
N VAL B 489 23.26 -4.91 -4.98
CA VAL B 489 23.84 -5.71 -6.05
C VAL B 489 22.77 -5.88 -7.12
N GLN B 490 23.18 -6.05 -8.37
CA GLN B 490 22.22 -6.22 -9.47
C GLN B 490 22.89 -6.74 -10.74
N VAL B 491 22.08 -7.36 -11.58
CA VAL B 491 22.55 -7.90 -12.84
C VAL B 491 21.47 -7.82 -13.90
N ALA B 492 21.88 -7.91 -15.16
CA ALA B 492 20.92 -7.88 -16.25
C ALA B 492 20.48 -9.33 -16.45
N VAL B 493 19.20 -9.52 -16.71
CA VAL B 493 18.66 -10.85 -16.89
C VAL B 493 17.93 -10.99 -18.22
N GLU B 494 18.41 -11.89 -19.07
CA GLU B 494 17.78 -12.13 -20.37
C GLU B 494 17.66 -13.62 -20.67
N VAL B 495 16.61 -13.97 -21.40
CA VAL B 495 16.37 -15.37 -21.76
C VAL B 495 17.25 -15.80 -22.93
N LYS B 496 17.66 -17.07 -22.94
CA LYS B 496 18.49 -17.56 -24.02
C LYS B 496 17.64 -17.78 -25.27
N ASN B 497 16.42 -18.27 -25.09
CA ASN B 497 15.54 -18.48 -26.24
C ASN B 497 14.45 -17.43 -26.23
N ALA B 498 14.53 -16.54 -27.22
CA ALA B 498 13.62 -15.41 -27.36
C ALA B 498 12.16 -15.72 -27.11
N ASN B 499 11.78 -16.97 -27.28
CA ASN B 499 10.38 -17.33 -27.06
C ASN B 499 9.99 -17.45 -25.59
N ASP B 500 10.97 -17.64 -24.72
CA ASP B 500 10.69 -17.76 -23.30
C ASP B 500 10.40 -16.41 -22.64
N LEU B 501 10.75 -15.32 -23.33
CA LEU B 501 10.56 -13.97 -22.77
C LEU B 501 9.36 -13.83 -21.83
N PRO B 502 8.17 -14.30 -22.26
CA PRO B 502 6.99 -14.18 -21.38
C PRO B 502 7.14 -14.88 -20.02
N LYS B 503 7.84 -16.01 -20.01
CA LYS B 503 8.08 -16.77 -18.78
C LYS B 503 9.03 -16.04 -17.85
N LEU B 504 9.89 -15.20 -18.41
CA LEU B 504 10.82 -14.41 -17.61
C LEU B 504 10.02 -13.24 -17.06
N VAL B 505 9.29 -12.54 -17.93
CA VAL B 505 8.48 -11.41 -17.49
C VAL B 505 7.65 -11.88 -16.30
N GLU B 506 6.86 -12.93 -16.50
CA GLU B 506 6.03 -13.49 -15.43
C GLU B 506 6.90 -13.84 -14.24
N GLY B 507 7.90 -14.70 -14.47
CA GLY B 507 8.80 -15.12 -13.42
C GLY B 507 9.29 -13.97 -12.56
N LEU B 508 9.63 -12.85 -13.19
CA LEU B 508 10.11 -11.71 -12.42
C LEU B 508 9.01 -11.24 -11.48
N LYS B 509 7.79 -11.12 -12.00
CA LYS B 509 6.66 -10.68 -11.20
C LYS B 509 6.49 -11.59 -10.00
N ARG B 510 6.62 -12.90 -10.22
CA ARG B 510 6.50 -13.88 -9.14
C ARG B 510 7.58 -13.64 -8.09
N LEU B 511 8.82 -13.64 -8.55
CA LEU B 511 10.00 -13.41 -7.70
C LEU B 511 9.80 -12.24 -6.76
N SER B 512 9.45 -11.09 -7.33
CA SER B 512 9.23 -9.89 -6.55
C SER B 512 8.18 -10.09 -5.47
N LYS B 513 7.06 -10.69 -5.84
CA LYS B 513 5.98 -10.95 -4.88
C LYS B 513 6.49 -11.82 -3.74
N SER B 514 7.13 -12.93 -4.08
CA SER B 514 7.64 -13.86 -3.09
C SER B 514 8.79 -13.32 -2.26
N ASP B 515 9.40 -12.21 -2.69
CA ASP B 515 10.54 -11.66 -1.96
C ASP B 515 10.48 -10.15 -1.84
N PRO B 516 10.10 -9.65 -0.67
CA PRO B 516 9.99 -8.21 -0.40
C PRO B 516 11.29 -7.47 -0.68
N CYS B 517 12.40 -8.14 -0.42
CA CYS B 517 13.72 -7.54 -0.59
C CYS B 517 14.42 -7.65 -1.94
N VAL B 518 13.72 -8.13 -2.96
CA VAL B 518 14.32 -8.22 -4.26
C VAL B 518 13.77 -7.03 -5.04
N LEU B 519 14.53 -6.56 -6.02
CA LEU B 519 14.10 -5.43 -6.84
C LEU B 519 14.29 -5.78 -8.31
N THR B 520 13.26 -5.52 -9.11
CA THR B 520 13.33 -5.77 -10.54
C THR B 520 12.82 -4.54 -11.28
N TYR B 521 13.45 -4.20 -12.40
CA TYR B 521 13.00 -3.04 -13.15
C TYR B 521 13.57 -3.03 -14.55
N MET B 522 13.11 -2.09 -15.37
CA MET B 522 13.56 -1.97 -16.74
C MET B 522 14.63 -0.87 -16.86
N SER B 523 15.82 -1.24 -17.32
CA SER B 523 16.92 -0.28 -17.49
C SER B 523 16.60 0.66 -18.63
N GLU B 524 17.22 1.84 -18.60
CA GLU B 524 17.01 2.82 -19.66
C GLU B 524 17.49 2.22 -20.99
N SER B 525 18.34 1.21 -20.89
CA SER B 525 18.87 0.56 -22.07
C SER B 525 17.99 -0.65 -22.44
N GLY B 526 16.82 -0.73 -21.79
CA GLY B 526 15.86 -1.81 -22.07
C GLY B 526 16.11 -3.19 -21.49
N GLU B 527 16.83 -3.28 -20.39
CA GLU B 527 17.11 -4.58 -19.81
C GLU B 527 16.34 -4.83 -18.52
N HIS B 528 16.04 -6.10 -18.27
CA HIS B 528 15.33 -6.49 -17.06
C HIS B 528 16.44 -6.58 -16.04
N ILE B 529 16.40 -5.72 -15.04
CA ILE B 529 17.42 -5.73 -13.99
C ILE B 529 16.88 -6.38 -12.72
N VAL B 530 17.74 -7.11 -12.03
CA VAL B 530 17.34 -7.79 -10.79
C VAL B 530 18.32 -7.47 -9.67
N ALA B 531 17.91 -6.62 -8.74
CA ALA B 531 18.79 -6.25 -7.65
C ALA B 531 18.51 -7.00 -6.33
N GLY B 532 19.59 -7.38 -5.65
CA GLY B 532 19.45 -8.09 -4.38
C GLY B 532 20.02 -7.27 -3.25
N THR B 533 19.88 -7.82 -2.05
CA THR B 533 20.33 -7.18 -0.82
C THR B 533 21.80 -7.43 -0.55
N GLY B 534 22.37 -8.40 -1.25
CA GLY B 534 23.76 -8.75 -1.11
C GLY B 534 24.08 -9.85 -2.09
N GLU B 535 25.36 -10.18 -2.23
CA GLU B 535 25.81 -11.22 -3.14
C GLU B 535 24.94 -12.46 -3.07
N LEU B 536 25.03 -13.14 -1.92
CA LEU B 536 24.29 -14.36 -1.68
C LEU B 536 22.81 -14.19 -1.97
N HIS B 537 22.17 -13.16 -1.43
CA HIS B 537 20.74 -13.00 -1.67
C HIS B 537 20.43 -13.03 -3.17
N LEU B 538 21.13 -12.21 -3.95
CA LEU B 538 20.91 -12.17 -5.38
C LEU B 538 21.19 -13.54 -5.98
N GLU B 539 22.23 -14.19 -5.48
CA GLU B 539 22.61 -15.49 -5.98
C GLU B 539 21.46 -16.47 -5.99
N ILE B 540 20.74 -16.58 -4.86
CA ILE B 540 19.61 -17.52 -4.82
C ILE B 540 18.44 -16.94 -5.61
N CYS B 541 18.29 -15.62 -5.56
CA CYS B 541 17.20 -14.98 -6.29
C CYS B 541 17.28 -15.41 -7.74
N LEU B 542 18.49 -15.35 -8.29
CA LEU B 542 18.72 -15.73 -9.68
C LEU B 542 18.40 -17.21 -9.87
N GLN B 543 18.89 -18.03 -8.95
CA GLN B 543 18.68 -19.48 -8.97
C GLN B 543 17.19 -19.82 -8.91
N ASP B 544 16.49 -19.18 -7.99
CA ASP B 544 15.05 -19.42 -7.87
C ASP B 544 14.39 -18.97 -9.17
N LEU B 545 14.62 -17.73 -9.57
CA LEU B 545 14.06 -17.21 -10.81
C LEU B 545 14.29 -18.16 -12.00
N GLU B 546 15.54 -18.55 -12.24
CA GLU B 546 15.83 -19.42 -13.36
C GLU B 546 15.15 -20.78 -13.37
N HIS B 547 15.18 -21.48 -12.24
CA HIS B 547 14.58 -22.81 -12.14
C HIS B 547 13.14 -22.86 -11.67
N ASP B 548 12.69 -21.82 -10.97
CA ASP B 548 11.33 -21.79 -10.48
C ASP B 548 10.43 -20.73 -11.09
N HIS B 549 10.51 -19.53 -10.53
CA HIS B 549 9.71 -18.38 -10.94
C HIS B 549 9.56 -18.25 -12.45
N ALA B 550 10.66 -18.41 -13.17
CA ALA B 550 10.66 -18.29 -14.62
C ALA B 550 10.82 -19.67 -15.25
N GLY B 551 11.70 -20.48 -14.68
CA GLY B 551 11.92 -21.82 -15.19
C GLY B 551 12.32 -21.85 -16.65
N VAL B 552 13.34 -21.08 -16.98
CA VAL B 552 13.81 -21.00 -18.36
C VAL B 552 15.29 -20.68 -18.34
N PRO B 553 16.03 -21.12 -19.37
CA PRO B 553 17.47 -20.86 -19.45
C PRO B 553 17.71 -19.34 -19.44
N LEU B 554 18.50 -18.85 -18.49
CA LEU B 554 18.75 -17.44 -18.42
C LEU B 554 20.18 -17.06 -18.73
N LYS B 555 20.37 -15.77 -18.97
CA LYS B 555 21.69 -15.22 -19.24
C LYS B 555 21.89 -14.01 -18.35
N ILE B 556 22.63 -14.20 -17.25
CA ILE B 556 22.91 -13.11 -16.34
C ILE B 556 24.14 -12.41 -16.87
N SER B 557 24.22 -11.09 -16.69
CA SER B 557 25.37 -10.34 -17.17
C SER B 557 25.34 -8.97 -16.54
N PRO B 558 26.46 -8.22 -16.62
CA PRO B 558 26.56 -6.87 -16.06
C PRO B 558 25.68 -5.96 -16.90
N PRO B 559 24.76 -5.23 -16.26
CA PRO B 559 23.86 -4.33 -17.00
C PRO B 559 24.51 -3.22 -17.79
N VAL B 560 24.03 -3.08 -19.03
CA VAL B 560 24.46 -2.04 -19.96
C VAL B 560 24.16 -0.66 -19.36
N VAL B 561 25.11 0.26 -19.48
CA VAL B 561 24.93 1.60 -18.97
C VAL B 561 24.46 2.51 -20.11
N ALA B 562 23.71 3.55 -19.77
CA ALA B 562 23.23 4.50 -20.79
C ALA B 562 24.09 5.74 -20.70
N TYR B 563 24.21 6.45 -21.82
CA TYR B 563 25.03 7.66 -21.86
C TYR B 563 24.24 8.76 -22.56
N ARG B 564 24.75 9.97 -22.49
CA ARG B 564 24.08 11.05 -23.18
C ARG B 564 25.09 11.72 -24.09
N GLU B 565 24.61 12.17 -25.25
CA GLU B 565 25.46 12.86 -26.21
C GLU B 565 25.25 14.37 -26.01
N THR B 566 26.31 15.11 -25.71
CA THR B 566 26.20 16.56 -25.49
C THR B 566 27.34 17.34 -26.14
N VAL B 567 27.17 18.66 -26.20
CA VAL B 567 28.18 19.55 -26.78
C VAL B 567 28.80 20.41 -25.68
N GLU B 568 30.13 20.57 -25.74
CA GLU B 568 30.87 21.32 -24.73
C GLU B 568 30.90 22.83 -24.94
N SER B 569 30.74 23.25 -26.19
CA SER B 569 30.72 24.67 -26.53
C SER B 569 29.92 24.88 -27.81
N GLU B 570 29.94 26.10 -28.31
CA GLU B 570 29.20 26.47 -29.50
C GLU B 570 29.86 25.97 -30.78
N SER B 571 29.08 25.78 -31.82
CA SER B 571 29.61 25.31 -33.10
C SER B 571 30.74 26.22 -33.60
N SER B 572 31.91 25.62 -33.85
CA SER B 572 33.08 26.36 -34.32
C SER B 572 32.81 27.11 -35.63
N GLN B 573 31.78 26.69 -36.36
CA GLN B 573 31.40 27.34 -37.61
C GLN B 573 29.98 26.94 -37.94
N THR B 574 29.26 27.78 -38.68
CA THR B 574 27.88 27.48 -39.03
C THR B 574 27.78 26.15 -39.76
N ALA B 575 26.84 25.33 -39.34
CA ALA B 575 26.65 24.03 -39.98
C ALA B 575 25.63 24.25 -41.08
N LEU B 576 26.00 23.88 -42.29
CA LEU B 576 25.09 24.03 -43.40
C LEU B 576 24.80 22.69 -44.05
N SER B 577 23.57 22.50 -44.49
CA SER B 577 23.19 21.28 -45.14
C SER B 577 22.10 21.55 -46.15
N LYS B 578 22.25 20.97 -47.34
CA LYS B 578 21.28 21.14 -48.41
C LYS B 578 20.37 19.92 -48.42
N SER B 579 19.16 20.10 -48.96
CA SER B 579 18.17 19.03 -49.02
C SER B 579 18.39 18.09 -50.21
N PRO B 580 17.52 17.08 -50.36
CA PRO B 580 17.63 16.13 -51.47
C PRO B 580 17.19 16.78 -52.78
N ASN B 581 17.31 18.11 -52.85
CA ASN B 581 16.95 18.88 -54.04
C ASN B 581 18.05 19.89 -54.32
N LYS B 582 18.86 20.16 -53.30
CA LYS B 582 19.94 21.15 -53.38
C LYS B 582 19.27 22.51 -53.52
N HIS B 583 17.94 22.49 -53.41
CA HIS B 583 17.08 23.67 -53.48
C HIS B 583 17.06 24.40 -52.14
N ASN B 584 16.73 23.65 -51.08
CA ASN B 584 16.61 24.17 -49.72
C ASN B 584 17.89 23.95 -48.90
N ARG B 585 18.23 24.94 -48.08
CA ARG B 585 19.43 24.85 -47.24
C ARG B 585 19.23 25.39 -45.82
N ILE B 586 19.85 24.72 -44.84
CA ILE B 586 19.74 25.11 -43.44
C ILE B 586 21.09 25.58 -42.89
N TYR B 587 21.08 26.73 -42.24
CA TYR B 587 22.31 27.26 -41.63
C TYR B 587 22.02 27.40 -40.14
N LEU B 588 22.46 26.43 -39.36
CA LEU B 588 22.25 26.42 -37.92
C LEU B 588 23.53 26.22 -37.14
N LYS B 589 23.40 26.23 -35.82
CA LYS B 589 24.52 26.03 -34.93
C LYS B 589 24.00 25.36 -33.67
N ALA B 590 24.90 25.08 -32.74
CA ALA B 590 24.50 24.45 -31.50
C ALA B 590 25.39 24.94 -30.38
N GLU B 591 24.87 24.88 -29.16
CA GLU B 591 25.62 25.29 -27.99
C GLU B 591 25.05 24.55 -26.80
N PRO B 592 25.82 24.44 -25.73
CA PRO B 592 25.42 23.73 -24.50
C PRO B 592 24.46 24.46 -23.58
N ILE B 593 23.33 23.81 -23.26
CA ILE B 593 22.32 24.35 -22.35
C ILE B 593 22.87 24.12 -20.94
N ASP B 594 22.85 25.14 -20.09
CA ASP B 594 23.37 24.99 -18.74
C ASP B 594 22.77 23.79 -18.00
N GLU B 595 23.53 23.23 -17.07
CA GLU B 595 23.06 22.09 -16.31
C GLU B 595 21.80 22.45 -15.54
N GLU B 596 21.81 23.60 -14.87
CA GLU B 596 20.65 24.02 -14.11
C GLU B 596 19.40 23.91 -14.98
N VAL B 597 19.50 24.37 -16.22
CA VAL B 597 18.33 24.33 -17.08
C VAL B 597 17.96 22.92 -17.53
N SER B 598 18.96 22.09 -17.82
CA SER B 598 18.66 20.73 -18.24
C SER B 598 17.84 20.06 -17.13
N LEU B 599 18.23 20.28 -15.88
CA LEU B 599 17.51 19.71 -14.73
C LEU B 599 16.08 20.23 -14.70
N ALA B 600 15.94 21.55 -14.81
CA ALA B 600 14.64 22.19 -14.83
C ALA B 600 13.70 21.58 -15.89
N ILE B 601 14.23 21.33 -17.08
CA ILE B 601 13.46 20.73 -18.17
C ILE B 601 13.04 19.30 -17.81
N GLU B 602 14.00 18.54 -17.29
CA GLU B 602 13.76 17.16 -16.89
C GLU B 602 12.80 17.05 -15.70
N ASN B 603 13.02 17.84 -14.65
CA ASN B 603 12.14 17.80 -13.48
C ASN B 603 10.79 18.43 -13.75
N GLY B 604 10.57 18.90 -14.98
CA GLY B 604 9.29 19.49 -15.33
C GLY B 604 8.96 20.92 -14.91
N ILE B 605 9.89 21.62 -14.30
CA ILE B 605 9.64 23.01 -13.91
C ILE B 605 9.45 23.81 -15.20
N ILE B 606 10.38 23.63 -16.15
CA ILE B 606 10.31 24.28 -17.47
C ILE B 606 9.58 23.23 -18.30
N ASN B 607 8.30 23.47 -18.54
CA ASN B 607 7.45 22.51 -19.22
C ASN B 607 6.83 22.93 -20.55
N PRO B 608 6.95 22.07 -21.56
CA PRO B 608 6.40 22.34 -22.89
C PRO B 608 4.87 22.45 -22.86
N ARG B 609 4.28 21.78 -21.88
CA ARG B 609 2.81 21.74 -21.74
C ARG B 609 2.21 22.91 -21.00
N ASP B 610 3.02 23.61 -20.20
CA ASP B 610 2.53 24.75 -19.44
C ASP B 610 2.10 25.86 -20.39
N ASP B 611 1.36 26.85 -19.88
CA ASP B 611 0.92 27.97 -20.71
C ASP B 611 2.14 28.83 -21.02
N PHE B 612 2.14 29.47 -22.18
CA PHE B 612 3.28 30.30 -22.53
C PHE B 612 3.65 31.29 -21.44
N LYS B 613 2.69 32.05 -20.93
CA LYS B 613 3.00 33.03 -19.89
C LYS B 613 3.77 32.36 -18.75
N ALA B 614 3.44 31.11 -18.45
CA ALA B 614 4.14 30.39 -17.38
C ALA B 614 5.59 30.14 -17.78
N ARG B 615 5.77 29.33 -18.82
CA ARG B 615 7.09 28.98 -19.34
C ARG B 615 7.91 30.25 -19.62
N ALA B 616 7.27 31.24 -20.23
CA ALA B 616 7.93 32.48 -20.57
C ALA B 616 8.49 33.24 -19.37
N ARG B 617 7.78 33.18 -18.24
CA ARG B 617 8.22 33.84 -17.00
C ARG B 617 9.37 33.05 -16.36
N ILE B 618 9.17 31.74 -16.27
CA ILE B 618 10.15 30.83 -15.70
C ILE B 618 11.54 31.02 -16.32
N MET B 619 11.56 30.92 -17.65
CA MET B 619 12.79 31.04 -18.43
C MET B 619 13.47 32.39 -18.36
N ALA B 620 12.69 33.45 -18.43
CA ALA B 620 13.23 34.80 -18.39
C ALA B 620 13.57 35.31 -17.00
N ASP B 621 12.61 35.24 -16.08
CA ASP B 621 12.82 35.73 -14.73
C ASP B 621 13.67 34.82 -13.86
N ASP B 622 13.29 33.56 -13.73
CA ASP B 622 14.07 32.68 -12.87
C ASP B 622 15.38 32.18 -13.45
N TYR B 623 15.35 31.59 -14.65
CA TYR B 623 16.57 31.08 -15.25
C TYR B 623 17.38 32.08 -16.11
N GLY B 624 16.95 33.34 -16.11
CA GLY B 624 17.67 34.38 -16.83
C GLY B 624 17.93 34.31 -18.33
N TRP B 625 17.09 33.58 -19.06
CA TRP B 625 17.23 33.49 -20.49
C TRP B 625 16.76 34.79 -21.15
N ASP B 626 17.23 35.04 -22.36
CA ASP B 626 16.84 36.24 -23.08
C ASP B 626 15.32 36.19 -23.14
N VAL B 627 14.66 37.26 -22.71
CA VAL B 627 13.20 37.29 -22.69
C VAL B 627 12.58 37.06 -24.06
N THR B 628 13.41 37.02 -25.07
CA THR B 628 12.92 36.82 -26.42
C THR B 628 13.01 35.38 -26.93
N ASP B 629 13.68 34.51 -26.19
CA ASP B 629 13.86 33.13 -26.62
C ASP B 629 12.62 32.26 -26.52
N ALA B 630 11.96 32.32 -25.36
CA ALA B 630 10.76 31.53 -25.11
C ALA B 630 9.81 31.46 -26.31
N ARG B 631 9.48 32.62 -26.86
CA ARG B 631 8.56 32.67 -27.98
C ARG B 631 9.16 32.11 -29.27
N LYS B 632 10.49 31.99 -29.30
CA LYS B 632 11.16 31.48 -30.48
C LYS B 632 11.44 29.99 -30.40
N ILE B 633 11.27 29.36 -29.24
CA ILE B 633 11.54 27.91 -29.15
C ILE B 633 10.48 27.15 -29.92
N TRP B 634 10.92 26.23 -30.76
CA TRP B 634 10.05 25.44 -31.60
C TRP B 634 9.62 24.13 -30.98
N CYS B 635 10.47 23.54 -30.15
CA CYS B 635 10.15 22.28 -29.51
C CYS B 635 11.26 21.79 -28.59
N PHE B 636 10.88 20.87 -27.71
CA PHE B 636 11.80 20.24 -26.77
C PHE B 636 12.01 18.81 -27.27
N GLY B 637 13.16 18.23 -26.96
CA GLY B 637 13.41 16.89 -27.43
C GLY B 637 14.40 16.14 -26.58
N PRO B 638 14.35 14.80 -26.59
CA PRO B 638 13.38 14.02 -27.38
C PRO B 638 12.01 13.87 -26.72
N ASP B 639 11.13 13.11 -27.38
CA ASP B 639 9.78 12.85 -26.89
C ASP B 639 8.99 14.12 -26.52
N GLY B 640 9.18 15.18 -27.29
CA GLY B 640 8.45 16.40 -27.03
C GLY B 640 8.85 17.23 -25.83
N ASN B 641 9.50 16.63 -24.84
CA ASN B 641 9.86 17.40 -23.65
C ASN B 641 11.25 17.18 -23.08
N GLY B 642 12.15 16.60 -23.86
CA GLY B 642 13.49 16.37 -23.35
C GLY B 642 14.30 17.64 -23.16
N PRO B 643 15.46 17.55 -22.52
CA PRO B 643 16.30 18.73 -22.30
C PRO B 643 17.15 19.15 -23.51
N ASN B 644 16.47 19.45 -24.62
CA ASN B 644 17.12 19.90 -25.85
C ASN B 644 16.20 20.84 -26.60
N LEU B 645 16.74 21.96 -27.06
CA LEU B 645 15.95 22.98 -27.76
C LEU B 645 16.24 23.29 -29.21
N VAL B 646 15.26 23.96 -29.81
CA VAL B 646 15.28 24.43 -31.18
C VAL B 646 14.76 25.87 -31.12
N ILE B 647 15.66 26.84 -31.21
CA ILE B 647 15.27 28.24 -31.16
C ILE B 647 15.44 28.87 -32.53
N ASP B 648 14.31 29.26 -33.11
CA ASP B 648 14.24 29.91 -34.41
C ASP B 648 14.82 31.33 -34.33
N GLN B 649 16.04 31.53 -34.82
CA GLN B 649 16.68 32.84 -34.82
C GLN B 649 16.84 33.33 -36.28
N THR B 650 15.81 33.07 -37.08
CA THR B 650 15.75 33.43 -38.51
C THR B 650 14.95 34.70 -38.82
N LYS B 651 15.47 35.49 -39.75
CA LYS B 651 14.78 36.69 -40.18
C LYS B 651 14.69 36.67 -41.70
N ALA B 652 13.68 37.36 -42.21
CA ALA B 652 13.45 37.46 -43.65
C ALA B 652 13.37 36.13 -44.40
N VAL B 653 12.83 35.09 -43.78
CA VAL B 653 12.67 33.80 -44.45
C VAL B 653 11.18 33.79 -44.64
N GLN B 654 10.76 33.90 -45.88
CA GLN B 654 9.34 33.94 -46.18
C GLN B 654 8.48 32.83 -45.60
N TYR B 655 8.51 31.68 -46.26
CA TYR B 655 7.71 30.54 -45.83
C TYR B 655 8.32 29.68 -44.72
N LEU B 656 9.06 30.31 -43.81
CA LEU B 656 9.72 29.62 -42.71
C LEU B 656 8.79 28.76 -41.85
N HIS B 657 7.53 29.18 -41.73
CA HIS B 657 6.55 28.47 -40.92
C HIS B 657 5.91 27.26 -41.58
N GLU B 658 6.28 26.99 -42.83
CA GLU B 658 5.72 25.85 -43.55
C GLU B 658 6.43 24.56 -43.16
N ILE B 659 7.74 24.65 -43.00
CA ILE B 659 8.56 23.50 -42.65
C ILE B 659 8.64 23.20 -41.15
N LYS B 660 8.05 24.07 -40.32
CA LYS B 660 8.09 23.88 -38.88
C LYS B 660 7.92 22.42 -38.46
N ASP B 661 6.80 21.81 -38.86
CA ASP B 661 6.52 20.43 -38.51
C ASP B 661 7.63 19.43 -38.87
N SER B 662 8.13 19.49 -40.10
CA SER B 662 9.19 18.58 -40.50
C SER B 662 10.46 18.86 -39.70
N VAL B 663 10.70 20.13 -39.38
CA VAL B 663 11.88 20.49 -38.60
C VAL B 663 11.78 19.92 -37.19
N VAL B 664 10.61 20.07 -36.57
CA VAL B 664 10.40 19.56 -35.22
C VAL B 664 10.61 18.05 -35.22
N ALA B 665 10.00 17.35 -36.16
CA ALA B 665 10.12 15.90 -36.24
C ALA B 665 11.57 15.47 -36.40
N ALA B 666 12.29 16.18 -37.26
CA ALA B 666 13.69 15.88 -37.50
C ALA B 666 14.51 16.07 -36.24
N PHE B 667 14.05 16.95 -35.36
CA PHE B 667 14.74 17.20 -34.10
C PHE B 667 14.40 16.10 -33.10
N GLN B 668 13.15 15.63 -33.15
CA GLN B 668 12.72 14.57 -32.24
C GLN B 668 13.55 13.32 -32.52
N TRP B 669 13.96 13.20 -33.77
CA TRP B 669 14.76 12.07 -34.24
C TRP B 669 16.21 12.23 -33.77
N ALA B 670 16.82 13.32 -34.19
CA ALA B 670 18.21 13.60 -33.86
C ALA B 670 18.51 13.65 -32.36
N THR B 671 17.50 13.88 -31.52
CA THR B 671 17.73 13.94 -30.08
C THR B 671 17.55 12.57 -29.41
N LYS B 672 16.75 11.71 -30.02
CA LYS B 672 16.51 10.37 -29.49
C LYS B 672 17.77 9.53 -29.71
N GLU B 673 18.36 9.67 -30.89
CA GLU B 673 19.57 8.94 -31.25
C GLU B 673 20.62 9.90 -31.83
N GLY B 674 21.53 10.34 -30.97
CA GLY B 674 22.57 11.26 -31.41
C GLY B 674 23.50 10.64 -32.45
N PRO B 675 24.43 11.44 -33.01
CA PRO B 675 25.39 10.98 -34.02
C PRO B 675 26.55 10.12 -33.49
N ILE B 676 27.09 10.48 -32.32
CA ILE B 676 28.19 9.72 -31.73
C ILE B 676 27.97 8.21 -31.79
N PHE B 677 26.95 7.71 -31.10
CA PHE B 677 26.67 6.28 -31.15
C PHE B 677 25.22 5.88 -30.94
N GLY B 678 24.32 6.82 -31.12
CA GLY B 678 22.90 6.52 -31.01
C GLY B 678 22.20 6.80 -29.69
N GLU B 679 22.93 7.27 -28.69
CA GLU B 679 22.31 7.54 -27.40
C GLU B 679 21.57 8.88 -27.46
N GLU B 680 20.72 9.15 -26.48
CA GLU B 680 19.98 10.40 -26.46
C GLU B 680 20.84 11.60 -26.18
N MET B 681 20.53 12.71 -26.85
CA MET B 681 21.25 13.96 -26.66
C MET B 681 20.74 14.55 -25.37
N ARG B 682 21.53 15.43 -24.76
CA ARG B 682 21.11 16.10 -23.54
C ARG B 682 21.83 17.44 -23.42
N SER B 683 21.07 18.48 -23.08
CA SER B 683 21.63 19.82 -22.92
C SER B 683 22.04 20.42 -24.27
N VAL B 684 21.40 19.97 -25.34
CA VAL B 684 21.73 20.48 -26.66
C VAL B 684 20.77 21.52 -27.18
N ARG B 685 21.24 22.77 -27.22
CA ARG B 685 20.47 23.89 -27.75
C ARG B 685 20.86 24.07 -29.23
N VAL B 686 19.85 24.20 -30.08
CA VAL B 686 20.08 24.39 -31.51
C VAL B 686 19.42 25.66 -32.01
N ASN B 687 20.22 26.56 -32.58
CA ASN B 687 19.72 27.83 -33.10
C ASN B 687 19.67 27.85 -34.62
N ILE B 688 18.46 27.90 -35.17
CA ILE B 688 18.29 27.97 -36.62
C ILE B 688 18.66 29.41 -37.02
N LEU B 689 19.88 29.60 -37.50
CA LEU B 689 20.36 30.93 -37.90
C LEU B 689 19.67 31.47 -39.15
N ASP B 690 19.53 30.62 -40.18
CA ASP B 690 18.87 31.06 -41.40
C ASP B 690 18.49 29.90 -42.31
N VAL B 691 17.42 30.10 -43.07
CA VAL B 691 16.93 29.09 -43.99
C VAL B 691 16.69 29.72 -45.37
N THR B 692 16.96 28.95 -46.41
CA THR B 692 16.76 29.38 -47.79
C THR B 692 15.89 28.31 -48.45
N LEU B 693 14.58 28.48 -48.34
CA LEU B 693 13.62 27.52 -48.88
C LEU B 693 13.30 27.73 -50.36
N HIS B 694 12.35 26.94 -50.85
CA HIS B 694 11.90 26.99 -52.25
C HIS B 694 10.64 27.86 -52.37
N ALA B 695 10.27 28.20 -53.60
CA ALA B 695 9.11 29.05 -53.85
C ALA B 695 7.76 28.33 -53.90
N ASP B 696 7.75 27.01 -53.76
CA ASP B 696 6.51 26.25 -53.79
C ASP B 696 6.58 25.02 -52.89
N ALA B 697 5.41 24.51 -52.51
CA ALA B 697 5.30 23.34 -51.64
C ALA B 697 5.96 22.09 -52.21
N ILE B 698 5.52 21.69 -53.40
CA ILE B 698 6.03 20.49 -54.08
C ILE B 698 7.49 20.12 -53.79
N HIS B 699 8.36 21.10 -53.60
CA HIS B 699 9.77 20.80 -53.35
C HIS B 699 10.25 21.16 -51.94
N ARG B 700 9.35 21.08 -50.97
CA ARG B 700 9.70 21.39 -49.57
C ARG B 700 8.91 20.53 -48.59
N GLY B 701 8.27 19.49 -49.08
CA GLY B 701 7.49 18.66 -48.18
C GLY B 701 8.34 17.98 -47.13
N GLY B 702 7.74 17.07 -46.38
CA GLY B 702 8.50 16.37 -45.36
C GLY B 702 9.76 15.65 -45.83
N GLY B 703 9.65 14.85 -46.87
CA GLY B 703 10.82 14.11 -47.35
C GLY B 703 11.99 14.99 -47.75
N GLN B 704 11.75 16.29 -47.88
CA GLN B 704 12.81 17.19 -48.29
C GLN B 704 13.47 17.86 -47.09
N ILE B 705 12.66 18.31 -46.15
CA ILE B 705 13.16 19.01 -44.97
C ILE B 705 13.76 18.14 -43.87
N ILE B 706 12.99 17.15 -43.42
CA ILE B 706 13.42 16.25 -42.35
C ILE B 706 14.89 15.86 -42.47
N PRO B 707 15.28 15.26 -43.60
CA PRO B 707 16.67 14.85 -43.79
C PRO B 707 17.64 16.02 -43.64
N THR B 708 17.27 17.18 -44.18
CA THR B 708 18.10 18.35 -44.12
C THR B 708 18.38 18.80 -42.69
N MET B 709 17.31 18.87 -41.90
CA MET B 709 17.40 19.28 -40.49
C MET B 709 18.21 18.28 -39.66
N ARG B 710 17.75 17.04 -39.64
CA ARG B 710 18.42 15.97 -38.92
C ARG B 710 19.90 16.01 -39.21
N ARG B 711 20.22 15.92 -40.49
CA ARG B 711 21.60 15.95 -40.98
C ARG B 711 22.32 17.24 -40.55
N ALA B 712 21.63 18.36 -40.72
CA ALA B 712 22.20 19.65 -40.36
C ALA B 712 22.53 19.70 -38.87
N THR B 713 21.68 19.03 -38.08
CA THR B 713 21.83 18.97 -36.63
C THR B 713 23.06 18.18 -36.19
N TYR B 714 23.23 17.01 -36.79
CA TYR B 714 24.37 16.15 -36.47
C TYR B 714 25.62 16.96 -36.74
N ALA B 715 25.57 17.68 -37.86
CA ALA B 715 26.66 18.54 -38.30
C ALA B 715 26.99 19.54 -37.19
N GLY B 716 25.97 20.33 -36.81
CA GLY B 716 26.16 21.31 -35.76
C GLY B 716 26.63 20.69 -34.47
N PHE B 717 26.07 19.51 -34.15
CA PHE B 717 26.45 18.82 -32.92
C PHE B 717 27.95 18.58 -32.94
N LEU B 718 28.39 17.78 -33.92
CA LEU B 718 29.81 17.44 -34.09
C LEU B 718 30.72 18.68 -34.13
N LEU B 719 30.26 19.76 -34.77
CA LEU B 719 31.05 20.98 -34.84
C LEU B 719 31.05 21.76 -33.54
N ALA B 720 30.41 21.23 -32.50
CA ALA B 720 30.34 21.93 -31.21
C ALA B 720 31.18 21.31 -30.10
N ASP B 721 32.24 20.59 -30.47
CA ASP B 721 33.12 19.95 -29.50
C ASP B 721 32.29 18.98 -28.67
N PRO B 722 31.82 17.90 -29.29
CA PRO B 722 31.01 16.86 -28.66
C PRO B 722 31.65 16.11 -27.49
N LYS B 723 30.79 15.55 -26.65
CA LYS B 723 31.20 14.78 -25.48
C LYS B 723 30.06 13.86 -25.09
N ILE B 724 30.34 12.89 -24.23
CA ILE B 724 29.28 12.00 -23.75
C ILE B 724 29.21 12.11 -22.25
N GLN B 725 28.00 12.09 -21.72
CA GLN B 725 27.81 12.16 -20.29
C GLN B 725 27.57 10.76 -19.74
N GLU B 726 28.13 10.49 -18.57
CA GLU B 726 27.98 9.17 -17.94
C GLU B 726 27.12 9.31 -16.69
N PRO B 727 26.24 8.33 -16.44
CA PRO B 727 25.38 8.35 -15.26
C PRO B 727 26.21 8.15 -14.00
N VAL B 728 25.83 8.80 -12.91
CA VAL B 728 26.58 8.70 -11.66
C VAL B 728 25.73 8.47 -10.42
N PHE B 729 26.13 7.46 -9.64
CA PHE B 729 25.45 7.08 -8.41
C PHE B 729 25.83 7.91 -7.20
N LEU B 730 24.85 8.13 -6.33
CA LEU B 730 25.13 8.83 -5.08
C LEU B 730 25.02 7.72 -4.05
N VAL B 731 26.17 7.28 -3.53
CA VAL B 731 26.17 6.20 -2.56
C VAL B 731 26.48 6.66 -1.14
N GLU B 732 25.61 6.27 -0.21
CA GLU B 732 25.75 6.61 1.20
C GLU B 732 26.15 5.35 1.98
N ILE B 733 27.26 5.44 2.72
CA ILE B 733 27.80 4.32 3.47
C ILE B 733 27.90 4.51 4.99
N GLN B 734 27.22 3.65 5.76
CA GLN B 734 27.28 3.70 7.22
C GLN B 734 28.40 2.76 7.64
N CYS B 735 29.44 3.31 8.27
CA CYS B 735 30.57 2.49 8.66
C CYS B 735 31.33 2.94 9.90
N PRO B 736 31.98 1.99 10.60
CA PRO B 736 32.78 2.22 11.82
C PRO B 736 34.04 3.03 11.51
N GLU B 737 34.43 3.95 12.42
CA GLU B 737 35.56 4.85 12.16
C GLU B 737 36.81 4.23 11.71
N GLN B 738 36.92 2.95 12.00
CA GLN B 738 38.10 2.22 11.66
C GLN B 738 38.13 1.79 10.22
N ALA B 739 37.11 1.06 9.80
CA ALA B 739 37.05 0.54 8.46
C ALA B 739 36.82 1.61 7.42
N VAL B 740 36.46 2.80 7.88
CA VAL B 740 36.23 3.90 6.98
C VAL B 740 37.34 4.02 5.97
N GLY B 741 38.49 3.48 6.31
CA GLY B 741 39.61 3.53 5.40
C GLY B 741 39.35 2.68 4.16
N GLY B 742 38.60 1.60 4.34
CA GLY B 742 38.29 0.73 3.22
C GLY B 742 37.48 1.45 2.15
N ILE B 743 36.46 2.17 2.59
CA ILE B 743 35.61 2.91 1.69
C ILE B 743 36.49 3.66 0.69
N TYR B 744 37.38 4.49 1.21
CA TYR B 744 38.28 5.28 0.38
C TYR B 744 39.13 4.43 -0.55
N SER B 745 39.74 3.38 -0.01
CA SER B 745 40.57 2.53 -0.83
C SER B 745 39.83 2.01 -2.05
N VAL B 746 38.62 1.50 -1.83
CA VAL B 746 37.85 0.98 -2.95
C VAL B 746 37.54 2.10 -3.93
N LEU B 747 36.88 3.14 -3.43
CA LEU B 747 36.50 4.29 -4.26
C LEU B 747 37.58 4.77 -5.23
N ASN B 748 38.77 5.05 -4.72
CA ASN B 748 39.86 5.53 -5.55
C ASN B 748 40.12 4.69 -6.80
N LYS B 749 40.03 3.37 -6.64
CA LYS B 749 40.27 2.47 -7.77
C LYS B 749 39.15 2.53 -8.81
N LYS B 750 38.03 3.13 -8.45
CA LYS B 750 36.89 3.22 -9.36
C LYS B 750 36.37 4.66 -9.65
N ARG B 751 37.31 5.58 -9.86
CA ARG B 751 37.00 6.97 -10.18
C ARG B 751 36.00 7.64 -9.25
N GLY B 752 35.83 7.08 -8.06
CA GLY B 752 34.88 7.66 -7.11
C GLY B 752 35.25 9.08 -6.73
N GLN B 753 34.40 9.71 -5.92
CA GLN B 753 34.61 11.08 -5.46
C GLN B 753 33.84 11.23 -4.15
N VAL B 754 34.58 11.37 -3.07
CA VAL B 754 33.90 11.50 -1.81
C VAL B 754 33.20 12.85 -1.66
N VAL B 755 31.98 12.83 -1.15
CA VAL B 755 31.21 14.04 -0.99
C VAL B 755 31.22 14.56 0.44
N SER B 756 31.13 13.66 1.39
CA SER B 756 31.11 14.06 2.79
C SER B 756 31.36 12.91 3.75
N GLU B 757 31.82 13.26 4.93
CA GLU B 757 32.09 12.30 5.98
C GLU B 757 31.67 12.99 7.24
N GLU B 758 30.56 12.54 7.80
CA GLU B 758 30.00 13.13 9.01
C GLU B 758 29.82 12.17 10.19
N GLN B 759 30.08 12.67 11.40
CA GLN B 759 29.96 11.86 12.62
C GLN B 759 28.57 11.99 13.22
N PRO B 764 28.90 7.05 17.83
CA PRO B 764 27.57 6.53 17.64
C PRO B 764 27.39 5.79 16.30
N LEU B 765 27.87 5.28 15.38
CA LEU B 765 28.49 5.07 14.07
C LEU B 765 28.26 6.33 13.20
N PHE B 766 29.03 6.43 12.12
CA PHE B 766 28.95 7.59 11.22
C PHE B 766 28.80 7.12 9.78
N THR B 767 28.43 8.18 9.04
CA THR B 767 28.23 8.09 7.60
C THR B 767 28.96 8.75 6.36
N VAL B 768 29.66 7.96 5.51
CA VAL B 768 30.30 8.54 4.23
C VAL B 768 29.41 8.59 2.92
N LYS B 769 29.44 9.71 2.18
CA LYS B 769 28.66 9.83 0.94
C LYS B 769 29.63 10.05 -0.20
N ALA B 770 29.28 9.61 -1.40
CA ALA B 770 30.20 9.79 -2.51
C ALA B 770 29.53 9.60 -3.85
N TYR B 771 30.24 10.01 -4.89
CA TYR B 771 29.76 9.86 -6.23
C TYR B 771 30.56 8.72 -6.80
N LEU B 772 29.88 7.81 -7.47
CA LEU B 772 30.53 6.65 -8.05
C LEU B 772 29.93 6.44 -9.45
N PRO B 773 30.77 6.58 -10.50
CA PRO B 773 30.31 6.39 -11.87
C PRO B 773 29.56 5.08 -11.98
N VAL B 774 28.46 5.09 -12.71
CA VAL B 774 27.67 3.88 -12.86
C VAL B 774 28.47 2.79 -13.59
N ASN B 775 29.26 3.17 -14.59
CA ASN B 775 30.04 2.18 -15.32
C ASN B 775 31.27 1.68 -14.54
N GLU B 776 31.42 2.15 -13.32
CA GLU B 776 32.53 1.75 -12.46
C GLU B 776 31.99 1.03 -11.22
N SER B 777 30.72 0.67 -11.24
CA SER B 777 30.11 0.04 -10.07
C SER B 777 29.90 -1.48 -10.05
N PHE B 778 29.97 -2.15 -11.20
CA PHE B 778 29.78 -3.60 -11.17
C PHE B 778 30.80 -4.26 -10.27
N GLY B 779 30.30 -4.95 -9.24
CA GLY B 779 31.17 -5.63 -8.30
C GLY B 779 31.58 -4.76 -7.13
N PHE B 780 31.27 -3.47 -7.18
CA PHE B 780 31.65 -2.53 -6.12
C PHE B 780 31.24 -2.94 -4.71
N THR B 781 29.95 -3.19 -4.51
CA THR B 781 29.44 -3.58 -3.20
C THR B 781 30.18 -4.77 -2.61
N GLY B 782 30.52 -5.74 -3.45
CA GLY B 782 31.24 -6.90 -2.97
C GLY B 782 32.59 -6.47 -2.46
N GLU B 783 33.37 -5.82 -3.32
CA GLU B 783 34.69 -5.35 -2.94
C GLU B 783 34.61 -4.48 -1.69
N LEU B 784 33.52 -3.74 -1.54
CA LEU B 784 33.37 -2.85 -0.39
C LEU B 784 33.44 -3.59 0.94
N ARG B 785 32.58 -4.59 1.13
CA ARG B 785 32.62 -5.33 2.37
C ARG B 785 33.97 -6.02 2.51
N GLN B 786 34.52 -6.48 1.38
CA GLN B 786 35.80 -7.16 1.34
C GLN B 786 36.90 -6.30 1.98
N ALA B 787 36.86 -5.01 1.66
CA ALA B 787 37.84 -4.06 2.17
C ALA B 787 37.42 -3.43 3.50
N THR B 788 36.38 -3.96 4.12
CA THR B 788 35.90 -3.44 5.39
C THR B 788 35.34 -4.57 6.22
N GLY B 789 35.69 -5.79 5.84
CA GLY B 789 35.20 -6.97 6.55
C GLY B 789 33.72 -6.85 6.85
N GLY B 790 32.93 -6.58 5.82
CA GLY B 790 31.50 -6.45 5.99
C GLY B 790 31.10 -5.46 7.06
N GLN B 791 31.92 -4.43 7.28
CA GLN B 791 31.61 -3.43 8.28
C GLN B 791 30.82 -2.28 7.68
N ALA B 792 31.11 -1.98 6.41
CA ALA B 792 30.42 -0.90 5.71
C ALA B 792 29.08 -1.35 5.13
N PHE B 793 28.07 -0.50 5.32
CA PHE B 793 26.71 -0.76 4.83
C PHE B 793 26.36 0.27 3.77
N PRO B 794 26.45 -0.11 2.49
CA PRO B 794 26.12 0.83 1.41
C PRO B 794 24.68 0.79 0.94
N GLN B 795 24.33 1.78 0.12
CA GLN B 795 23.02 1.94 -0.49
C GLN B 795 23.26 3.01 -1.53
N MET B 796 22.85 2.75 -2.77
CA MET B 796 23.07 3.72 -3.82
C MET B 796 21.82 4.12 -4.60
N VAL B 797 21.92 5.23 -5.34
CA VAL B 797 20.82 5.75 -6.14
C VAL B 797 21.36 6.61 -7.27
N PHE B 798 20.70 6.56 -8.42
CA PHE B 798 21.14 7.38 -9.53
C PHE B 798 20.99 8.80 -9.05
N ASP B 799 22.05 9.58 -9.19
CA ASP B 799 22.03 10.97 -8.75
C ASP B 799 22.18 12.04 -9.84
N HIS B 800 23.06 11.84 -10.81
CA HIS B 800 23.26 12.86 -11.84
C HIS B 800 24.10 12.41 -13.03
N TRP B 801 24.09 13.24 -14.06
CA TRP B 801 24.86 12.99 -15.27
C TRP B 801 26.16 13.79 -15.12
N SER B 802 27.23 13.33 -15.76
CA SER B 802 28.54 13.99 -15.65
C SER B 802 29.32 13.90 -16.96
N THR B 803 29.72 15.04 -17.51
CA THR B 803 30.44 15.04 -18.78
C THR B 803 31.89 14.57 -18.73
N LEU B 804 32.23 13.71 -19.67
CA LEU B 804 33.57 13.16 -19.77
C LEU B 804 34.41 14.00 -20.73
N GLY B 805 35.47 14.61 -20.20
CA GLY B 805 36.36 15.45 -20.99
C GLY B 805 36.97 14.75 -22.19
N SER B 806 37.20 13.45 -22.06
CA SER B 806 37.79 12.66 -23.13
C SER B 806 37.17 12.99 -24.50
N ASP B 807 37.81 12.53 -25.58
CA ASP B 807 37.29 12.80 -26.92
C ASP B 807 36.49 11.61 -27.43
N PRO B 808 35.16 11.74 -27.41
CA PRO B 808 34.27 10.67 -27.89
C PRO B 808 34.73 10.03 -29.20
N LEU B 809 35.25 10.82 -30.12
CA LEU B 809 35.67 10.27 -31.40
C LEU B 809 37.06 9.63 -31.47
N ASP B 810 37.85 9.76 -30.41
CA ASP B 810 39.17 9.15 -30.37
C ASP B 810 39.14 7.82 -29.57
N PRO B 811 39.03 6.69 -30.28
CA PRO B 811 38.98 5.33 -29.72
C PRO B 811 39.98 5.02 -28.60
N THR B 812 40.94 5.90 -28.37
CA THR B 812 41.95 5.67 -27.34
C THR B 812 41.62 6.24 -25.97
N SER B 813 40.72 7.22 -25.92
CA SER B 813 40.35 7.84 -24.66
C SER B 813 39.26 7.00 -24.01
N LYS B 814 39.02 7.24 -22.72
CA LYS B 814 37.99 6.47 -22.02
C LYS B 814 36.67 6.60 -22.80
N ALA B 815 36.33 7.82 -23.20
CA ALA B 815 35.11 8.07 -23.96
C ALA B 815 35.10 7.26 -25.25
N GLY B 816 36.14 7.42 -26.05
CA GLY B 816 36.23 6.71 -27.31
C GLY B 816 36.13 5.21 -27.16
N GLU B 817 36.67 4.67 -26.07
CA GLU B 817 36.61 3.23 -25.82
C GLU B 817 35.14 2.83 -25.70
N ILE B 818 34.46 3.51 -24.78
CA ILE B 818 33.04 3.30 -24.54
C ILE B 818 32.29 3.37 -25.87
N VAL B 819 32.37 4.51 -26.55
CA VAL B 819 31.69 4.67 -27.82
C VAL B 819 32.05 3.53 -28.77
N LEU B 820 33.30 3.08 -28.67
CA LEU B 820 33.80 2.00 -29.51
C LEU B 820 33.11 0.69 -29.20
N ALA B 821 33.16 0.31 -27.92
CA ALA B 821 32.55 -0.92 -27.45
C ALA B 821 31.05 -0.96 -27.76
N ALA B 822 30.38 0.18 -27.58
CA ALA B 822 28.95 0.29 -27.83
C ALA B 822 28.61 0.11 -29.29
N ARG B 823 29.39 0.76 -30.15
CA ARG B 823 29.17 0.68 -31.59
C ARG B 823 29.31 -0.76 -32.08
N LYS B 824 30.39 -1.40 -31.64
CA LYS B 824 30.66 -2.76 -32.03
C LYS B 824 29.50 -3.65 -31.58
N ARG B 825 29.11 -3.48 -30.31
CA ARG B 825 28.02 -4.25 -29.73
C ARG B 825 26.74 -4.10 -30.55
N HIS B 826 26.53 -2.90 -31.09
CA HIS B 826 25.33 -2.62 -31.88
C HIS B 826 25.44 -3.02 -33.34
N GLY B 827 26.65 -3.38 -33.79
CA GLY B 827 26.83 -3.78 -35.16
C GLY B 827 26.84 -2.59 -36.10
N MET B 828 27.41 -1.49 -35.62
CA MET B 828 27.51 -0.27 -36.39
C MET B 828 28.96 -0.17 -36.85
N LYS B 829 29.24 0.70 -37.82
CA LYS B 829 30.62 0.87 -38.27
C LYS B 829 31.39 1.29 -37.02
N GLU B 830 32.64 0.87 -36.90
CA GLU B 830 33.42 1.21 -35.72
C GLU B 830 33.85 2.66 -35.63
N GLU B 831 33.99 3.32 -36.77
CA GLU B 831 34.38 4.72 -36.77
C GLU B 831 33.16 5.64 -36.80
N VAL B 832 33.22 6.68 -35.99
CA VAL B 832 32.14 7.65 -35.88
C VAL B 832 32.20 8.67 -37.01
N PRO B 833 31.19 8.68 -37.90
CA PRO B 833 31.19 9.64 -39.00
C PRO B 833 31.47 11.06 -38.49
N GLY B 834 32.49 11.70 -39.06
CA GLY B 834 32.83 13.07 -38.67
C GLY B 834 31.78 14.04 -39.19
N TRP B 835 31.81 15.28 -38.71
CA TRP B 835 30.81 16.25 -39.13
C TRP B 835 30.65 16.43 -40.63
N GLN B 836 31.74 16.29 -41.37
CA GLN B 836 31.69 16.45 -42.82
C GLN B 836 30.64 15.57 -43.48
N GLU B 837 30.52 14.34 -42.99
CA GLU B 837 29.56 13.37 -43.52
C GLU B 837 28.16 13.96 -43.56
N TYR B 838 27.95 15.01 -42.77
CA TYR B 838 26.65 15.65 -42.70
C TYR B 838 26.66 17.08 -43.23
N TYR B 839 27.86 17.66 -43.33
CA TYR B 839 28.03 19.03 -43.82
C TYR B 839 27.90 19.11 -45.35
N ASP B 840 27.08 20.02 -45.83
CA ASP B 840 26.89 20.20 -47.27
C ASP B 840 27.56 21.51 -47.66
N LYS B 841 28.82 21.36 -48.04
CA LYS B 841 29.71 22.45 -48.42
C LYS B 841 29.27 23.72 -49.14
N LEU B 842 29.77 24.82 -48.58
CA LEU B 842 29.60 26.17 -49.07
C LEU B 842 31.07 26.58 -49.25
#